data_3LH0
# 
_entry.id   3LH0 
# 
_audit_conform.dict_name       mmcif_pdbx.dic 
_audit_conform.dict_version    5.378 
_audit_conform.dict_location   http://mmcif.pdb.org/dictionaries/ascii/mmcif_pdbx.dic 
# 
loop_
_database_2.database_id 
_database_2.database_code 
_database_2.pdbx_database_accession 
_database_2.pdbx_DOI 
PDB   3LH0         pdb_00003lh0 10.2210/pdb3lh0/pdb 
RCSB  RCSB057267   ?            ?                   
WWPDB D_1000057267 ?            ?                   
# 
loop_
_pdbx_database_related.db_name 
_pdbx_database_related.db_id 
_pdbx_database_related.details 
_pdbx_database_related.content_type 
PDB 3LGF . unspecified 
PDB 3LGL . unspecified 
# 
_pdbx_database_status.status_code                     REL 
_pdbx_database_status.entry_id                        3LH0 
_pdbx_database_status.recvd_initial_deposition_date   2010-01-21 
_pdbx_database_status.deposit_site                    RCSB 
_pdbx_database_status.process_site                    RCSB 
_pdbx_database_status.status_code_sf                  REL 
_pdbx_database_status.status_code_mr                  ? 
_pdbx_database_status.SG_entry                        ? 
_pdbx_database_status.pdb_format_compatible           Y 
_pdbx_database_status.status_code_cs                  ? 
_pdbx_database_status.status_code_nmr_data            ? 
_pdbx_database_status.methods_development_category    ? 
# 
loop_
_audit_author.name 
_audit_author.pdbx_ordinal 
'Roy, S.'           1 
'Kutateladze, T.G.' 2 
# 
_citation.id                        primary 
_citation.title                     'Structural insight into p53 recognition by the 53BP1 tandem Tudor domain.' 
_citation.journal_abbrev            J.Mol.Biol. 
_citation.journal_volume            398 
_citation.page_first                489 
_citation.page_last                 496 
_citation.year                      2010 
_citation.journal_id_ASTM           JMOBAK 
_citation.country                   UK 
_citation.journal_id_ISSN           0022-2836 
_citation.journal_id_CSD            0070 
_citation.book_publisher            ? 
_citation.pdbx_database_id_PubMed   20307547 
_citation.pdbx_database_id_DOI      10.1016/j.jmb.2010.03.024 
# 
loop_
_citation_author.citation_id 
_citation_author.name 
_citation_author.ordinal 
_citation_author.identifier_ORCID 
primary 'Roy, S.'           1 ? 
primary 'Musselman, C.A.'   2 ? 
primary 'Kachirskaia, I.'   3 ? 
primary 'Hayashi, R.'       4 ? 
primary 'Glass, K.C.'       5 ? 
primary 'Nix, J.C.'         6 ? 
primary 'Gozani, O.'        7 ? 
primary 'Appella, E.'       8 ? 
primary 'Kutateladze, T.G.' 9 ? 
# 
_cell.entry_id           3LH0 
_cell.length_a           56.700 
_cell.length_b           78.280 
_cell.length_c           36.540 
_cell.angle_alpha        90.00 
_cell.angle_beta         122.18 
_cell.angle_gamma        90.00 
_cell.Z_PDB              4 
_cell.pdbx_unique_axis   ? 
_cell.length_a_esd       ? 
_cell.length_b_esd       ? 
_cell.length_c_esd       ? 
_cell.angle_alpha_esd    ? 
_cell.angle_beta_esd     ? 
_cell.angle_gamma_esd    ? 
# 
_symmetry.entry_id                         3LH0 
_symmetry.space_group_name_H-M             'C 1 2 1' 
_symmetry.pdbx_full_space_group_name_H-M   ? 
_symmetry.cell_setting                     ? 
_symmetry.Int_Tables_number                5 
_symmetry.space_group_name_Hall            ? 
# 
loop_
_entity.id 
_entity.type 
_entity.src_method 
_entity.pdbx_description 
_entity.formula_weight 
_entity.pdbx_number_of_molecules 
_entity.pdbx_ec 
_entity.pdbx_mutation 
_entity.pdbx_fragment 
_entity.details 
1 polymer     man 'Tumor suppressor p53-binding protein 1' 14029.840 1   ? ? 'TANDEM TUDOR DOMAINS (RESIUDES 1484-1603)' ? 
2 polymer     syn 'DIMETHYLATED p53 LYSINE 372 PEPTIDE'    1231.423  1   ? ? ?                                           ? 
3 non-polymer syn 'TRIETHYLENE GLYCOL'                     150.173   2   ? ? ?                                           ? 
4 non-polymer syn 'SULFATE ION'                            96.063    1   ? ? ?                                           ? 
5 water       nat water                                    18.015    150 ? ? ?                                           ? 
# 
_entity_name_com.entity_id   1 
_entity_name_com.name        'p53-binding protein 1, p53BP1, 53BP1' 
# 
loop_
_entity_poly.entity_id 
_entity_poly.type 
_entity_poly.nstd_linkage 
_entity_poly.nstd_monomer 
_entity_poly.pdbx_seq_one_letter_code 
_entity_poly.pdbx_seq_one_letter_code_can 
_entity_poly.pdbx_strand_id 
_entity_poly.pdbx_target_identifier 
1 'polypeptide(L)' no no  
;GPLGSNSFVGLRVVAKWSSNGYFYSGKITRDVGAGKYKLLFDDGYECDVLGKDILLCDPIPLDTEVTALSEDEYFSAGVV
KGHRKESGELYYSIEKEGQRKWYKRMAVILSLEQGNRLREQYGLG
;
;GPLGSNSFVGLRVVAKWSSNGYFYSGKITRDVGAGKYKLLFDDGYECDVLGKDILLCDPIPLDTEVTALSEDEYFSAGVV
KGHRKESGELYYSIEKEGQRKWYKRMAVILSLEQGNRLREQYGLG
;
A ? 
2 'polypeptide(L)' no yes 'SHLKS(MLY)KGQST' SHLKSKKGQST B ? 
# 
loop_
_entity_poly_seq.entity_id 
_entity_poly_seq.num 
_entity_poly_seq.mon_id 
_entity_poly_seq.hetero 
1 1   GLY n 
1 2   PRO n 
1 3   LEU n 
1 4   GLY n 
1 5   SER n 
1 6   ASN n 
1 7   SER n 
1 8   PHE n 
1 9   VAL n 
1 10  GLY n 
1 11  LEU n 
1 12  ARG n 
1 13  VAL n 
1 14  VAL n 
1 15  ALA n 
1 16  LYS n 
1 17  TRP n 
1 18  SER n 
1 19  SER n 
1 20  ASN n 
1 21  GLY n 
1 22  TYR n 
1 23  PHE n 
1 24  TYR n 
1 25  SER n 
1 26  GLY n 
1 27  LYS n 
1 28  ILE n 
1 29  THR n 
1 30  ARG n 
1 31  ASP n 
1 32  VAL n 
1 33  GLY n 
1 34  ALA n 
1 35  GLY n 
1 36  LYS n 
1 37  TYR n 
1 38  LYS n 
1 39  LEU n 
1 40  LEU n 
1 41  PHE n 
1 42  ASP n 
1 43  ASP n 
1 44  GLY n 
1 45  TYR n 
1 46  GLU n 
1 47  CYS n 
1 48  ASP n 
1 49  VAL n 
1 50  LEU n 
1 51  GLY n 
1 52  LYS n 
1 53  ASP n 
1 54  ILE n 
1 55  LEU n 
1 56  LEU n 
1 57  CYS n 
1 58  ASP n 
1 59  PRO n 
1 60  ILE n 
1 61  PRO n 
1 62  LEU n 
1 63  ASP n 
1 64  THR n 
1 65  GLU n 
1 66  VAL n 
1 67  THR n 
1 68  ALA n 
1 69  LEU n 
1 70  SER n 
1 71  GLU n 
1 72  ASP n 
1 73  GLU n 
1 74  TYR n 
1 75  PHE n 
1 76  SER n 
1 77  ALA n 
1 78  GLY n 
1 79  VAL n 
1 80  VAL n 
1 81  LYS n 
1 82  GLY n 
1 83  HIS n 
1 84  ARG n 
1 85  LYS n 
1 86  GLU n 
1 87  SER n 
1 88  GLY n 
1 89  GLU n 
1 90  LEU n 
1 91  TYR n 
1 92  TYR n 
1 93  SER n 
1 94  ILE n 
1 95  GLU n 
1 96  LYS n 
1 97  GLU n 
1 98  GLY n 
1 99  GLN n 
1 100 ARG n 
1 101 LYS n 
1 102 TRP n 
1 103 TYR n 
1 104 LYS n 
1 105 ARG n 
1 106 MET n 
1 107 ALA n 
1 108 VAL n 
1 109 ILE n 
1 110 LEU n 
1 111 SER n 
1 112 LEU n 
1 113 GLU n 
1 114 GLN n 
1 115 GLY n 
1 116 ASN n 
1 117 ARG n 
1 118 LEU n 
1 119 ARG n 
1 120 GLU n 
1 121 GLN n 
1 122 TYR n 
1 123 GLY n 
1 124 LEU n 
1 125 GLY n 
2 1   SER n 
2 2   HIS n 
2 3   LEU n 
2 4   LYS n 
2 5   SER n 
2 6   MLY n 
2 7   LYS n 
2 8   GLY n 
2 9   GLN n 
2 10  SER n 
2 11  THR n 
# 
_entity_src_gen.entity_id                          1 
_entity_src_gen.pdbx_src_id                        1 
_entity_src_gen.pdbx_alt_source_flag               sample 
_entity_src_gen.pdbx_seq_type                      ? 
_entity_src_gen.pdbx_beg_seq_num                   ? 
_entity_src_gen.pdbx_end_seq_num                   ? 
_entity_src_gen.gene_src_common_name               human 
_entity_src_gen.gene_src_genus                     ? 
_entity_src_gen.pdbx_gene_src_gene                 TP53BP1 
_entity_src_gen.gene_src_species                   ? 
_entity_src_gen.gene_src_strain                    ? 
_entity_src_gen.gene_src_tissue                    ? 
_entity_src_gen.gene_src_tissue_fraction           ? 
_entity_src_gen.gene_src_details                   ? 
_entity_src_gen.pdbx_gene_src_fragment             ? 
_entity_src_gen.pdbx_gene_src_scientific_name      'Homo sapiens' 
_entity_src_gen.pdbx_gene_src_ncbi_taxonomy_id     9606 
_entity_src_gen.pdbx_gene_src_variant              ? 
_entity_src_gen.pdbx_gene_src_cell_line            ? 
_entity_src_gen.pdbx_gene_src_atcc                 ? 
_entity_src_gen.pdbx_gene_src_organ                ? 
_entity_src_gen.pdbx_gene_src_organelle            ? 
_entity_src_gen.pdbx_gene_src_cell                 ? 
_entity_src_gen.pdbx_gene_src_cellular_location    ? 
_entity_src_gen.host_org_common_name               ? 
_entity_src_gen.pdbx_host_org_scientific_name      'Escherichia coli' 
_entity_src_gen.pdbx_host_org_ncbi_taxonomy_id     562 
_entity_src_gen.host_org_genus                     ? 
_entity_src_gen.pdbx_host_org_gene                 ? 
_entity_src_gen.pdbx_host_org_organ                ? 
_entity_src_gen.host_org_species                   ? 
_entity_src_gen.pdbx_host_org_tissue               ? 
_entity_src_gen.pdbx_host_org_tissue_fraction      ? 
_entity_src_gen.pdbx_host_org_strain               'BL21(DE3)' 
_entity_src_gen.pdbx_host_org_variant              ? 
_entity_src_gen.pdbx_host_org_cell_line            ? 
_entity_src_gen.pdbx_host_org_atcc                 ? 
_entity_src_gen.pdbx_host_org_culture_collection   ? 
_entity_src_gen.pdbx_host_org_cell                 ? 
_entity_src_gen.pdbx_host_org_organelle            ? 
_entity_src_gen.pdbx_host_org_cellular_location    ? 
_entity_src_gen.pdbx_host_org_vector_type          PLASMID 
_entity_src_gen.pdbx_host_org_vector               ? 
_entity_src_gen.host_org_details                   ? 
_entity_src_gen.expression_system_id               ? 
_entity_src_gen.plasmid_name                       pGEX-6P-1 
_entity_src_gen.plasmid_details                    ? 
_entity_src_gen.pdbx_description                   ? 
# 
_pdbx_entity_src_syn.entity_id              2 
_pdbx_entity_src_syn.pdbx_src_id            1 
_pdbx_entity_src_syn.pdbx_alt_source_flag   sample 
_pdbx_entity_src_syn.pdbx_beg_seq_num       ? 
_pdbx_entity_src_syn.pdbx_end_seq_num       ? 
_pdbx_entity_src_syn.organism_scientific    ? 
_pdbx_entity_src_syn.organism_common_name   ? 
_pdbx_entity_src_syn.ncbi_taxonomy_id       ? 
_pdbx_entity_src_syn.details                YES 
# 
loop_
_struct_ref.id 
_struct_ref.db_name 
_struct_ref.db_code 
_struct_ref.pdbx_db_accession 
_struct_ref.entity_id 
_struct_ref.pdbx_seq_one_letter_code 
_struct_ref.pdbx_align_begin 
_struct_ref.pdbx_db_isoform 
1 UNP TP53B_HUMAN Q12888 1 
;NSFVGLRVVAKWSSNGYFYSGKITRDVGAGKYKLLFDDGYECDVLGKDILLCDPIPLDTEVTALSEDEYFSAGVVKGHRK
ESGELYYSIEKEGQRKWYKRMAVILSLEQGNRLREQYGLG
;
1484 ? 
2 PDB 3LH0        3LH0   2 SHLKSKKGQST 367  ? 
# 
loop_
_struct_ref_seq.align_id 
_struct_ref_seq.ref_id 
_struct_ref_seq.pdbx_PDB_id_code 
_struct_ref_seq.pdbx_strand_id 
_struct_ref_seq.seq_align_beg 
_struct_ref_seq.pdbx_seq_align_beg_ins_code 
_struct_ref_seq.seq_align_end 
_struct_ref_seq.pdbx_seq_align_end_ins_code 
_struct_ref_seq.pdbx_db_accession 
_struct_ref_seq.db_align_beg 
_struct_ref_seq.pdbx_db_align_beg_ins_code 
_struct_ref_seq.db_align_end 
_struct_ref_seq.pdbx_db_align_end_ins_code 
_struct_ref_seq.pdbx_auth_seq_align_beg 
_struct_ref_seq.pdbx_auth_seq_align_end 
1 1 3LH0 A 6 ? 125 ? Q12888 1484 ? 1603 ? 1484 1603 
2 2 3LH0 B 1 ? 11  ? 3LH0   367  ? 377  ? 367  377  
# 
loop_
_struct_ref_seq_dif.align_id 
_struct_ref_seq_dif.pdbx_pdb_id_code 
_struct_ref_seq_dif.mon_id 
_struct_ref_seq_dif.pdbx_pdb_strand_id 
_struct_ref_seq_dif.seq_num 
_struct_ref_seq_dif.pdbx_pdb_ins_code 
_struct_ref_seq_dif.pdbx_seq_db_name 
_struct_ref_seq_dif.pdbx_seq_db_accession_code 
_struct_ref_seq_dif.db_mon_id 
_struct_ref_seq_dif.pdbx_seq_db_seq_num 
_struct_ref_seq_dif.details 
_struct_ref_seq_dif.pdbx_auth_seq_num 
_struct_ref_seq_dif.pdbx_ordinal 
1 3LH0 GLY A 1 ? UNP Q12888 ? ? 'expression tag' 1479 1 
1 3LH0 PRO A 2 ? UNP Q12888 ? ? 'expression tag' 1480 2 
1 3LH0 LEU A 3 ? UNP Q12888 ? ? 'expression tag' 1481 3 
1 3LH0 GLY A 4 ? UNP Q12888 ? ? 'expression tag' 1482 4 
1 3LH0 SER A 5 ? UNP Q12888 ? ? 'expression tag' 1483 5 
# 
loop_
_chem_comp.id 
_chem_comp.type 
_chem_comp.mon_nstd_flag 
_chem_comp.name 
_chem_comp.pdbx_synonyms 
_chem_comp.formula 
_chem_comp.formula_weight 
ALA 'L-peptide linking' y ALANINE              ? 'C3 H7 N O2'     89.093  
ARG 'L-peptide linking' y ARGININE             ? 'C6 H15 N4 O2 1' 175.209 
ASN 'L-peptide linking' y ASPARAGINE           ? 'C4 H8 N2 O3'    132.118 
ASP 'L-peptide linking' y 'ASPARTIC ACID'      ? 'C4 H7 N O4'     133.103 
CYS 'L-peptide linking' y CYSTEINE             ? 'C3 H7 N O2 S'   121.158 
GLN 'L-peptide linking' y GLUTAMINE            ? 'C5 H10 N2 O3'   146.144 
GLU 'L-peptide linking' y 'GLUTAMIC ACID'      ? 'C5 H9 N O4'     147.129 
GLY 'peptide linking'   y GLYCINE              ? 'C2 H5 N O2'     75.067  
HIS 'L-peptide linking' y HISTIDINE            ? 'C6 H10 N3 O2 1' 156.162 
HOH non-polymer         . WATER                ? 'H2 O'           18.015  
ILE 'L-peptide linking' y ISOLEUCINE           ? 'C6 H13 N O2'    131.173 
LEU 'L-peptide linking' y LEUCINE              ? 'C6 H13 N O2'    131.173 
LYS 'L-peptide linking' y LYSINE               ? 'C6 H15 N2 O2 1' 147.195 
MET 'L-peptide linking' y METHIONINE           ? 'C5 H11 N O2 S'  149.211 
MLY 'L-peptide linking' n N-DIMETHYL-LYSINE    ? 'C8 H18 N2 O2'   174.241 
PGE non-polymer         . 'TRIETHYLENE GLYCOL' ? 'C6 H14 O4'      150.173 
PHE 'L-peptide linking' y PHENYLALANINE        ? 'C9 H11 N O2'    165.189 
PRO 'L-peptide linking' y PROLINE              ? 'C5 H9 N O2'     115.130 
SER 'L-peptide linking' y SERINE               ? 'C3 H7 N O3'     105.093 
SO4 non-polymer         . 'SULFATE ION'        ? 'O4 S -2'        96.063  
THR 'L-peptide linking' y THREONINE            ? 'C4 H9 N O3'     119.119 
TRP 'L-peptide linking' y TRYPTOPHAN           ? 'C11 H12 N2 O2'  204.225 
TYR 'L-peptide linking' y TYROSINE             ? 'C9 H11 N O3'    181.189 
VAL 'L-peptide linking' y VALINE               ? 'C5 H11 N O2'    117.146 
# 
_exptl.entry_id          3LH0 
_exptl.method            'X-RAY DIFFRACTION' 
_exptl.crystals_number   1 
# 
_exptl_crystal.id                    1 
_exptl_crystal.density_meas          ? 
_exptl_crystal.density_Matthews      2.25 
_exptl_crystal.density_percent_sol   45.24 
_exptl_crystal.description           ? 
_exptl_crystal.F_000                 ? 
_exptl_crystal.preparation           ? 
# 
_exptl_crystal_grow.crystal_id      1 
_exptl_crystal_grow.method          'VAPOR DIFFUSION, HANGING DROP' 
_exptl_crystal_grow.temp            298 
_exptl_crystal_grow.temp_details    ? 
_exptl_crystal_grow.pH              7.0 
_exptl_crystal_grow.pdbx_details    
'0.1 M HEPES-Na pH 7.0, 2% PEG 400 and 2.4 M ammonium sulphate, VAPOR DIFFUSION, HANGING DROP, temperature 298K' 
_exptl_crystal_grow.pdbx_pH_range   ? 
# 
_diffrn.id                     1 
_diffrn.ambient_temp           100 
_diffrn.ambient_temp_details   ? 
_diffrn.crystal_id             1 
# 
_diffrn_detector.diffrn_id              1 
_diffrn_detector.detector               CCD 
_diffrn_detector.type                   NOIR-1 
_diffrn_detector.pdbx_collection_date   2009-01-11 
_diffrn_detector.details                ? 
# 
_diffrn_radiation.diffrn_id                        1 
_diffrn_radiation.wavelength_id                    1 
_diffrn_radiation.pdbx_monochromatic_or_laue_m_l   M 
_diffrn_radiation.monochromator                    'double crystal' 
_diffrn_radiation.pdbx_diffrn_protocol             'SINGLE WAVELENGTH' 
_diffrn_radiation.pdbx_scattering_type             x-ray 
# 
_diffrn_radiation_wavelength.id           1 
_diffrn_radiation_wavelength.wavelength   1.0 
_diffrn_radiation_wavelength.wt           1.0 
# 
_diffrn_source.diffrn_id                   1 
_diffrn_source.source                      SYNCHROTRON 
_diffrn_source.type                        'ALS BEAMLINE 4.2.2' 
_diffrn_source.pdbx_synchrotron_site       ALS 
_diffrn_source.pdbx_synchrotron_beamline   4.2.2 
_diffrn_source.pdbx_wavelength             ? 
_diffrn_source.pdbx_wavelength_list        1.0 
# 
_reflns.entry_id                     3LH0 
_reflns.observed_criterion_sigma_I   ? 
_reflns.observed_criterion_sigma_F   2 
_reflns.d_resolution_low             30.927 
_reflns.d_resolution_high            1.9 
_reflns.number_obs                   10439 
_reflns.number_all                   37580 
_reflns.percent_possible_obs         97.64 
_reflns.pdbx_Rmerge_I_obs            0.049 
_reflns.pdbx_Rsym_value              ? 
_reflns.pdbx_netI_over_sigmaI        21.9 
_reflns.B_iso_Wilson_estimate        6.6 
_reflns.pdbx_redundancy              3.66 
_reflns.R_free_details               ? 
_reflns.limit_h_max                  ? 
_reflns.limit_h_min                  ? 
_reflns.limit_k_max                  ? 
_reflns.limit_k_min                  ? 
_reflns.limit_l_max                  ? 
_reflns.limit_l_min                  ? 
_reflns.observed_criterion_F_max     ? 
_reflns.observed_criterion_F_min     ? 
_reflns.pdbx_chi_squared             ? 
_reflns.pdbx_scaling_rejects         ? 
_reflns.pdbx_diffrn_id               1 
_reflns.pdbx_ordinal                 1 
# 
_reflns_shell.d_res_high             1.90 
_reflns_shell.d_res_low              1.97 
_reflns_shell.percent_possible_all   95.8 
_reflns_shell.Rmerge_I_obs           0.188 
_reflns_shell.pdbx_Rsym_value        ? 
_reflns_shell.meanI_over_sigI_obs    6.6 
_reflns_shell.pdbx_redundancy        3.45 
_reflns_shell.percent_possible_obs   ? 
_reflns_shell.number_unique_all      1031 
_reflns_shell.number_measured_all    ? 
_reflns_shell.number_measured_obs    ? 
_reflns_shell.number_unique_obs      ? 
_reflns_shell.pdbx_chi_squared       ? 
_reflns_shell.pdbx_diffrn_id         ? 
_reflns_shell.pdbx_ordinal           1 
# 
_refine.entry_id                                 3LH0 
_refine.ls_number_reflns_obs                     10439 
_refine.ls_number_reflns_all                     10499 
_refine.pdbx_ls_sigma_I                          ? 
_refine.pdbx_ls_sigma_F                          1.33 
_refine.pdbx_data_cutoff_high_absF               ? 
_refine.pdbx_data_cutoff_low_absF                ? 
_refine.pdbx_data_cutoff_high_rms_absF           ? 
_refine.ls_d_res_low                             30.927 
_refine.ls_d_res_high                            1.900 
_refine.ls_percent_reflns_obs                    97.64 
_refine.ls_R_factor_obs                          0.2220 
_refine.ls_R_factor_all                          0.235 
_refine.ls_R_factor_R_work                       0.2214 
_refine.ls_R_factor_R_free                       0.2321 
_refine.ls_R_factor_R_free_error                 ? 
_refine.ls_R_factor_R_free_error_details         ? 
_refine.ls_percent_reflns_R_free                 4.80 
_refine.ls_number_reflns_R_free                  501 
_refine.ls_number_parameters                     ? 
_refine.ls_number_restraints                     ? 
_refine.occupancy_min                            ? 
_refine.occupancy_max                            ? 
_refine.correlation_coeff_Fo_to_Fc               ? 
_refine.correlation_coeff_Fo_to_Fc_free          ? 
_refine.B_iso_mean                               28 
_refine.aniso_B[1][1]                            -2.8583 
_refine.aniso_B[2][2]                            -7.3829 
_refine.aniso_B[3][3]                            10.2412 
_refine.aniso_B[1][2]                            -0.0000 
_refine.aniso_B[1][3]                            -8.6232 
_refine.aniso_B[2][3]                            0.0000 
_refine.solvent_model_details                    'FLAT BULK SOLVENT MODEL' 
_refine.solvent_model_param_ksol                 0.360 
_refine.solvent_model_param_bsol                 60.713 
_refine.pdbx_solvent_vdw_probe_radii             1.11 
_refine.pdbx_solvent_ion_probe_radii             ? 
_refine.pdbx_solvent_shrinkage_radii             0.90 
_refine.pdbx_ls_cross_valid_method               THROUGHOUT 
_refine.details                                  ? 
_refine.pdbx_starting_model                      'PDB entry 2G3R' 
_refine.pdbx_method_to_determine_struct          'MOLECULAR REPLACEMENT' 
_refine.pdbx_isotropic_thermal_model             Isotropic 
_refine.pdbx_stereochemistry_target_values       ML 
_refine.pdbx_stereochem_target_val_spec_case     ? 
_refine.pdbx_R_Free_selection_details            RANDOM 
_refine.pdbx_overall_ESU_R_Free                  ? 
_refine.overall_SU_ML                            0.69 
_refine.overall_SU_B                             ? 
_refine.ls_redundancy_reflns_obs                 ? 
_refine.B_iso_min                                ? 
_refine.B_iso_max                                ? 
_refine.overall_SU_R_Cruickshank_DPI             ? 
_refine.overall_SU_R_free                        ? 
_refine.ls_wR_factor_R_free                      ? 
_refine.ls_wR_factor_R_work                      ? 
_refine.overall_FOM_free_R_set                   ? 
_refine.overall_FOM_work_R_set                   ? 
_refine.pdbx_overall_phase_error                 ? 
_refine.pdbx_refine_id                           'X-RAY DIFFRACTION' 
_refine.pdbx_overall_ESU_R                       ? 
_refine.pdbx_diffrn_id                           1 
_refine.pdbx_TLS_residual_ADP_flag               ? 
_refine.pdbx_overall_SU_R_free_Cruickshank_DPI   ? 
_refine.pdbx_overall_SU_R_Blow_DPI               ? 
_refine.pdbx_overall_SU_R_free_Blow_DPI          ? 
# 
_refine_analyze.entry_id                        3LH0 
_refine_analyze.Luzzati_coordinate_error_obs    ? 
_refine_analyze.Luzzati_sigma_a_obs             0.27 
_refine_analyze.Luzzati_d_res_low_obs           ? 
_refine_analyze.Luzzati_coordinate_error_free   ? 
_refine_analyze.Luzzati_sigma_a_free            ? 
_refine_analyze.Luzzati_d_res_low_free          ? 
_refine_analyze.number_disordered_residues      ? 
_refine_analyze.occupancy_sum_hydrogen          ? 
_refine_analyze.occupancy_sum_non_hydrogen      ? 
_refine_analyze.pdbx_Luzzati_d_res_high_obs     ? 
_refine_analyze.pdbx_refine_id                  'X-RAY DIFFRACTION' 
# 
_refine_hist.pdbx_refine_id                   'X-RAY DIFFRACTION' 
_refine_hist.cycle_id                         LAST 
_refine_hist.pdbx_number_atoms_protein        971 
_refine_hist.pdbx_number_atoms_nucleic_acid   0 
_refine_hist.pdbx_number_atoms_ligand         25 
_refine_hist.number_atoms_solvent             150 
_refine_hist.number_atoms_total               1146 
_refine_hist.d_res_high                       1.900 
_refine_hist.d_res_low                        30.927 
# 
loop_
_refine_ls_restr.type 
_refine_ls_restr.dev_ideal 
_refine_ls_restr.dev_ideal_target 
_refine_ls_restr.weight 
_refine_ls_restr.number 
_refine_ls_restr.pdbx_refine_id 
_refine_ls_restr.pdbx_restraint_function 
f_bond_d           0.033  ? ? 1052 'X-RAY DIFFRACTION' ? 
f_angle_d          1.896  ? ? 1409 'X-RAY DIFFRACTION' ? 
f_dihedral_angle_d 19.939 ? ? 394  'X-RAY DIFFRACTION' ? 
f_chiral_restr     0.205  ? ? 142  'X-RAY DIFFRACTION' ? 
f_plane_restr      0.009  ? ? 179  'X-RAY DIFFRACTION' ? 
# 
loop_
_refine_ls_shell.pdbx_total_number_of_bins_used 
_refine_ls_shell.d_res_high 
_refine_ls_shell.d_res_low 
_refine_ls_shell.number_reflns_R_work 
_refine_ls_shell.R_factor_R_work 
_refine_ls_shell.percent_reflns_obs 
_refine_ls_shell.R_factor_R_free 
_refine_ls_shell.R_factor_R_free_error 
_refine_ls_shell.percent_reflns_R_free 
_refine_ls_shell.number_reflns_R_free 
_refine_ls_shell.number_reflns_all 
_refine_ls_shell.R_factor_all 
_refine_ls_shell.number_reflns_obs 
_refine_ls_shell.redundancy_reflns_obs 
_refine_ls_shell.pdbx_refine_id 
. 1.9000 2.0912  2415 0.3079 95.00  0.3029 . . 121 . . . . 'X-RAY DIFFRACTION' 
. 2.0912 2.3937  2430 0.2785 96.00  0.2500 . . 130 . . . . 'X-RAY DIFFRACTION' 
. 2.3937 3.0154  2552 0.2180 100.00 0.2432 . . 123 . . . . 'X-RAY DIFFRACTION' 
. 3.0154 30.9308 2541 0.1830 99.00  0.1958 . . 127 . . . . 'X-RAY DIFFRACTION' 
# 
_struct.entry_id                  3LH0 
_struct.title                     'Crystal structure of the 53BP1 tandem tudor domain in complex with p53K372me2' 
_struct.pdbx_model_details        ? 
_struct.pdbx_CASP_flag            ? 
_struct.pdbx_model_type_details   ? 
# 
_struct_keywords.entry_id        3LH0 
_struct_keywords.pdbx_keywords   'CELL CYCLE' 
_struct_keywords.text            
;TANDEM TUDOR DOMAIN, DIMETHYLATED p53 PEPTIDE, DNA REPAIR, CELL CYCLE, DNA damage, DNA-binding, Methylation, Transcription, Transcription regulation
;
# 
loop_
_struct_asym.id 
_struct_asym.pdbx_blank_PDB_chainid_flag 
_struct_asym.pdbx_modified 
_struct_asym.entity_id 
_struct_asym.details 
A N N 1 ? 
B N N 2 ? 
C N N 3 ? 
D N N 3 ? 
E N N 4 ? 
F N N 5 ? 
G N N 5 ? 
# 
_struct_biol.id        1 
_struct_biol.details   'Biological assembly is monomer' 
# 
loop_
_struct_conf.conf_type_id 
_struct_conf.id 
_struct_conf.pdbx_PDB_helix_id 
_struct_conf.beg_label_comp_id 
_struct_conf.beg_label_asym_id 
_struct_conf.beg_label_seq_id 
_struct_conf.pdbx_beg_PDB_ins_code 
_struct_conf.end_label_comp_id 
_struct_conf.end_label_asym_id 
_struct_conf.end_label_seq_id 
_struct_conf.pdbx_end_PDB_ins_code 
_struct_conf.beg_auth_comp_id 
_struct_conf.beg_auth_asym_id 
_struct_conf.beg_auth_seq_id 
_struct_conf.end_auth_comp_id 
_struct_conf.end_auth_asym_id 
_struct_conf.end_auth_seq_id 
_struct_conf.pdbx_PDB_helix_class 
_struct_conf.details 
_struct_conf.pdbx_PDB_helix_length 
HELX_P HELX_P1 1 SER A 111 ? LEU A 118 ? SER A 1589 LEU A 1596 1 ? 8 
HELX_P HELX_P2 2 LEU A 118 ? GLY A 123 ? LEU A 1596 GLY A 1601 1 ? 6 
# 
_struct_conf_type.id          HELX_P 
_struct_conf_type.criteria    ? 
_struct_conf_type.reference   ? 
# 
_struct_mon_prot_cis.pdbx_id                1 
_struct_mon_prot_cis.label_comp_id          ASP 
_struct_mon_prot_cis.label_seq_id           58 
_struct_mon_prot_cis.label_asym_id          A 
_struct_mon_prot_cis.label_alt_id           . 
_struct_mon_prot_cis.pdbx_PDB_ins_code      ? 
_struct_mon_prot_cis.auth_comp_id           ASP 
_struct_mon_prot_cis.auth_seq_id            1536 
_struct_mon_prot_cis.auth_asym_id           A 
_struct_mon_prot_cis.pdbx_label_comp_id_2   PRO 
_struct_mon_prot_cis.pdbx_label_seq_id_2    59 
_struct_mon_prot_cis.pdbx_label_asym_id_2   A 
_struct_mon_prot_cis.pdbx_PDB_ins_code_2    ? 
_struct_mon_prot_cis.pdbx_auth_comp_id_2    PRO 
_struct_mon_prot_cis.pdbx_auth_seq_id_2     1537 
_struct_mon_prot_cis.pdbx_auth_asym_id_2    A 
_struct_mon_prot_cis.pdbx_PDB_model_num     1 
_struct_mon_prot_cis.pdbx_omega_angle       9.89 
# 
loop_
_struct_sheet.id 
_struct_sheet.type 
_struct_sheet.number_strands 
_struct_sheet.details 
A ? 5 ? 
B ? 5 ? 
# 
loop_
_struct_sheet_order.sheet_id 
_struct_sheet_order.range_id_1 
_struct_sheet_order.range_id_2 
_struct_sheet_order.offset 
_struct_sheet_order.sense 
A 1 2 ? anti-parallel 
A 2 3 ? anti-parallel 
A 3 4 ? anti-parallel 
A 4 5 ? anti-parallel 
B 1 2 ? anti-parallel 
B 2 3 ? anti-parallel 
B 3 4 ? anti-parallel 
B 4 5 ? anti-parallel 
# 
loop_
_struct_sheet_range.sheet_id 
_struct_sheet_range.id 
_struct_sheet_range.beg_label_comp_id 
_struct_sheet_range.beg_label_asym_id 
_struct_sheet_range.beg_label_seq_id 
_struct_sheet_range.pdbx_beg_PDB_ins_code 
_struct_sheet_range.end_label_comp_id 
_struct_sheet_range.end_label_asym_id 
_struct_sheet_range.end_label_seq_id 
_struct_sheet_range.pdbx_end_PDB_ins_code 
_struct_sheet_range.beg_auth_comp_id 
_struct_sheet_range.beg_auth_asym_id 
_struct_sheet_range.beg_auth_seq_id 
_struct_sheet_range.end_auth_comp_id 
_struct_sheet_range.end_auth_asym_id 
_struct_sheet_range.end_auth_seq_id 
A 1 GLU A 46  ? LEU A 50  ? GLU A 1524 LEU A 1528 
A 2 LYS A 36  ? PHE A 41  ? LYS A 1514 PHE A 1519 
A 3 PHE A 23  ? GLY A 33  ? PHE A 1501 GLY A 1511 
A 4 ARG A 12  ? LYS A 16  ? ARG A 1490 LYS A 1494 
A 5 ILE A 54  ? LEU A 55  ? ILE A 1532 LEU A 1533 
B 1 GLN A 99  ? LYS A 104 ? GLN A 1577 LYS A 1582 
B 2 GLU A 89  ? LYS A 96  ? GLU A 1567 LYS A 1574 
B 3 PHE A 75  ? GLU A 86  ? PHE A 1553 GLU A 1564 
B 4 GLU A 65  ? LEU A 69  ? GLU A 1543 LEU A 1547 
B 5 VAL A 108 ? ILE A 109 ? VAL A 1586 ILE A 1587 
# 
loop_
_pdbx_struct_sheet_hbond.sheet_id 
_pdbx_struct_sheet_hbond.range_id_1 
_pdbx_struct_sheet_hbond.range_id_2 
_pdbx_struct_sheet_hbond.range_1_label_atom_id 
_pdbx_struct_sheet_hbond.range_1_label_comp_id 
_pdbx_struct_sheet_hbond.range_1_label_asym_id 
_pdbx_struct_sheet_hbond.range_1_label_seq_id 
_pdbx_struct_sheet_hbond.range_1_PDB_ins_code 
_pdbx_struct_sheet_hbond.range_1_auth_atom_id 
_pdbx_struct_sheet_hbond.range_1_auth_comp_id 
_pdbx_struct_sheet_hbond.range_1_auth_asym_id 
_pdbx_struct_sheet_hbond.range_1_auth_seq_id 
_pdbx_struct_sheet_hbond.range_2_label_atom_id 
_pdbx_struct_sheet_hbond.range_2_label_comp_id 
_pdbx_struct_sheet_hbond.range_2_label_asym_id 
_pdbx_struct_sheet_hbond.range_2_label_seq_id 
_pdbx_struct_sheet_hbond.range_2_PDB_ins_code 
_pdbx_struct_sheet_hbond.range_2_auth_atom_id 
_pdbx_struct_sheet_hbond.range_2_auth_comp_id 
_pdbx_struct_sheet_hbond.range_2_auth_asym_id 
_pdbx_struct_sheet_hbond.range_2_auth_seq_id 
A 1 2 O CYS A 47  ? O CYS A 1525 N LEU A 39  ? N LEU A 1517 
A 2 3 O LYS A 38  ? O LYS A 1516 N THR A 29  ? N THR A 1507 
A 3 4 O TYR A 24  ? O TYR A 1502 N ALA A 15  ? N ALA A 1493 
A 4 5 N VAL A 14  ? N VAL A 1492 O LEU A 55  ? O LEU A 1533 
B 1 2 O TYR A 103 ? O TYR A 1581 N TYR A 92  ? N TYR A 1570 
B 2 3 O SER A 93  ? O SER A 1571 N LYS A 81  ? N LYS A 1559 
B 3 4 O SER A 76  ? O SER A 1554 N ALA A 68  ? N ALA A 1546 
B 4 5 N THR A 67  ? N THR A 1545 O ILE A 109 ? O ILE A 1587 
# 
loop_
_struct_site.id 
_struct_site.pdbx_evidence_code 
_struct_site.pdbx_auth_asym_id 
_struct_site.pdbx_auth_comp_id 
_struct_site.pdbx_auth_seq_id 
_struct_site.pdbx_auth_ins_code 
_struct_site.pdbx_num_residues 
_struct_site.details 
AC1 Software A PGE 201 ? 4 'BINDING SITE FOR RESIDUE PGE A 201' 
AC2 Software A PGE 202 ? 5 'BINDING SITE FOR RESIDUE PGE A 202' 
AC3 Software A SO4 203 ? 8 'BINDING SITE FOR RESIDUE SO4 A 203' 
# 
loop_
_struct_site_gen.id 
_struct_site_gen.site_id 
_struct_site_gen.pdbx_num_res 
_struct_site_gen.label_comp_id 
_struct_site_gen.label_asym_id 
_struct_site_gen.label_seq_id 
_struct_site_gen.pdbx_auth_ins_code 
_struct_site_gen.auth_comp_id 
_struct_site_gen.auth_asym_id 
_struct_site_gen.auth_seq_id 
_struct_site_gen.label_atom_id 
_struct_site_gen.label_alt_id 
_struct_site_gen.symmetry 
_struct_site_gen.details 
1  AC1 4 HOH F .   ? HOH A 140  . ? 1_555 ? 
2  AC1 4 LEU A 56  ? LEU A 1534 . ? 2_656 ? 
3  AC1 4 GLN A 121 ? GLN A 1599 . ? 1_555 ? 
4  AC1 4 GLN A 121 ? GLN A 1599 . ? 2_656 ? 
5  AC2 5 HOH F .   ? HOH A 165  . ? 1_555 ? 
6  AC2 5 LYS A 36  ? LYS A 1514 . ? 4_556 ? 
7  AC2 5 ARG A 84  ? ARG A 1562 . ? 1_555 ? 
8  AC2 5 GLU A 86  ? GLU A 1564 . ? 1_555 ? 
9  AC2 5 TYR A 91  ? TYR A 1569 . ? 1_555 ? 
10 AC3 8 HOH F .   ? HOH A 169  . ? 1_555 ? 
11 AC3 8 LYS A 81  ? LYS A 1559 . ? 1_555 ? 
12 AC3 8 LYS A 85  ? LYS A 1563 . ? 2_656 ? 
13 AC3 8 GLU A 86  ? GLU A 1564 . ? 2_656 ? 
14 AC3 8 SER A 87  ? SER A 1565 . ? 2_656 ? 
15 AC3 8 GLY A 88  ? GLY A 1566 . ? 2_656 ? 
16 AC3 8 GLU A 95  ? GLU A 1573 . ? 1_555 ? 
17 AC3 8 ARG A 100 ? ARG A 1578 . ? 1_555 ? 
# 
_atom_sites.entry_id                    3LH0 
_atom_sites.fract_transf_matrix[1][1]   -0.00431338 
_atom_sites.fract_transf_matrix[1][2]   0.00940737 
_atom_sites.fract_transf_matrix[1][3]   0.01808661 
_atom_sites.fract_transf_matrix[2][1]   -0.00454800 
_atom_sites.fract_transf_matrix[2][2]   -0.01100061 
_atom_sites.fract_transf_matrix[2][3]   0.00463711 
_atom_sites.fract_transf_matrix[3][1]   0.02137469 
_atom_sites.fract_transf_matrix[3][2]   0.00137408 
_atom_sites.fract_transf_matrix[3][3]   0.02422368 
_atom_sites.fract_transf_vector[1]      0.249625 
_atom_sites.fract_transf_vector[2]      -0.021786 
_atom_sites.fract_transf_vector[3]      0.387613 
# 
loop_
_atom_type.symbol 
C 
N 
O 
S 
# 
loop_
_atom_site.group_PDB 
_atom_site.id 
_atom_site.type_symbol 
_atom_site.label_atom_id 
_atom_site.label_alt_id 
_atom_site.label_comp_id 
_atom_site.label_asym_id 
_atom_site.label_entity_id 
_atom_site.label_seq_id 
_atom_site.pdbx_PDB_ins_code 
_atom_site.Cartn_x 
_atom_site.Cartn_y 
_atom_site.Cartn_z 
_atom_site.occupancy 
_atom_site.B_iso_or_equiv 
_atom_site.pdbx_formal_charge 
_atom_site.auth_seq_id 
_atom_site.auth_comp_id 
_atom_site.auth_asym_id 
_atom_site.auth_atom_id 
_atom_site.pdbx_PDB_model_num 
ATOM   1    N N   . ASN A 1 6   ? 9.322   17.614  9.784   1.00 56.43 ? 1484 ASN A N   1 
ATOM   2    C CA  . ASN A 1 6   ? 10.579  17.431  9.135   1.00 55.75 ? 1484 ASN A CA  1 
ATOM   3    C C   . ASN A 1 6   ? 10.295  16.224  8.268   1.00 60.25 ? 1484 ASN A C   1 
ATOM   4    O O   . ASN A 1 6   ? 9.200   15.908  7.931   1.00 57.55 ? 1484 ASN A O   1 
ATOM   5    C CB  . ASN A 1 6   ? 11.696  17.145  10.183  1.00 63.29 ? 1484 ASN A CB  1 
ATOM   6    C CG  . ASN A 1 6   ? 13.123  17.833  9.888   1.00 59.65 ? 1484 ASN A CG  1 
ATOM   7    O OD1 . ASN A 1 6   ? 13.531  18.745  10.598  1.00 64.71 ? 1484 ASN A OD1 1 
ATOM   8    N ND2 . ASN A 1 6   ? 13.862  17.317  8.960   1.00 37.69 ? 1484 ASN A ND2 1 
ATOM   9    N N   . SER A 1 7   ? 11.332  15.486  8.026   1.00 53.29 ? 1485 SER A N   1 
ATOM   10   C CA  . SER A 1 7   ? 11.678  14.873  6.725   1.00 49.61 ? 1485 SER A CA  1 
ATOM   11   C C   . SER A 1 7   ? 11.017  13.516  6.462   1.00 43.70 ? 1485 SER A C   1 
ATOM   12   O O   . SER A 1 7   ? 10.818  12.796  7.369   1.00 46.21 ? 1485 SER A O   1 
ATOM   13   C CB  . SER A 1 7   ? 13.177  14.759  6.577   1.00 47.94 ? 1485 SER A CB  1 
ATOM   14   O OG  . SER A 1 7   ? 13.638  13.551  7.064   1.00 41.97 ? 1485 SER A OG  1 
ATOM   15   N N   . PHE A 1 8   ? 10.685  13.199  5.210   1.00 46.94 ? 1486 PHE A N   1 
ATOM   16   C CA  . PHE A 1 8   ? 9.913   12.013  4.870   1.00 39.07 ? 1486 PHE A CA  1 
ATOM   17   C C   . PHE A 1 8   ? 10.617  10.672  5.049   1.00 29.37 ? 1486 PHE A C   1 
ATOM   18   O O   . PHE A 1 8   ? 10.008  9.641   4.966   1.00 24.98 ? 1486 PHE A O   1 
ATOM   19   C CB  . PHE A 1 8   ? 9.345   12.141  3.454   1.00 37.22 ? 1486 PHE A CB  1 
ATOM   20   C CG  . PHE A 1 8   ? 8.398   13.298  3.269   1.00 43.88 ? 1486 PHE A CG  1 
ATOM   21   C CD1 . PHE A 1 8   ? 7.714   13.825  4.315   1.00 50.69 ? 1486 PHE A CD1 1 
ATOM   22   C CD2 . PHE A 1 8   ? 8.227   13.881  2.068   1.00 43.02 ? 1486 PHE A CD2 1 
ATOM   23   C CE1 . PHE A 1 8   ? 6.898   14.881  4.156   1.00 59.40 ? 1486 PHE A CE1 1 
ATOM   24   C CE2 . PHE A 1 8   ? 7.413   14.936  1.926   1.00 50.14 ? 1486 PHE A CE2 1 
ATOM   25   C CZ  . PHE A 1 8   ? 6.720   15.424  2.949   1.00 46.85 ? 1486 PHE A CZ  1 
ATOM   26   N N   . VAL A 1 9   ? 11.903  10.702  5.280   1.00 34.10 ? 1487 VAL A N   1 
ATOM   27   C CA  . VAL A 1 9   ? 12.699  9.499   5.412   1.00 35.92 ? 1487 VAL A CA  1 
ATOM   28   C C   . VAL A 1 9   ? 12.352  8.573   6.599   1.00 32.11 ? 1487 VAL A C   1 
ATOM   29   O O   . VAL A 1 9   ? 12.261  8.998   7.683   1.00 31.60 ? 1487 VAL A O   1 
ATOM   30   C CB  . VAL A 1 9   ? 14.165  9.853   5.410   1.00 35.44 ? 1487 VAL A CB  1 
ATOM   31   C CG1 . VAL A 1 9   ? 14.945  8.648   5.470   1.00 33.83 ? 1487 VAL A CG1 1 
ATOM   32   C CG2 . VAL A 1 9   ? 14.491  10.640  4.157   1.00 33.70 ? 1487 VAL A CG2 1 
ATOM   33   N N   . GLY A 1 10  ? 12.126  7.301   6.344   1.00 28.02 ? 1488 GLY A N   1 
ATOM   34   C CA  . GLY A 1 10  ? 11.626  6.357   7.316   1.00 27.65 ? 1488 GLY A CA  1 
ATOM   35   C C   . GLY A 1 10  ? 10.137  6.232   7.451   1.00 29.88 ? 1488 GLY A C   1 
ATOM   36   O O   . GLY A 1 10  ? 9.620   5.480   8.225   1.00 28.42 ? 1488 GLY A O   1 
ATOM   37   N N   . LEU A 1 11  ? 9.399   6.994   6.688   1.00 23.16 ? 1489 LEU A N   1 
ATOM   38   C CA  . LEU A 1 11  ? 7.972   6.937   6.725   1.00 25.21 ? 1489 LEU A CA  1 
ATOM   39   C C   . LEU A 1 11  ? 7.417   5.728   5.975   1.00 24.40 ? 1489 LEU A C   1 
ATOM   40   O O   . LEU A 1 11  ? 7.829   5.416   4.903   1.00 19.28 ? 1489 LEU A O   1 
ATOM   41   C CB  . LEU A 1 11  ? 7.397   8.166   6.066   1.00 26.28 ? 1489 LEU A CB  1 
ATOM   42   C CG  . LEU A 1 11  ? 7.238   9.490   6.747   1.00 34.69 ? 1489 LEU A CG  1 
ATOM   43   C CD1 . LEU A 1 11  ? 6.333   10.310  5.880   1.00 33.19 ? 1489 LEU A CD1 1 
ATOM   44   C CD2 . LEU A 1 11  ? 6.654   9.355   8.087   1.00 36.33 ? 1489 LEU A CD2 1 
ATOM   45   N N   . ARG A 1 12  ? 6.432   5.044   6.544   1.00 22.11 ? 1490 ARG A N   1 
ATOM   46   C CA  . ARG A 1 12  ? 5.845   3.930   5.835   1.00 20.91 ? 1490 ARG A CA  1 
ATOM   47   C C   . ARG A 1 12  ? 4.758   4.436   4.908   1.00 25.57 ? 1490 ARG A C   1 
ATOM   48   O O   . ARG A 1 12  ? 3.993   5.280   5.278   1.00 22.48 ? 1490 ARG A O   1 
ATOM   49   C CB  . ARG A 1 12  ? 5.287   2.874   6.770   1.00 33.14 ? 1490 ARG A CB  1 
ATOM   50   C CG  . ARG A 1 12  ? 6.215   1.716   7.024   1.00 36.64 ? 1490 ARG A CG  1 
ATOM   51   C CD  . ARG A 1 12  ? 5.583   0.744   7.958   1.00 38.40 ? 1490 ARG A CD  1 
ATOM   52   N NE  . ARG A 1 12  ? 5.860   -0.653  7.715   1.00 27.03 ? 1490 ARG A NE  1 
ATOM   53   C CZ  . ARG A 1 12  ? 6.107   -1.219  6.552   1.00 40.53 ? 1490 ARG A CZ  1 
ATOM   54   N NH1 . ARG A 1 12  ? 6.151   -0.551  5.406   1.00 36.04 ? 1490 ARG A NH1 1 
ATOM   55   N NH2 . ARG A 1 12  ? 6.309   -2.495  6.549   1.00 40.68 ? 1490 ARG A NH2 1 
ATOM   56   N N   . VAL A 1 13  ? 4.709   3.912   3.705   1.00 16.74 ? 1491 VAL A N   1 
ATOM   57   C CA  . VAL A 1 13  ? 3.845   4.441   2.686   1.00 15.18 ? 1491 VAL A CA  1 
ATOM   58   C C   . VAL A 1 13  ? 3.378   3.332   1.722   1.00 18.70 ? 1491 VAL A C   1 
ATOM   59   O O   . VAL A 1 13  ? 3.827   2.250   1.797   1.00 17.35 ? 1491 VAL A O   1 
ATOM   60   C CB  . VAL A 1 13  ? 4.599   5.511   1.884   1.00 21.24 ? 1491 VAL A CB  1 
ATOM   61   C CG1 . VAL A 1 13  ? 5.173   6.559   2.790   1.00 14.41 ? 1491 VAL A CG1 1 
ATOM   62   C CG2 . VAL A 1 13  ? 5.688   4.871   1.049   1.00 13.18 ? 1491 VAL A CG2 1 
ATOM   63   N N   . VAL A 1 14  ? 2.520   3.648   0.786   1.00 16.75 ? 1492 VAL A N   1 
ATOM   64   C CA  . VAL A 1 14  ? 2.134   2.721   -0.232  1.00 16.69 ? 1492 VAL A CA  1 
ATOM   65   C C   . VAL A 1 14  ? 2.481   3.399   -1.543  1.00 21.67 ? 1492 VAL A C   1 
ATOM   66   O O   . VAL A 1 14  ? 2.003   4.440   -1.795  1.00 20.23 ? 1492 VAL A O   1 
ATOM   67   C CB  . VAL A 1 14  ? 0.624   2.353   -0.169  1.00 17.81 ? 1492 VAL A CB  1 
ATOM   68   C CG1 . VAL A 1 14  ? 0.329   1.253   -1.111  1.00 16.37 ? 1492 VAL A CG1 1 
ATOM   69   C CG2 . VAL A 1 14  ? 0.175   1.998   1.230   1.00 18.43 ? 1492 VAL A CG2 1 
ATOM   70   N N   . ALA A 1 15  ? 3.376   2.836   -2.327  1.00 14.29 ? 1493 ALA A N   1 
ATOM   71   C CA  . ALA A 1 15  ? 4.001   3.550   -3.430  1.00 22.12 ? 1493 ALA A CA  1 
ATOM   72   C C   . ALA A 1 15  ? 3.871   2.826   -4.779  1.00 19.76 ? 1493 ALA A C   1 
ATOM   73   O O   . ALA A 1 15  ? 3.922   1.645   -4.828  1.00 16.37 ? 1493 ALA A O   1 
ATOM   74   C CB  . ALA A 1 15  ? 5.420   3.802   -3.122  1.00 13.85 ? 1493 ALA A CB  1 
ATOM   75   N N   . LYS A 1 16  ? 3.730   3.560   -5.864  1.00 15.79 ? 1494 LYS A N   1 
ATOM   76   C CA  . LYS A 1 16  ? 3.497   2.961   -7.147  1.00 17.08 ? 1494 LYS A CA  1 
ATOM   77   C C   . LYS A 1 16  ? 4.734   2.268   -7.652  1.00 23.42 ? 1494 LYS A C   1 
ATOM   78   O O   . LYS A 1 16  ? 5.828   2.782   -7.537  1.00 20.37 ? 1494 LYS A O   1 
ATOM   79   C CB  . LYS A 1 16  ? 2.998   3.951   -8.179  1.00 22.38 ? 1494 LYS A CB  1 
ATOM   80   C CG  . LYS A 1 16  ? 2.459   3.290   -9.404  1.00 22.09 ? 1494 LYS A CG  1 
ATOM   81   C CD  . LYS A 1 16  ? 2.363   4.222   -10.583 1.00 26.10 ? 1494 LYS A CD  1 
ATOM   82   C CE  . LYS A 1 16  ? 1.169   5.059   -10.585 1.00 29.20 ? 1494 LYS A CE  1 
ATOM   83   N NZ  . LYS A 1 16  ? 0.878   5.676   -11.885 1.00 31.91 ? 1494 LYS A NZ  1 
ATOM   84   N N   . TRP A 1 17  ? 4.528   1.102   -8.210  1.00 16.05 ? 1495 TRP A N   1 
ATOM   85   C CA  . TRP A 1 17  ? 5.551   0.376   -8.915  1.00 24.57 ? 1495 TRP A CA  1 
ATOM   86   C C   . TRP A 1 17  ? 5.335   0.557   -10.399 1.00 25.64 ? 1495 TRP A C   1 
ATOM   87   O O   . TRP A 1 17  ? 4.386   0.110   -10.939 1.00 22.07 ? 1495 TRP A O   1 
ATOM   88   C CB  . TRP A 1 17  ? 5.563   -1.088  -8.554  1.00 23.87 ? 1495 TRP A CB  1 
ATOM   89   C CG  . TRP A 1 17  ? 6.538   -1.858  -9.272  1.00 28.52 ? 1495 TRP A CG  1 
ATOM   90   C CD1 . TRP A 1 17  ? 6.300   -2.684  -10.280 1.00 29.97 ? 1495 TRP A CD1 1 
ATOM   91   C CD2 . TRP A 1 17  ? 7.930   -1.938  -9.007  1.00 32.05 ? 1495 TRP A CD2 1 
ATOM   92   N NE1 . TRP A 1 17  ? 7.438   -3.265  -10.704 1.00 36.04 ? 1495 TRP A NE1 1 
ATOM   93   C CE2 . TRP A 1 17  ? 8.467   -2.826  -9.925  1.00 43.78 ? 1495 TRP A CE2 1 
ATOM   94   C CE3 . TRP A 1 17  ? 8.779   -1.345  -8.074  1.00 41.40 ? 1495 TRP A CE3 1 
ATOM   95   C CZ2 . TRP A 1 17  ? 9.815   -3.122  -9.955  1.00 48.32 ? 1495 TRP A CZ2 1 
ATOM   96   C CZ3 . TRP A 1 17  ? 10.092  -1.649  -8.091  1.00 44.17 ? 1495 TRP A CZ3 1 
ATOM   97   C CH2 . TRP A 1 17  ? 10.610  -2.535  -9.017  1.00 44.26 ? 1495 TRP A CH2 1 
ATOM   98   N N   . SER A 1 18  ? 6.258   1.237   -11.014 1.00 19.33 ? 1496 SER A N   1 
ATOM   99   C CA  . SER A 1 18  ? 6.041   1.748   -12.317 1.00 33.06 ? 1496 SER A CA  1 
ATOM   100  C C   . SER A 1 18  ? 5.686   0.786   -13.445 1.00 26.22 ? 1496 SER A C   1 
ATOM   101  O O   . SER A 1 18  ? 4.935   1.120   -14.286 1.00 24.56 ? 1496 SER A O   1 
ATOM   102  C CB  . SER A 1 18  ? 7.177   2.653   -12.755 1.00 31.50 ? 1496 SER A CB  1 
ATOM   103  O OG  . SER A 1 18  ? 6.736   3.363   -13.877 1.00 40.70 ? 1496 SER A OG  1 
ATOM   104  N N   . SER A 1 19  ? 6.223   -0.401  -13.430 1.00 31.82 ? 1497 SER A N   1 
ATOM   105  C CA  . SER A 1 19  ? 6.014   -1.314  -14.535 1.00 29.76 ? 1497 SER A CA  1 
ATOM   106  C C   . SER A 1 19  ? 4.594   -1.822  -14.623 1.00 33.57 ? 1497 SER A C   1 
ATOM   107  O O   . SER A 1 19  ? 4.124   -2.193  -15.677 1.00 23.80 ? 1497 SER A O   1 
ATOM   108  C CB  . SER A 1 19  ? 6.918   -2.491  -14.348 1.00 37.62 ? 1497 SER A CB  1 
ATOM   109  O OG  . SER A 1 19  ? 8.231   -2.160  -14.646 1.00 50.82 ? 1497 SER A OG  1 
ATOM   110  N N   . ASN A 1 20  ? 3.924   -1.901  -13.487 1.00 22.85 ? 1498 ASN A N   1 
ATOM   111  C CA  . ASN A 1 20  ? 2.638   -2.524  -13.447 1.00 21.59 ? 1498 ASN A CA  1 
ATOM   112  C C   . ASN A 1 20  ? 1.461   -1.657  -12.994 1.00 21.56 ? 1498 ASN A C   1 
ATOM   113  O O   . ASN A 1 20  ? 0.358   -2.042  -13.120 1.00 22.60 ? 1498 ASN A O   1 
ATOM   114  C CB  . ASN A 1 20  ? 2.697   -3.868  -12.728 1.00 23.89 ? 1498 ASN A CB  1 
ATOM   115  C CG  . ASN A 1 20  ? 2.890   -3.767  -11.217 1.00 27.79 ? 1498 ASN A CG  1 
ATOM   116  O OD1 . ASN A 1 20  ? 2.776   -2.735  -10.619 1.00 17.19 ? 1498 ASN A OD1 1 
ATOM   117  N ND2 . ASN A 1 20  ? 3.189   -4.894  -10.618 1.00 19.41 ? 1498 ASN A ND2 1 
ATOM   118  N N   . GLY A 1 21  ? 1.755   -0.471  -12.494 1.00 19.72 ? 1499 GLY A N   1 
ATOM   119  C CA  . GLY A 1 21  ? 0.756   0.490   -12.096 1.00 20.04 ? 1499 GLY A CA  1 
ATOM   120  C C   . GLY A 1 21  ? 0.175   0.312   -10.699 1.00 27.91 ? 1499 GLY A C   1 
ATOM   121  O O   . GLY A 1 21  ? -0.558  1.148   -10.251 1.00 19.97 ? 1499 GLY A O   1 
ATOM   122  N N   . TYR A 1 22  ? 0.482   -0.778  -10.032 1.00 15.00 ? 1500 TYR A N   1 
ATOM   123  C CA  . TYR A 1 22  ? -0.009  -1.042  -8.696  1.00 13.22 ? 1500 TYR A CA  1 
ATOM   124  C C   . TYR A 1 22  ? 0.834   -0.366  -7.573  1.00 15.65 ? 1500 TYR A C   1 
ATOM   125  O O   . TYR A 1 22  ? 2.010   -0.184  -7.722  1.00 16.73 ? 1500 TYR A O   1 
ATOM   126  C CB  . TYR A 1 22  ? -0.037  -2.556  -8.438  1.00 16.95 ? 1500 TYR A CB  1 
ATOM   127  C CG  . TYR A 1 22  ? -1.177  -3.320  -8.978  1.00 19.02 ? 1500 TYR A CG  1 
ATOM   128  C CD1 . TYR A 1 22  ? -2.127  -3.848  -8.150  1.00 14.42 ? 1500 TYR A CD1 1 
ATOM   129  C CD2 . TYR A 1 22  ? -1.327  -3.514  -10.336 1.00 23.95 ? 1500 TYR A CD2 1 
ATOM   130  C CE1 . TYR A 1 22  ? -3.173  -4.518  -8.658  1.00 16.54 ? 1500 TYR A CE1 1 
ATOM   131  C CE2 . TYR A 1 22  ? -2.350  -4.201  -10.825 1.00 22.33 ? 1500 TYR A CE2 1 
ATOM   132  C CZ  . TYR A 1 22  ? -3.285  -4.712  -9.987  1.00 23.34 ? 1500 TYR A CZ  1 
ATOM   133  O OH  . TYR A 1 22  ? -4.332  -5.401  -10.519 1.00 22.61 ? 1500 TYR A OH  1 
ATOM   134  N N   . PHE A 1 23  ? 0.204   -0.049  -6.457  1.00 12.14 ? 1501 PHE A N   1 
ATOM   135  C CA  . PHE A 1 23  ? 0.869   0.485   -5.288  1.00 12.86 ? 1501 PHE A CA  1 
ATOM   136  C C   . PHE A 1 23  ? 1.177   -0.595  -4.215  1.00 16.15 ? 1501 PHE A C   1 
ATOM   137  O O   . PHE A 1 23  ? 0.316   -1.351  -3.856  1.00 12.48 ? 1501 PHE A O   1 
ATOM   138  C CB  . PHE A 1 23  ? 0.070   1.630   -4.645  1.00 13.69 ? 1501 PHE A CB  1 
ATOM   139  C CG  . PHE A 1 23  ? -0.262  2.791   -5.562  1.00 17.28 ? 1501 PHE A CG  1 
ATOM   140  C CD1 . PHE A 1 23  ? 0.219   4.054   -5.282  1.00 15.80 ? 1501 PHE A CD1 1 
ATOM   141  C CD2 . PHE A 1 23  ? -1.098  2.657   -6.641  1.00 17.81 ? 1501 PHE A CD2 1 
ATOM   142  C CE1 . PHE A 1 23  ? -0.112  5.119   -6.063  1.00 17.17 ? 1501 PHE A CE1 1 
ATOM   143  C CE2 . PHE A 1 23  ? -1.380  3.753   -7.402  1.00 21.53 ? 1501 PHE A CE2 1 
ATOM   144  C CZ  . PHE A 1 23  ? -0.870  4.953   -7.110  1.00 19.76 ? 1501 PHE A CZ  1 
ATOM   145  N N   . TYR A 1 24  ? 2.399   -0.614  -3.715  1.00 14.78 ? 1502 TYR A N   1 
ATOM   146  C CA  . TYR A 1 24  ? 2.872   -1.570  -2.725  1.00 20.09 ? 1502 TYR A CA  1 
ATOM   147  C C   . TYR A 1 24  ? 3.389   -0.939  -1.435  1.00 18.65 ? 1502 TYR A C   1 
ATOM   148  O O   . TYR A 1 24  ? 3.884   0.137   -1.455  1.00 12.82 ? 1502 TYR A O   1 
ATOM   149  C CB  . TYR A 1 24  ? 3.970   -2.422  -3.312  1.00 16.17 ? 1502 TYR A CB  1 
ATOM   150  C CG  . TYR A 1 24  ? 3.563   -3.206  -4.493  1.00 15.31 ? 1502 TYR A CG  1 
ATOM   151  C CD1 . TYR A 1 24  ? 3.261   -4.541  -4.401  1.00 17.03 ? 1502 TYR A CD1 1 
ATOM   152  C CD2 . TYR A 1 24  ? 3.460   -2.615  -5.715  1.00 15.33 ? 1502 TYR A CD2 1 
ATOM   153  C CE1 . TYR A 1 24  ? 2.830   -5.244  -5.494  1.00 15.73 ? 1502 TYR A CE1 1 
ATOM   154  C CE2 . TYR A 1 24  ? 3.104   -3.309  -6.780  1.00 14.13 ? 1502 TYR A CE2 1 
ATOM   155  C CZ  . TYR A 1 24  ? 2.778   -4.621  -6.687  1.00 20.67 ? 1502 TYR A CZ  1 
ATOM   156  O OH  . TYR A 1 24  ? 2.394   -5.267  -7.818  1.00 17.69 ? 1502 TYR A OH  1 
ATOM   157  N N   . SER A 1 25  ? 3.261   -1.649  -0.328  1.00 17.48 ? 1503 SER A N   1 
ATOM   158  C CA  . SER A 1 25  ? 3.817   -1.216  0.936   1.00 18.50 ? 1503 SER A CA  1 
ATOM   159  C C   . SER A 1 25  ? 5.359   -1.148  0.920   1.00 18.90 ? 1503 SER A C   1 
ATOM   160  O O   . SER A 1 25  ? 6.013   -2.014  0.433   1.00 20.19 ? 1503 SER A O   1 
ATOM   161  C CB  . SER A 1 25  ? 3.314   -2.087  2.082   1.00 26.03 ? 1503 SER A CB  1 
ATOM   162  O OG  . SER A 1 25  ? 3.897   -1.748  3.309   1.00 26.46 ? 1503 SER A OG  1 
ATOM   163  N N   . GLY A 1 26  ? 5.885   -0.069  1.482   1.00 19.70 ? 1504 GLY A N   1 
ATOM   164  C CA  . GLY A 1 26  ? 7.296   0.214   1.490   1.00 16.60 ? 1504 GLY A CA  1 
ATOM   165  C C   . GLY A 1 26  ? 7.696   1.327   2.425   1.00 20.43 ? 1504 GLY A C   1 
ATOM   166  O O   . GLY A 1 26  ? 6.871   1.816   3.098   1.00 16.84 ? 1504 GLY A O   1 
ATOM   167  N N   . LYS A 1 27  ? 8.969   1.689   2.457   1.00 21.38 ? 1505 LYS A N   1 
ATOM   168  C CA  . LYS A 1 27  ? 9.427   2.821   3.229   1.00 20.18 ? 1505 LYS A CA  1 
ATOM   169  C C   . LYS A 1 27  ? 10.308  3.768   2.431   1.00 23.83 ? 1505 LYS A C   1 
ATOM   170  O O   . LYS A 1 27  ? 11.124  3.341   1.674   1.00 18.12 ? 1505 LYS A O   1 
ATOM   171  C CB  . LYS A 1 27  ? 10.208  2.371   4.447   1.00 24.67 ? 1505 LYS A CB  1 
ATOM   172  C CG  . LYS A 1 27  ? 9.412   1.771   5.530   1.00 32.04 ? 1505 LYS A CG  1 
ATOM   173  C CD  . LYS A 1 27  ? 10.239  1.701   6.782   1.00 35.13 ? 1505 LYS A CD  1 
ATOM   174  C CE  . LYS A 1 27  ? 9.638   0.848   7.878   1.00 46.12 ? 1505 LYS A CE  1 
ATOM   175  N NZ  . LYS A 1 27  ? 9.608   -0.638  7.732   1.00 37.06 ? 1505 LYS A NZ  1 
ATOM   176  N N   . ILE A 1 28  ? 10.138  5.059   2.630   1.00 24.33 ? 1506 ILE A N   1 
ATOM   177  C CA  . ILE A 1 28  ? 11.042  6.035   2.045   1.00 18.58 ? 1506 ILE A CA  1 
ATOM   178  C C   . ILE A 1 28  ? 12.426  5.946   2.730   1.00 21.74 ? 1506 ILE A C   1 
ATOM   179  O O   . ILE A 1 28  ? 12.535  5.994   3.932   1.00 25.28 ? 1506 ILE A O   1 
ATOM   180  C CB  . ILE A 1 28  ? 10.510  7.474   2.158   1.00 22.16 ? 1506 ILE A CB  1 
ATOM   181  C CG1 . ILE A 1 28  ? 9.190   7.653   1.414   1.00 20.63 ? 1506 ILE A CG1 1 
ATOM   182  C CG2 . ILE A 1 28  ? 11.520  8.425   1.660   1.00 16.54 ? 1506 ILE A CG2 1 
ATOM   183  C CD1 . ILE A 1 28  ? 8.601   8.872   1.644   1.00 23.74 ? 1506 ILE A CD1 1 
ATOM   184  N N   . THR A 1 29  ? 13.455  5.788   1.943   1.00 20.04 ? 1507 THR A N   1 
ATOM   185  C CA  . THR A 1 29  ? 14.785  5.666   2.476   1.00 28.77 ? 1507 THR A CA  1 
ATOM   186  C C   . THR A 1 29  ? 15.664  6.852   2.163   1.00 28.91 ? 1507 THR A C   1 
ATOM   187  O O   . THR A 1 29  ? 16.666  7.043   2.776   1.00 27.25 ? 1507 THR A O   1 
ATOM   188  C CB  . THR A 1 29  ? 15.476  4.411   2.023   1.00 20.88 ? 1507 THR A CB  1 
ATOM   189  O OG1 . THR A 1 29  ? 15.581  4.406   0.612   1.00 27.37 ? 1507 THR A OG1 1 
ATOM   190  C CG2 . THR A 1 29  ? 14.720  3.247   2.478   1.00 26.48 ? 1507 THR A CG2 1 
ATOM   191  N N   . ARG A 1 30  ? 15.272  7.665   1.202   1.00 32.05 ? 1508 ARG A N   1 
ATOM   192  C CA  . ARG A 1 30  ? 16.044  8.821   0.787   1.00 24.45 ? 1508 ARG A CA  1 
ATOM   193  C C   . ARG A 1 30  ? 15.230  9.815   0.023   1.00 25.47 ? 1508 ARG A C   1 
ATOM   194  O O   . ARG A 1 30  ? 14.394  9.462   -0.711  1.00 24.80 ? 1508 ARG A O   1 
ATOM   195  C CB  . ARG A 1 30  ? 17.191  8.364   -0.067  1.00 27.36 ? 1508 ARG A CB  1 
ATOM   196  C CG  . ARG A 1 30  ? 17.853  9.417   -0.843  1.00 41.28 ? 1508 ARG A CG  1 
ATOM   197  C CD  . ARG A 1 30  ? 19.227  9.631   -0.374  1.00 39.66 ? 1508 ARG A CD  1 
ATOM   198  N NE  . ARG A 1 30  ? 20.243  9.591   -1.410  1.00 38.57 ? 1508 ARG A NE  1 
ATOM   199  C CZ  . ARG A 1 30  ? 20.686  10.641  -2.092  1.00 47.61 ? 1508 ARG A CZ  1 
ATOM   200  N NH1 . ARG A 1 30  ? 20.212  11.862  -1.902  1.00 34.93 ? 1508 ARG A NH1 1 
ATOM   201  N NH2 . ARG A 1 30  ? 21.624  10.470  -2.985  1.00 38.42 ? 1508 ARG A NH2 1 
ATOM   202  N N   . ASP A 1 31  ? 15.494  11.078  0.240   1.00 28.13 ? 1509 ASP A N   1 
ATOM   203  C CA  . ASP A 1 31  ? 14.920  12.122  -0.550  1.00 31.95 ? 1509 ASP A CA  1 
ATOM   204  C C   . ASP A 1 31  ? 15.902  12.370  -1.664  1.00 29.58 ? 1509 ASP A C   1 
ATOM   205  O O   . ASP A 1 31  ? 16.973  12.930  -1.433  1.00 32.69 ? 1509 ASP A O   1 
ATOM   206  C CB  . ASP A 1 31  ? 14.769  13.373  0.317   1.00 27.00 ? 1509 ASP A CB  1 
ATOM   207  C CG  . ASP A 1 31  ? 14.141  14.526  -0.413  1.00 34.27 ? 1509 ASP A CG  1 
ATOM   208  O OD1 . ASP A 1 31  ? 13.958  14.447  -1.611  1.00 29.26 ? 1509 ASP A OD1 1 
ATOM   209  O OD2 . ASP A 1 31  ? 13.853  15.515  0.229   1.00 33.45 ? 1509 ASP A OD2 1 
ATOM   210  N N   . VAL A 1 32  ? 15.571  11.946  -2.850  1.00 23.23 ? 1510 VAL A N   1 
ATOM   211  C CA  . VAL A 1 32  ? 16.473  12.017  -3.953  1.00 21.98 ? 1510 VAL A CA  1 
ATOM   212  C C   . VAL A 1 32  ? 16.458  13.420  -4.618  1.00 25.70 ? 1510 VAL A C   1 
ATOM   213  O O   . VAL A 1 32  ? 17.197  13.655  -5.526  1.00 21.43 ? 1510 VAL A O   1 
ATOM   214  C CB  . VAL A 1 32  ? 16.102  10.933  -5.017  1.00 29.03 ? 1510 VAL A CB  1 
ATOM   215  C CG1 . VAL A 1 32  ? 16.797  11.122  -6.240  1.00 29.65 ? 1510 VAL A CG1 1 
ATOM   216  C CG2 . VAL A 1 32  ? 16.336  9.567   -4.527  1.00 26.95 ? 1510 VAL A CG2 1 
ATOM   217  N N   . GLY A 1 33  ? 15.599  14.309  -4.132  1.00 23.30 ? 1511 GLY A N   1 
ATOM   218  C CA  . GLY A 1 33  ? 15.451  15.652  -4.659  1.00 20.88 ? 1511 GLY A CA  1 
ATOM   219  C C   . GLY A 1 33  ? 14.433  15.925  -5.743  1.00 26.05 ? 1511 GLY A C   1 
ATOM   220  O O   . GLY A 1 33  ? 14.045  15.065  -6.468  1.00 22.28 ? 1511 GLY A O   1 
ATOM   221  N N   . ALA A 1 34  ? 14.017  17.167  -5.862  1.00 20.40 ? 1512 ALA A N   1 
ATOM   222  C CA  . ALA A 1 34  ? 13.087  17.580  -6.879  1.00 21.17 ? 1512 ALA A CA  1 
ATOM   223  C C   . ALA A 1 34  ? 11.842  16.723  -6.990  1.00 27.43 ? 1512 ALA A C   1 
ATOM   224  O O   . ALA A 1 34  ? 11.399  16.453  -8.057  1.00 25.14 ? 1512 ALA A O   1 
ATOM   225  C CB  . ALA A 1 34  ? 13.755  17.756  -8.246  1.00 17.72 ? 1512 ALA A CB  1 
ATOM   226  N N   . GLY A 1 35  ? 11.302  16.326  -5.874  1.00 24.37 ? 1513 GLY A N   1 
ATOM   227  C CA  . GLY A 1 35  ? 10.076  15.575  -5.892  1.00 36.47 ? 1513 GLY A CA  1 
ATOM   228  C C   . GLY A 1 35  ? 10.238  14.080  -5.971  1.00 26.71 ? 1513 GLY A C   1 
ATOM   229  O O   . GLY A 1 35  ? 9.307   13.389  -6.094  1.00 28.03 ? 1513 GLY A O   1 
ATOM   230  N N   . LYS A 1 36  ? 11.431  13.588  -5.851  1.00 28.95 ? 1514 LYS A N   1 
ATOM   231  C CA  . LYS A 1 36  ? 11.717  12.183  -5.973  1.00 26.35 ? 1514 LYS A CA  1 
ATOM   232  C C   . LYS A 1 36  ? 12.255  11.555  -4.734  1.00 27.78 ? 1514 LYS A C   1 
ATOM   233  O O   . LYS A 1 36  ? 12.959  12.176  -4.024  1.00 25.50 ? 1514 LYS A O   1 
ATOM   234  C CB  . LYS A 1 36  ? 12.698  11.963  -7.082  1.00 25.04 ? 1514 LYS A CB  1 
ATOM   235  C CG  . LYS A 1 36  ? 12.002  11.931  -8.368  1.00 31.75 ? 1514 LYS A CG  1 
ATOM   236  C CD  . LYS A 1 36  ? 12.747  11.183  -9.364  1.00 38.45 ? 1514 LYS A CD  1 
ATOM   237  C CE  . LYS A 1 36  ? 12.699  11.904  -10.644 1.00 45.45 ? 1514 LYS A CE  1 
ATOM   238  N NZ  . LYS A 1 36  ? 13.316  11.186  -11.748 1.00 48.63 ? 1514 LYS A NZ  1 
ATOM   239  N N   . TYR A 1 37  ? 11.971  10.282  -4.526  1.00 23.85 ? 1515 TYR A N   1 
ATOM   240  C CA  . TYR A 1 37  ? 12.226  9.600   -3.277  1.00 23.72 ? 1515 TYR A CA  1 
ATOM   241  C C   . TYR A 1 37  ? 12.667  8.184   -3.529  1.00 27.19 ? 1515 TYR A C   1 
ATOM   242  O O   . TYR A 1 37  ? 12.042  7.541   -4.317  1.00 35.10 ? 1515 TYR A O   1 
ATOM   243  C CB  . TYR A 1 37  ? 10.963  9.605   -2.418  1.00 21.46 ? 1515 TYR A CB  1 
ATOM   244  C CG  . TYR A 1 37  ? 10.533  10.972  -2.004  1.00 22.61 ? 1515 TYR A CG  1 
ATOM   245  C CD1 . TYR A 1 37  ? 11.123  11.589  -0.927  1.00 23.12 ? 1515 TYR A CD1 1 
ATOM   246  C CD2 . TYR A 1 37  ? 9.585   11.655  -2.701  1.00 17.57 ? 1515 TYR A CD2 1 
ATOM   247  C CE1 . TYR A 1 37  ? 10.782  12.795  -0.576  1.00 24.07 ? 1515 TYR A CE1 1 
ATOM   248  C CE2 . TYR A 1 37  ? 9.239   12.869  -2.348  1.00 21.42 ? 1515 TYR A CE2 1 
ATOM   249  C CZ  . TYR A 1 37  ? 9.824   13.456  -1.283  1.00 27.48 ? 1515 TYR A CZ  1 
ATOM   250  O OH  . TYR A 1 37  ? 9.483   14.718  -0.916  1.00 27.53 ? 1515 TYR A OH  1 
ATOM   251  N N   . LYS A 1 38  ? 13.708  7.697   -2.870  1.00 21.84 ? 1516 LYS A N   1 
ATOM   252  C CA  . LYS A 1 38  ? 14.105  6.285   -2.939  1.00 22.08 ? 1516 LYS A CA  1 
ATOM   253  C C   . LYS A 1 38  ? 13.247  5.434   -2.015  1.00 20.16 ? 1516 LYS A C   1 
ATOM   254  O O   . LYS A 1 38  ? 13.020  5.780   -0.904  1.00 19.26 ? 1516 LYS A O   1 
ATOM   255  C CB  . LYS A 1 38  ? 15.590  6.030   -2.647  1.00 25.44 ? 1516 LYS A CB  1 
ATOM   256  C CG  . LYS A 1 38  ? 15.996  4.589   -2.916  1.00 35.40 ? 1516 LYS A CG  1 
ATOM   257  C CD  . LYS A 1 38  ? 17.348  4.180   -2.368  1.00 45.53 ? 1516 LYS A CD  1 
ATOM   258  C CE  . LYS A 1 38  ? 17.544  2.628   -2.355  1.00 63.50 ? 1516 LYS A CE  1 
ATOM   259  N NZ  . LYS A 1 38  ? 16.638  1.843   -1.414  1.00 41.69 ? 1516 LYS A NZ  1 
ATOM   260  N N   . LEU A 1 39  ? 12.765  4.331   -2.543  1.00 23.96 ? 1517 LEU A N   1 
ATOM   261  C CA  . LEU A 1 39  ? 11.851  3.502   -1.801  1.00 25.68 ? 1517 LEU A CA  1 
ATOM   262  C C   . LEU A 1 39  ? 12.368  2.087   -1.620  1.00 26.48 ? 1517 LEU A C   1 
ATOM   263  O O   . LEU A 1 39  ? 12.807  1.466   -2.537  1.00 25.08 ? 1517 LEU A O   1 
ATOM   264  C CB  . LEU A 1 39  ? 10.512  3.471   -2.493  1.00 26.91 ? 1517 LEU A CB  1 
ATOM   265  C CG  . LEU A 1 39  ? 9.431   4.113   -1.652  1.00 36.34 ? 1517 LEU A CG  1 
ATOM   266  C CD1 . LEU A 1 39  ? 8.757   5.255   -2.262  1.00 37.01 ? 1517 LEU A CD1 1 
ATOM   267  C CD2 . LEU A 1 39  ? 8.522   3.163   -1.040  1.00 31.88 ? 1517 LEU A CD2 1 
ATOM   268  N N   . LEU A 1 40  ? 12.253  1.574   -0.423  1.00 23.03 ? 1518 LEU A N   1 
ATOM   269  C CA  . LEU A 1 40  ? 12.526  0.186   -0.190  1.00 22.78 ? 1518 LEU A CA  1 
ATOM   270  C C   . LEU A 1 40  ? 11.189  -0.485  0.054   1.00 25.16 ? 1518 LEU A C   1 
ATOM   271  O O   . LEU A 1 40  ? 10.541  -0.244  1.016   1.00 20.76 ? 1518 LEU A O   1 
ATOM   272  C CB  . LEU A 1 40  ? 13.490  -0.011  0.968   1.00 28.13 ? 1518 LEU A CB  1 
ATOM   273  C CG  . LEU A 1 40  ? 13.753  -1.437  1.385   1.00 25.37 ? 1518 LEU A CG  1 
ATOM   274  C CD1 . LEU A 1 40  ? 14.684  -2.150  0.453   1.00 25.77 ? 1518 LEU A CD1 1 
ATOM   275  C CD2 . LEU A 1 40  ? 14.234  -1.491  2.757   1.00 28.76 ? 1518 LEU A CD2 1 
ATOM   276  N N   . PHE A 1 41  ? 10.741  -1.274  -0.899  1.00 20.33 ? 1519 PHE A N   1 
ATOM   277  C CA  . PHE A 1 41  ? 9.512   -1.961  -0.713  1.00 22.88 ? 1519 PHE A CA  1 
ATOM   278  C C   . PHE A 1 41  ? 9.670   -3.072  0.309   1.00 26.04 ? 1519 PHE A C   1 
ATOM   279  O O   . PHE A 1 41  ? 10.774  -3.538  0.544   1.00 24.36 ? 1519 PHE A O   1 
ATOM   280  C CB  . PHE A 1 41  ? 8.920   -2.461  -2.032  1.00 24.00 ? 1519 PHE A CB  1 
ATOM   281  C CG  . PHE A 1 41  ? 8.579   -1.378  -2.983  1.00 29.29 ? 1519 PHE A CG  1 
ATOM   282  C CD1 . PHE A 1 41  ? 7.311   -0.827  -3.017  1.00 24.65 ? 1519 PHE A CD1 1 
ATOM   283  C CD2 . PHE A 1 41  ? 9.519   -0.860  -3.798  1.00 32.24 ? 1519 PHE A CD2 1 
ATOM   284  C CE1 . PHE A 1 41  ? 6.999   0.139   -3.852  1.00 21.87 ? 1519 PHE A CE1 1 
ATOM   285  C CE2 . PHE A 1 41  ? 9.192   0.139   -4.657  1.00 29.54 ? 1519 PHE A CE2 1 
ATOM   286  C CZ  . PHE A 1 41  ? 7.908   0.631   -4.673  1.00 27.88 ? 1519 PHE A CZ  1 
ATOM   287  N N   . ASP A 1 42  ? 8.581   -3.513  0.901   1.00 19.40 ? 1520 ASP A N   1 
ATOM   288  C CA  . ASP A 1 42  ? 8.634   -4.520  1.929   1.00 19.09 ? 1520 ASP A CA  1 
ATOM   289  C C   . ASP A 1 42  ? 9.155   -5.850  1.403   1.00 24.86 ? 1520 ASP A C   1 
ATOM   290  O O   . ASP A 1 42  ? 9.575   -6.653  2.188   1.00 27.95 ? 1520 ASP A O   1 
ATOM   291  C CB  . ASP A 1 42  ? 7.311   -4.713  2.650   1.00 22.61 ? 1520 ASP A CB  1 
ATOM   292  C CG  . ASP A 1 42  ? 6.923   -3.543  3.489   1.00 27.51 ? 1520 ASP A CG  1 
ATOM   293  O OD1 . ASP A 1 42  ? 7.767   -2.726  3.783   1.00 21.50 ? 1520 ASP A OD1 1 
ATOM   294  O OD2 . ASP A 1 42  ? 5.790   -3.443  3.845   1.00 20.74 ? 1520 ASP A OD2 1 
ATOM   295  N N   . ASP A 1 43  ? 9.150   -6.064  0.086   1.00 26.16 ? 1521 ASP A N   1 
ATOM   296  C CA  . ASP A 1 43  ? 9.757   -7.275  -0.502  1.00 32.91 ? 1521 ASP A CA  1 
ATOM   297  C C   . ASP A 1 43  ? 11.251  -7.174  -0.742  1.00 40.08 ? 1521 ASP A C   1 
ATOM   298  O O   . ASP A 1 43  ? 11.932  -8.140  -1.037  1.00 33.57 ? 1521 ASP A O   1 
ATOM   299  C CB  . ASP A 1 43  ? 9.022   -7.816  -1.742  1.00 34.63 ? 1521 ASP A CB  1 
ATOM   300  C CG  . ASP A 1 43  ? 8.776   -6.790  -2.795  1.00 42.75 ? 1521 ASP A CG  1 
ATOM   301  O OD1 . ASP A 1 43  ? 9.447   -5.745  -2.808  1.00 30.91 ? 1521 ASP A OD1 1 
ATOM   302  O OD2 . ASP A 1 43  ? 7.882   -7.059  -3.629  1.00 39.22 ? 1521 ASP A OD2 1 
ATOM   303  N N   . GLY A 1 44  ? 11.734  -5.967  -0.626  1.00 32.03 ? 1522 GLY A N   1 
ATOM   304  C CA  . GLY A 1 44  ? 13.142  -5.714  -0.680  1.00 35.18 ? 1522 GLY A CA  1 
ATOM   305  C C   . GLY A 1 44  ? 13.588  -5.131  -1.982  1.00 30.00 ? 1522 GLY A C   1 
ATOM   306  O O   . GLY A 1 44  ? 14.724  -4.906  -2.179  1.00 31.62 ? 1522 GLY A O   1 
ATOM   307  N N   . TYR A 1 45  ? 12.645  -4.917  -2.886  1.00 30.27 ? 1523 TYR A N   1 
ATOM   308  C CA  . TYR A 1 45  ? 12.906  -4.206  -4.104  1.00 28.52 ? 1523 TYR A CA  1 
ATOM   309  C C   . TYR A 1 45  ? 13.134  -2.703  -3.825  1.00 31.67 ? 1523 TYR A C   1 
ATOM   310  O O   . TYR A 1 45  ? 12.546  -2.148  -2.966  1.00 25.11 ? 1523 TYR A O   1 
ATOM   311  C CB  . TYR A 1 45  ? 11.753  -4.394  -5.104  1.00 32.06 ? 1523 TYR A CB  1 
ATOM   312  C CG  . TYR A 1 45  ? 11.632  -5.745  -5.829  1.00 44.03 ? 1523 TYR A CG  1 
ATOM   313  C CD1 . TYR A 1 45  ? 11.626  -5.827  -7.221  1.00 46.30 ? 1523 TYR A CD1 1 
ATOM   314  C CD2 . TYR A 1 45  ? 11.504  -6.927  -5.133  1.00 43.08 ? 1523 TYR A CD2 1 
ATOM   315  C CE1 . TYR A 1 45  ? 11.517  -7.062  -7.872  1.00 50.93 ? 1523 TYR A CE1 1 
ATOM   316  C CE2 . TYR A 1 45  ? 11.396  -8.165  -5.778  1.00 46.07 ? 1523 TYR A CE2 1 
ATOM   317  C CZ  . TYR A 1 45  ? 11.366  -8.236  -7.133  1.00 50.45 ? 1523 TYR A CZ  1 
ATOM   318  O OH  . TYR A 1 45  ? 11.225  -9.473  -7.752  1.00 52.97 ? 1523 TYR A OH  1 
ATOM   319  N N   . GLU A 1 46  ? 13.941  -2.054  -4.603  1.00 36.83 ? 1524 GLU A N   1 
ATOM   320  C CA  . GLU A 1 46  ? 14.042  -0.623  -4.467  1.00 38.99 ? 1524 GLU A CA  1 
ATOM   321  C C   . GLU A 1 46  ? 13.959  0.035   -5.773  1.00 40.92 ? 1524 GLU A C   1 
ATOM   322  O O   . GLU A 1 46  ? 14.299  -0.506  -6.766  1.00 44.72 ? 1524 GLU A O   1 
ATOM   323  C CB  . GLU A 1 46  ? 15.326  -0.214  -3.839  1.00 35.30 ? 1524 GLU A CB  1 
ATOM   324  C CG  . GLU A 1 46  ? 15.746  -1.084  -2.755  1.00 39.23 ? 1524 GLU A CG  1 
ATOM   325  C CD  . GLU A 1 46  ? 17.101  -0.682  -2.225  1.00 54.17 ? 1524 GLU A CD  1 
ATOM   326  O OE1 . GLU A 1 46  ? 17.604  0.320   -2.723  1.00 57.79 ? 1524 GLU A OE1 1 
ATOM   327  O OE2 . GLU A 1 46  ? 17.677  -1.365  -1.361  1.00 62.23 ? 1524 GLU A OE2 1 
ATOM   328  N N   . CYS A 1 47  ? 13.542  1.274   -5.735  1.00 30.35 ? 1525 CYS A N   1 
ATOM   329  C CA  . CYS A 1 47  ? 13.580  2.135   -6.871  1.00 43.28 ? 1525 CYS A CA  1 
ATOM   330  C C   . CYS A 1 47  ? 13.309  3.554   -6.423  1.00 39.26 ? 1525 CYS A C   1 
ATOM   331  O O   . CYS A 1 47  ? 12.971  3.777   -5.290  1.00 31.59 ? 1525 CYS A O   1 
ATOM   332  C CB  . CYS A 1 47  ? 12.593  1.685   -7.922  1.00 38.09 ? 1525 CYS A CB  1 
ATOM   333  S SG  . CYS A 1 47  ? 10.950  1.859   -7.533  1.00 51.43 ? 1525 CYS A SG  1 
ATOM   334  N N   . ASP A 1 48  ? 13.492  4.496   -7.305  1.00 35.18 ? 1526 ASP A N   1 
ATOM   335  C CA  . ASP A 1 48  ? 13.086  5.860   -7.081  1.00 30.68 ? 1526 ASP A CA  1 
ATOM   336  C C   . ASP A 1 48  ? 11.632  6.045   -7.555  1.00 32.75 ? 1526 ASP A C   1 
ATOM   337  O O   . ASP A 1 48  ? 11.230  5.526   -8.561  1.00 31.13 ? 1526 ASP A O   1 
ATOM   338  C CB  . ASP A 1 48  ? 14.013  6.795   -7.843  1.00 35.32 ? 1526 ASP A CB  1 
ATOM   339  C CG  . ASP A 1 48  ? 15.429  6.793   -7.315  1.00 37.98 ? 1526 ASP A CG  1 
ATOM   340  O OD1 . ASP A 1 48  ? 15.727  6.207   -6.312  1.00 36.73 ? 1526 ASP A OD1 1 
ATOM   341  O OD2 . ASP A 1 48  ? 16.249  7.418   -7.914  1.00 44.61 ? 1526 ASP A OD2 1 
ATOM   342  N N   . VAL A 1 49  ? 10.855  6.796   -6.809  1.00 24.04 ? 1527 VAL A N   1 
ATOM   343  C CA  . VAL A 1 49  ? 9.470   6.993   -7.089  1.00 20.46 ? 1527 VAL A CA  1 
ATOM   344  C C   . VAL A 1 49  ? 9.153   8.483   -6.954  1.00 21.59 ? 1527 VAL A C   1 
ATOM   345  O O   . VAL A 1 49  ? 9.591   9.100   -6.056  1.00 20.39 ? 1527 VAL A O   1 
ATOM   346  C CB  . VAL A 1 49  ? 8.605   6.175   -6.089  1.00 20.30 ? 1527 VAL A CB  1 
ATOM   347  C CG1 . VAL A 1 49  ? 7.221   6.479   -6.207  1.00 20.37 ? 1527 VAL A CG1 1 
ATOM   348  C CG2 . VAL A 1 49  ? 8.854   4.739   -6.178  1.00 21.99 ? 1527 VAL A CG2 1 
ATOM   349  N N   . LEU A 1 50  ? 8.374   9.042   -7.833  1.00 21.08 ? 1528 LEU A N   1 
ATOM   350  C CA  . LEU A 1 50  ? 7.917   10.400  -7.671  1.00 18.01 ? 1528 LEU A CA  1 
ATOM   351  C C   . LEU A 1 50  ? 7.038   10.559  -6.440  1.00 21.24 ? 1528 LEU A C   1 
ATOM   352  O O   . LEU A 1 50  ? 6.248   9.725   -6.171  1.00 18.13 ? 1528 LEU A O   1 
ATOM   353  C CB  . LEU A 1 50  ? 7.097   10.788  -8.876  1.00 28.63 ? 1528 LEU A CB  1 
ATOM   354  C CG  . LEU A 1 50  ? 7.878   10.801  -10.165 1.00 39.53 ? 1528 LEU A CG  1 
ATOM   355  C CD1 . LEU A 1 50  ? 7.041   10.962  -11.320 1.00 33.03 ? 1528 LEU A CD1 1 
ATOM   356  C CD2 . LEU A 1 50  ? 8.937   11.775  -10.084 1.00 34.01 ? 1528 LEU A CD2 1 
ATOM   357  N N   . GLY A 1 51  ? 7.148   11.668  -5.749  1.00 26.18 ? 1529 GLY A N   1 
ATOM   358  C CA  . GLY A 1 51  ? 6.303   11.923  -4.620  1.00 25.09 ? 1529 GLY A CA  1 
ATOM   359  C C   . GLY A 1 51  ? 4.841   11.786  -4.950  1.00 27.38 ? 1529 GLY A C   1 
ATOM   360  O O   . GLY A 1 51  ? 4.096   11.356  -4.166  1.00 24.95 ? 1529 GLY A O   1 
ATOM   361  N N   . LYS A 1 52  ? 4.458   12.141  -6.161  1.00 27.48 ? 1530 LYS A N   1 
ATOM   362  C CA  . LYS A 1 52  ? 3.071   12.055  -6.575  1.00 30.06 ? 1530 LYS A CA  1 
ATOM   363  C C   . LYS A 1 52  ? 2.535   10.632  -6.693  1.00 24.34 ? 1530 LYS A C   1 
ATOM   364  O O   . LYS A 1 52  ? 1.374   10.448  -6.757  1.00 26.85 ? 1530 LYS A O   1 
ATOM   365  C CB  . LYS A 1 52  ? 2.850   12.775  -7.904  1.00 28.44 ? 1530 LYS A CB  1 
ATOM   366  C CG  . LYS A 1 52  ? 3.253   12.053  -9.145  1.00 33.93 ? 1530 LYS A CG  1 
ATOM   367  C CD  . LYS A 1 52  ? 2.345   12.461  -10.284 1.00 41.15 ? 1530 LYS A CD  1 
ATOM   368  C CE  . LYS A 1 52  ? 2.602   11.730  -11.546 1.00 40.74 ? 1530 LYS A CE  1 
ATOM   369  N NZ  . LYS A 1 52  ? 2.194   10.327  -11.626 1.00 47.32 ? 1530 LYS A NZ  1 
ATOM   370  N N   . ASP A 1 53  ? 3.394   9.654   -6.739  1.00 25.73 ? 1531 ASP A N   1 
ATOM   371  C CA  . ASP A 1 53  ? 2.979   8.267   -6.776  1.00 21.10 ? 1531 ASP A CA  1 
ATOM   372  C C   . ASP A 1 53  ? 3.143   7.557   -5.428  1.00 23.40 ? 1531 ASP A C   1 
ATOM   373  O O   . ASP A 1 53  ? 3.076   6.375   -5.345  1.00 19.86 ? 1531 ASP A O   1 
ATOM   374  C CB  . ASP A 1 53  ? 3.692   7.552   -7.898  1.00 22.46 ? 1531 ASP A CB  1 
ATOM   375  C CG  . ASP A 1 53  ? 3.273   8.072   -9.263  1.00 31.34 ? 1531 ASP A CG  1 
ATOM   376  O OD1 . ASP A 1 53  ? 2.130   8.475   -9.435  1.00 25.02 ? 1531 ASP A OD1 1 
ATOM   377  O OD2 . ASP A 1 53  ? 4.093   8.071   -10.130 1.00 27.01 ? 1531 ASP A OD2 1 
ATOM   378  N N   . ILE A 1 54  ? 3.304   8.326   -4.374  1.00 20.71 ? 1532 ILE A N   1 
ATOM   379  C CA  . ILE A 1 54  ? 3.528   7.821   -3.046  1.00 20.41 ? 1532 ILE A CA  1 
ATOM   380  C C   . ILE A 1 54  ? 2.396   8.220   -2.136  1.00 21.31 ? 1532 ILE A C   1 
ATOM   381  O O   . ILE A 1 54  ? 2.133   9.351   -2.003  1.00 20.83 ? 1532 ILE A O   1 
ATOM   382  C CB  . ILE A 1 54  ? 4.804   8.407   -2.452  1.00 19.53 ? 1532 ILE A CB  1 
ATOM   383  C CG1 . ILE A 1 54  ? 6.034   8.017   -3.253  1.00 19.40 ? 1532 ILE A CG1 1 
ATOM   384  C CG2 . ILE A 1 54  ? 4.937   8.044   -1.041  1.00 19.12 ? 1532 ILE A CG2 1 
ATOM   385  C CD1 . ILE A 1 54  ? 7.232   8.626   -2.768  1.00 21.07 ? 1532 ILE A CD1 1 
ATOM   386  N N   . LEU A 1 55  ? 1.774   7.270   -1.480  1.00 19.57 ? 1533 LEU A N   1 
ATOM   387  C CA  . LEU A 1 55  ? 0.600   7.514   -0.681  1.00 19.17 ? 1533 LEU A CA  1 
ATOM   388  C C   . LEU A 1 55  ? 0.953   7.368   0.763   1.00 19.32 ? 1533 LEU A C   1 
ATOM   389  O O   . LEU A 1 55  ? 1.423   6.358   1.170   1.00 15.92 ? 1533 LEU A O   1 
ATOM   390  C CB  . LEU A 1 55  ? -0.553  6.569   -1.020  1.00 14.94 ? 1533 LEU A CB  1 
ATOM   391  C CG  . LEU A 1 55  ? -1.131  6.639   -2.413  1.00 20.71 ? 1533 LEU A CG  1 
ATOM   392  C CD1 . LEU A 1 55  ? -1.883  5.440   -2.869  1.00 19.53 ? 1533 LEU A CD1 1 
ATOM   393  C CD2 . LEU A 1 55  ? -1.777  7.890   -2.727  1.00 13.56 ? 1533 LEU A CD2 1 
ATOM   394  N N   . LEU A 1 56  ? 0.714   8.415   1.490   1.00 19.87 ? 1534 LEU A N   1 
ATOM   395  C CA  . LEU A 1 56  ? 1.032   8.467   2.880   1.00 19.38 ? 1534 LEU A CA  1 
ATOM   396  C C   . LEU A 1 56  ? -0.011  7.787   3.760   1.00 24.78 ? 1534 LEU A C   1 
ATOM   397  O O   . LEU A 1 56  ? -0.547  8.387   4.647   1.00 37.87 ? 1534 LEU A O   1 
ATOM   398  C CB  . LEU A 1 56  ? 1.211   9.917   3.257   1.00 30.73 ? 1534 LEU A CB  1 
ATOM   399  C CG  . LEU A 1 56  ? 2.022   10.196  4.469   1.00 33.65 ? 1534 LEU A CG  1 
ATOM   400  C CD1 . LEU A 1 56  ? 3.380   9.668   4.250   1.00 32.59 ? 1534 LEU A CD1 1 
ATOM   401  C CD2 . LEU A 1 56  ? 2.011   11.686  4.644   1.00 35.18 ? 1534 LEU A CD2 1 
ATOM   402  N N   A CYS A 1 57  ? -0.318  6.534   3.504   0.64 25.81 ? 1535 CYS A N   1 
ATOM   403  N N   B CYS A 1 57  ? -0.240  6.508   3.481   0.36 25.73 ? 1535 CYS A N   1 
ATOM   404  C CA  A CYS A 1 57  ? -1.270  5.819   4.306   0.64 22.24 ? 1535 CYS A CA  1 
ATOM   405  C CA  B CYS A 1 57  ? -1.219  5.678   4.181   0.36 22.30 ? 1535 CYS A CA  1 
ATOM   406  C C   A CYS A 1 57  ? -0.748  4.526   4.905   0.64 21.47 ? 1535 CYS A C   1 
ATOM   407  C C   B CYS A 1 57  ? -0.558  4.503   4.891   0.36 21.53 ? 1535 CYS A C   1 
ATOM   408  O O   A CYS A 1 57  ? -0.564  3.556   4.204   0.64 21.60 ? 1535 CYS A O   1 
ATOM   409  O O   B CYS A 1 57  ? -0.104  3.555   4.249   0.36 21.95 ? 1535 CYS A O   1 
ATOM   410  C CB  A CYS A 1 57  ? -2.587  5.635   3.562   0.64 22.22 ? 1535 CYS A CB  1 
ATOM   411  C CB  B CYS A 1 57  ? -2.237  5.102   3.191   0.36 23.69 ? 1535 CYS A CB  1 
ATOM   412  S SG  A CYS A 1 57  ? -2.537  4.994   2.061   0.64 14.06 ? 1535 CYS A SG  1 
ATOM   413  S SG  B CYS A 1 57  ? -3.363  6.275   2.418   0.36 21.00 ? 1535 CYS A SG  1 
ATOM   414  N N   . ASP A 1 58  ? -0.587  4.542   6.219   1.00 18.63 ? 1536 ASP A N   1 
ATOM   415  C CA  . ASP A 1 58  ? -0.193  3.404   7.007   1.00 21.53 ? 1536 ASP A CA  1 
ATOM   416  C C   . ASP A 1 58  ? -1.072  3.423   8.228   1.00 22.33 ? 1536 ASP A C   1 
ATOM   417  O O   . ASP A 1 58  ? -0.854  4.197   9.081   1.00 20.75 ? 1536 ASP A O   1 
ATOM   418  C CB  . ASP A 1 58  ? 1.286   3.439   7.408   1.00 20.78 ? 1536 ASP A CB  1 
ATOM   419  C CG  . ASP A 1 58  ? 1.645   2.355   8.355   1.00 19.85 ? 1536 ASP A CG  1 
ATOM   420  O OD1 . ASP A 1 58  ? 1.130   1.300   8.187   1.00 27.11 ? 1536 ASP A OD1 1 
ATOM   421  O OD2 . ASP A 1 58  ? 2.488   2.507   9.232   1.00 26.55 ? 1536 ASP A OD2 1 
ATOM   422  N N   . PRO A 1 59  ? -2.160  2.658   8.232   1.00 20.91 ? 1537 PRO A N   1 
ATOM   423  C CA  . PRO A 1 59  ? -2.466  1.648   7.236   1.00 19.13 ? 1537 PRO A CA  1 
ATOM   424  C C   . PRO A 1 59  ? -3.279  2.188   6.063   1.00 18.69 ? 1537 PRO A C   1 
ATOM   425  O O   . PRO A 1 59  ? -3.646  3.299   6.111   1.00 19.47 ? 1537 PRO A O   1 
ATOM   426  C CB  . PRO A 1 59  ? -3.353  0.708   8.024   1.00 14.44 ? 1537 PRO A CB  1 
ATOM   427  C CG  . PRO A 1 59  ? -4.036  1.526   8.915   1.00 16.55 ? 1537 PRO A CG  1 
ATOM   428  C CD  . PRO A 1 59  ? -3.221  2.709   9.234   1.00 18.41 ? 1537 PRO A CD  1 
ATOM   429  N N   . ILE A 1 60  ? -3.575  1.373   5.080   1.00 18.02 ? 1538 ILE A N   1 
ATOM   430  C CA  . ILE A 1 60  ? -4.541  1.725   4.072   1.00 14.55 ? 1538 ILE A CA  1 
ATOM   431  C C   . ILE A 1 60  ? -5.911  1.950   4.755   1.00 18.27 ? 1538 ILE A C   1 
ATOM   432  O O   . ILE A 1 60  ? -6.232  1.268   5.663   1.00 16.13 ? 1538 ILE A O   1 
ATOM   433  C CB  . ILE A 1 60  ? -4.614  0.663   3.001   1.00 17.11 ? 1538 ILE A CB  1 
ATOM   434  C CG1 . ILE A 1 60  ? -3.245  0.449   2.350   1.00 17.18 ? 1538 ILE A CG1 1 
ATOM   435  C CG2 . ILE A 1 60  ? -5.500  1.052   2.001   1.00 13.33 ? 1538 ILE A CG2 1 
ATOM   436  C CD1 . ILE A 1 60  ? -3.137  -0.743  1.532   1.00 10.70 ? 1538 ILE A CD1 1 
ATOM   437  N N   . PRO A 1 61  ? -6.695  2.910   4.308   1.00 17.17 ? 1539 PRO A N   1 
ATOM   438  C CA  . PRO A 1 61  ? -7.837  3.370   5.089   1.00 19.71 ? 1539 PRO A CA  1 
ATOM   439  C C   . PRO A 1 61  ? -9.087  2.488   5.124   1.00 19.71 ? 1539 PRO A C   1 
ATOM   440  O O   . PRO A 1 61  ? -9.408  1.865   4.145   1.00 17.67 ? 1539 PRO A O   1 
ATOM   441  C CB  . PRO A 1 61  ? -8.142  4.716   4.446   1.00 21.90 ? 1539 PRO A CB  1 
ATOM   442  C CG  . PRO A 1 61  ? -6.980  5.135   3.886   1.00 19.07 ? 1539 PRO A CG  1 
ATOM   443  C CD  . PRO A 1 61  ? -6.309  3.945   3.367   1.00 19.73 ? 1539 PRO A CD  1 
ATOM   444  N N   . LEU A 1 62  ? -9.772  2.471   6.257   1.00 16.61 ? 1540 LEU A N   1 
ATOM   445  C CA  . LEU A 1 62  ? -11.057 1.821   6.345   1.00 18.87 ? 1540 LEU A CA  1 
ATOM   446  C C   . LEU A 1 62  ? -11.975 2.246   5.190   1.00 18.38 ? 1540 LEU A C   1 
ATOM   447  O O   . LEU A 1 62  ? -11.952 3.347   4.787   1.00 17.44 ? 1540 LEU A O   1 
ATOM   448  C CB  . LEU A 1 62  ? -11.765 2.113   7.671   1.00 14.14 ? 1540 LEU A CB  1 
ATOM   449  C CG  . LEU A 1 62  ? -11.264 1.546   8.994   1.00 14.50 ? 1540 LEU A CG  1 
ATOM   450  C CD1 . LEU A 1 62  ? -11.983 2.096   10.163  1.00 17.63 ? 1540 LEU A CD1 1 
ATOM   451  C CD2 . LEU A 1 62  ? -11.334 0.106   9.000   1.00 15.84 ? 1540 LEU A CD2 1 
ATOM   452  N N   . ASP A 1 63  ? -12.741 1.327   4.688   1.00 18.72 ? 1541 ASP A N   1 
ATOM   453  C CA  . ASP A 1 63  ? -13.696 1.601   3.629   1.00 19.79 ? 1541 ASP A CA  1 
ATOM   454  C C   . ASP A 1 63  ? -13.114 1.804   2.230   1.00 24.24 ? 1541 ASP A C   1 
ATOM   455  O O   . ASP A 1 63  ? -13.825 2.101   1.323   1.00 31.44 ? 1541 ASP A O   1 
ATOM   456  C CB  . ASP A 1 63  ? -14.633 2.711   4.037   1.00 26.28 ? 1541 ASP A CB  1 
ATOM   457  C CG  . ASP A 1 63  ? -15.568 2.304   5.180   1.00 30.00 ? 1541 ASP A CG  1 
ATOM   458  O OD1 . ASP A 1 63  ? -16.197 1.271   5.097   1.00 29.24 ? 1541 ASP A OD1 1 
ATOM   459  O OD2 . ASP A 1 63  ? -15.628 3.029   6.165   1.00 35.64 ? 1541 ASP A OD2 1 
ATOM   460  N N   . THR A 1 64  ? -11.809 1.662   2.085   1.00 22.20 ? 1542 THR A N   1 
ATOM   461  C CA  . THR A 1 64  ? -11.076 1.715   0.813   1.00 22.56 ? 1542 THR A CA  1 
ATOM   462  C C   . THR A 1 64  ? -11.250 0.416   0.009   1.00 21.25 ? 1542 THR A C   1 
ATOM   463  O O   . THR A 1 64  ? -11.234 -0.645  0.556   1.00 16.26 ? 1542 THR A O   1 
ATOM   464  C CB  . THR A 1 64  ? -9.537  1.874   1.048   1.00 12.59 ? 1542 THR A CB  1 
ATOM   465  O OG1 . THR A 1 64  ? -9.247  3.021   1.785   1.00 21.15 ? 1542 THR A OG1 1 
ATOM   466  C CG2 . THR A 1 64  ? -8.731  1.922   -0.225  1.00 25.33 ? 1542 THR A CG2 1 
ATOM   467  N N   . GLU A 1 65  ? -11.423 0.514   -1.301  1.00 19.62 ? 1543 GLU A N   1 
ATOM   468  C CA  . GLU A 1 65  ? -11.333 -0.644  -2.169  1.00 22.11 ? 1543 GLU A CA  1 
ATOM   469  C C   . GLU A 1 65  ? -9.849  -1.018  -2.397  1.00 17.52 ? 1543 GLU A C   1 
ATOM   470  O O   . GLU A 1 65  ? -9.092  -0.209  -2.833  1.00 15.81 ? 1543 GLU A O   1 
ATOM   471  C CB  . GLU A 1 65  ? -12.032 -0.422  -3.509  1.00 26.59 ? 1543 GLU A CB  1 
ATOM   472  C CG  . GLU A 1 65  ? -12.298 -1.721  -4.291  1.00 29.92 ? 1543 GLU A CG  1 
ATOM   473  C CD  . GLU A 1 65  ? -12.561 -1.528  -5.770  1.00 35.54 ? 1543 GLU A CD  1 
ATOM   474  O OE1 . GLU A 1 65  ? -13.683 -1.253  -6.105  1.00 50.57 ? 1543 GLU A OE1 1 
ATOM   475  O OE2 . GLU A 1 65  ? -11.687 -1.649  -6.581  1.00 32.90 ? 1543 GLU A OE2 1 
ATOM   476  N N   . VAL A 1 66  ? -9.493  -2.228  -2.091  1.00 14.91 ? 1544 VAL A N   1 
ATOM   477  C CA  . VAL A 1 66  ? -8.146  -2.714  -2.296  1.00 16.44 ? 1544 VAL A CA  1 
ATOM   478  C C   . VAL A 1 66  ? -8.077  -4.000  -3.158  1.00 16.03 ? 1544 VAL A C   1 
ATOM   479  O O   . VAL A 1 66  ? -9.074  -4.518  -3.521  1.00 17.82 ? 1544 VAL A O   1 
ATOM   480  C CB  . VAL A 1 66  ? -7.423  -2.970  -0.942  1.00 11.98 ? 1544 VAL A CB  1 
ATOM   481  C CG1 . VAL A 1 66  ? -7.326  -1.780  -0.142  1.00 11.96 ? 1544 VAL A CG1 1 
ATOM   482  C CG2 . VAL A 1 66  ? -8.047  -4.087  -0.187  1.00 16.62 ? 1544 VAL A CG2 1 
ATOM   483  N N   . THR A 1 67  ? -6.878  -4.509  -3.350  1.00 9.77  ? 1545 THR A N   1 
ATOM   484  C CA  . THR A 1 67  ? -6.653  -5.758  -4.027  1.00 12.46 ? 1545 THR A CA  1 
ATOM   485  C C   . THR A 1 67  ? -6.052  -6.770  -3.053  1.00 16.71 ? 1545 THR A C   1 
ATOM   486  O O   . THR A 1 67  ? -5.001  -6.528  -2.483  1.00 15.07 ? 1545 THR A O   1 
ATOM   487  C CB  . THR A 1 67  ? -5.790  -5.585  -5.327  1.00 11.88 ? 1545 THR A CB  1 
ATOM   488  O OG1 . THR A 1 67  ? -6.478  -4.752  -6.246  1.00 15.22 ? 1545 THR A OG1 1 
ATOM   489  C CG2 . THR A 1 67  ? -5.548  -6.882  -5.968  1.00 15.65 ? 1545 THR A CG2 1 
ATOM   490  N N   . ALA A 1 68  ? -6.749  -7.859  -2.849  1.00 12.35 ? 1546 ALA A N   1 
ATOM   491  C CA  . ALA A 1 68  ? -6.300  -8.906  -1.912  1.00 18.16 ? 1546 ALA A CA  1 
ATOM   492  C C   . ALA A 1 68  ? -5.601  -10.066 -2.592  1.00 19.94 ? 1546 ALA A C   1 
ATOM   493  O O   . ALA A 1 68  ? -6.040  -10.488 -3.607  1.00 15.08 ? 1546 ALA A O   1 
ATOM   494  C CB  . ALA A 1 68  ? -7.437  -9.403  -1.097  1.00 14.13 ? 1546 ALA A CB  1 
ATOM   495  N N   . LEU A 1 69  ? -4.526  -10.571 -1.998  1.00 18.21 ? 1547 LEU A N   1 
ATOM   496  C CA  . LEU A 1 69  ? -3.745  -11.622 -2.577  1.00 18.30 ? 1547 LEU A CA  1 
ATOM   497  C C   . LEU A 1 69  ? -3.911  -12.976 -1.884  1.00 25.22 ? 1547 LEU A C   1 
ATOM   498  O O   . LEU A 1 69  ? -3.632  -13.087 -0.736  1.00 18.78 ? 1547 LEU A O   1 
ATOM   499  C CB  . LEU A 1 69  ? -2.260  -11.252 -2.546  1.00 18.56 ? 1547 LEU A CB  1 
ATOM   500  C CG  . LEU A 1 69  ? -1.666  -10.278 -3.536  1.00 29.85 ? 1547 LEU A CG  1 
ATOM   501  C CD1 . LEU A 1 69  ? -2.556  -9.190  -3.757  1.00 25.40 ? 1547 LEU A CD1 1 
ATOM   502  C CD2 . LEU A 1 69  ? -0.317  -9.809  -3.193  1.00 21.68 ? 1547 LEU A CD2 1 
ATOM   503  N N   . SER A 1 70  ? -4.373  -13.969 -2.605  1.00 18.58 ? 1548 SER A N   1 
ATOM   504  C CA  . SER A 1 70  ? -4.376  -15.310 -2.079  1.00 25.21 ? 1548 SER A CA  1 
ATOM   505  C C   . SER A 1 70  ? -3.013  -16.025 -2.210  1.00 22.61 ? 1548 SER A C   1 
ATOM   506  O O   . SER A 1 70  ? -2.143  -15.576 -2.881  1.00 24.83 ? 1548 SER A O   1 
ATOM   507  C CB  . SER A 1 70  ? -5.502  -16.144 -2.669  1.00 22.61 ? 1548 SER A CB  1 
ATOM   508  O OG  . SER A 1 70  ? -5.098  -16.672 -3.887  1.00 32.53 ? 1548 SER A OG  1 
ATOM   509  N N   . GLU A 1 71  ? -2.868  -17.141 -1.540  1.00 30.66 ? 1549 GLU A N   1 
ATOM   510  C CA  . GLU A 1 71  ? -1.573  -17.768 -1.539  1.00 32.20 ? 1549 GLU A CA  1 
ATOM   511  C C   . GLU A 1 71  ? -1.228  -18.498 -2.818  1.00 33.10 ? 1549 GLU A C   1 
ATOM   512  O O   . GLU A 1 71  ? -0.080  -18.607 -3.143  1.00 34.63 ? 1549 GLU A O   1 
ATOM   513  C CB  . GLU A 1 71  ? -1.242  -18.594 -0.279  1.00 47.79 ? 1549 GLU A CB  1 
ATOM   514  C CG  . GLU A 1 71  ? -2.298  -19.345 0.361   1.00 48.81 ? 1549 GLU A CG  1 
ATOM   515  C CD  . GLU A 1 71  ? -1.741  -20.449 1.202   1.00 70.08 ? 1549 GLU A CD  1 
ATOM   516  O OE1 . GLU A 1 71  ? -0.609  -20.297 1.703   1.00 81.57 ? 1549 GLU A OE1 1 
ATOM   517  O OE2 . GLU A 1 71  ? -2.390  -21.491 1.336   1.00 74.65 ? 1549 GLU A OE2 1 
ATOM   518  N N   . ASP A 1 72  ? -2.222  -18.906 -3.571  1.00 21.32 ? 1550 ASP A N   1 
ATOM   519  C CA  . ASP A 1 72  ? -1.971  -19.585 -4.829  1.00 27.65 ? 1550 ASP A CA  1 
ATOM   520  C C   . ASP A 1 72  ? -1.949  -18.589 -6.032  1.00 29.86 ? 1550 ASP A C   1 
ATOM   521  O O   . ASP A 1 72  ? -2.211  -18.941 -7.160  1.00 29.15 ? 1550 ASP A O   1 
ATOM   522  C CB  . ASP A 1 72  ? -2.986  -20.714 -5.018  1.00 25.20 ? 1550 ASP A CB  1 
ATOM   523  C CG  . ASP A 1 72  ? -4.367  -20.337 -4.591  1.00 32.01 ? 1550 ASP A CG  1 
ATOM   524  O OD1 . ASP A 1 72  ? -4.511  -19.278 -4.026  1.00 35.39 ? 1550 ASP A OD1 1 
ATOM   525  O OD2 . ASP A 1 72  ? -5.312  -21.085 -4.836  1.00 36.47 ? 1550 ASP A OD2 1 
ATOM   526  N N   . GLU A 1 73  ? -1.662  -17.342 -5.740  1.00 24.12 ? 1551 GLU A N   1 
ATOM   527  C CA  . GLU A 1 73  ? -1.509  -16.284 -6.710  1.00 31.51 ? 1551 GLU A CA  1 
ATOM   528  C C   . GLU A 1 73  ? -2.796  -15.881 -7.452  1.00 30.23 ? 1551 GLU A C   1 
ATOM   529  O O   . GLU A 1 73  ? -2.790  -15.545 -8.618  1.00 30.87 ? 1551 GLU A O   1 
ATOM   530  C CB  . GLU A 1 73  ? -0.418  -16.606 -7.711  1.00 33.90 ? 1551 GLU A CB  1 
ATOM   531  C CG  . GLU A 1 73  ? 0.929   -16.833 -7.137  1.00 30.83 ? 1551 GLU A CG  1 
ATOM   532  C CD  . GLU A 1 73  ? 1.877   -17.292 -8.178  1.00 43.51 ? 1551 GLU A CD  1 
ATOM   533  O OE1 . GLU A 1 73  ? 1.768   -18.402 -8.658  1.00 46.76 ? 1551 GLU A OE1 1 
ATOM   534  O OE2 . GLU A 1 73  ? 2.726   -16.533 -8.573  1.00 52.27 ? 1551 GLU A OE2 1 
ATOM   535  N N   . TYR A 1 74  ? -3.897  -15.887 -6.758  1.00 21.23 ? 1552 TYR A N   1 
ATOM   536  C CA  . TYR A 1 74  ? -5.103  -15.299 -7.273  1.00 22.83 ? 1552 TYR A CA  1 
ATOM   537  C C   . TYR A 1 74  ? -5.243  -13.934 -6.644  1.00 19.26 ? 1552 TYR A C   1 
ATOM   538  O O   . TYR A 1 74  ? -4.680  -13.700 -5.611  1.00 23.67 ? 1552 TYR A O   1 
ATOM   539  C CB  . TYR A 1 74  ? -6.301  -16.196 -7.018  1.00 16.95 ? 1552 TYR A CB  1 
ATOM   540  C CG  . TYR A 1 74  ? -6.285  -17.449 -7.856  1.00 23.54 ? 1552 TYR A CG  1 
ATOM   541  C CD1 . TYR A 1 74  ? -6.825  -17.472 -9.111  1.00 23.46 ? 1552 TYR A CD1 1 
ATOM   542  C CD2 . TYR A 1 74  ? -5.694  -18.594 -7.404  1.00 22.19 ? 1552 TYR A CD2 1 
ATOM   543  C CE1 . TYR A 1 74  ? -6.792  -18.586 -9.875  1.00 23.35 ? 1552 TYR A CE1 1 
ATOM   544  C CE2 . TYR A 1 74  ? -5.669  -19.719 -8.174  1.00 25.75 ? 1552 TYR A CE2 1 
ATOM   545  C CZ  . TYR A 1 74  ? -6.204  -19.716 -9.411  1.00 22.80 ? 1552 TYR A CZ  1 
ATOM   546  O OH  . TYR A 1 74  ? -6.157  -20.827 -10.177 1.00 22.59 ? 1552 TYR A OH  1 
ATOM   547  N N   A PHE A 1 75  ? -6.000  -13.067 -7.248  0.58 14.91 ? 1553 PHE A N   1 
ATOM   548  N N   B PHE A 1 75  ? -5.995  -13.054 -7.297  0.42 14.97 ? 1553 PHE A N   1 
ATOM   549  C CA  A PHE A 1 75  ? -6.340  -11.842 -6.608  0.58 16.09 ? 1553 PHE A CA  1 
ATOM   550  C CA  B PHE A 1 75  ? -6.269  -11.698 -6.810  0.42 15.90 ? 1553 PHE A CA  1 
ATOM   551  C C   A PHE A 1 75  ? -7.753  -11.367 -6.883  0.58 18.38 ? 1553 PHE A C   1 
ATOM   552  C C   B PHE A 1 75  ? -7.769  -11.411 -6.854  0.42 18.41 ? 1553 PHE A C   1 
ATOM   553  O O   A PHE A 1 75  ? -8.415  -11.905 -7.744  0.58 16.07 ? 1553 PHE A O   1 
ATOM   554  O O   B PHE A 1 75  ? -8.512  -12.075 -7.585  0.42 16.28 ? 1553 PHE A O   1 
ATOM   555  C CB  A PHE A 1 75  ? -5.260  -10.802 -6.760  0.58 15.94 ? 1553 PHE A CB  1 
ATOM   556  C CB  B PHE A 1 75  ? -5.540  -10.661 -7.669  0.42 17.83 ? 1553 PHE A CB  1 
ATOM   557  C CG  A PHE A 1 75  ? -4.916  -10.507 -8.129  0.58 17.33 ? 1553 PHE A CG  1 
ATOM   558  C CG  B PHE A 1 75  ? -4.062  -10.887 -7.772  0.42 17.37 ? 1553 PHE A CG  1 
ATOM   559  C CD1 A PHE A 1 75  ? -4.129  -11.355 -8.850  0.58 17.13 ? 1553 PHE A CD1 1 
ATOM   560  C CD1 B PHE A 1 75  ? -3.183  -10.161 -6.994  0.42 18.28 ? 1553 PHE A CD1 1 
ATOM   561  C CD2 A PHE A 1 75  ? -5.388  -9.345  -8.720  0.58 14.62 ? 1553 PHE A CD2 1 
ATOM   562  C CD2 B PHE A 1 75  ? -3.544  -11.821 -8.662  0.42 17.41 ? 1553 PHE A CD2 1 
ATOM   563  C CE1 A PHE A 1 75  ? -3.864  -11.062 -10.172 0.58 18.35 ? 1553 PHE A CE1 1 
ATOM   564  C CE1 B PHE A 1 75  ? -1.813  -10.364 -7.096  0.42 18.55 ? 1553 PHE A CE1 1 
ATOM   565  C CE2 A PHE A 1 75  ? -5.125  -9.018  -10.024 0.58 14.74 ? 1553 PHE A CE2 1 
ATOM   566  C CE2 B PHE A 1 75  ? -2.179  -12.029 -8.760  0.42 17.22 ? 1553 PHE A CE2 1 
ATOM   567  C CZ  A PHE A 1 75  ? -4.345  -9.877  -10.761 0.58 17.89 ? 1553 PHE A CZ  1 
ATOM   568  C CZ  B PHE A 1 75  ? -1.316  -11.304 -7.976  0.42 22.00 ? 1553 PHE A CZ  1 
ATOM   569  N N   . SER A 1 76  ? -8.218  -10.439 -6.076  1.00 12.87 ? 1554 SER A N   1 
ATOM   570  C CA  . SER A 1 76  ? -9.587  -9.993  -6.126  1.00 16.26 ? 1554 SER A CA  1 
ATOM   571  C C   . SER A 1 76  ? -9.714  -8.623  -5.456  1.00 18.38 ? 1554 SER A C   1 
ATOM   572  O O   . SER A 1 76  ? -8.871  -8.284  -4.693  1.00 17.64 ? 1554 SER A O   1 
ATOM   573  C CB  . SER A 1 76  ? -10.466 -11.039 -5.419  1.00 16.85 ? 1554 SER A CB  1 
ATOM   574  O OG  . SER A 1 76  ? -10.128 -11.119 -4.107  1.00 15.00 ? 1554 SER A OG  1 
ATOM   575  N N   . ALA A 1 77  ? -10.736 -7.880  -5.746  1.00 13.51 ? 1555 ALA A N   1 
ATOM   576  C CA  . ALA A 1 77  ? -11.001 -6.675  -5.032  1.00 13.53 ? 1555 ALA A CA  1 
ATOM   577  C C   . ALA A 1 77  ? -11.765 -6.986  -3.752  1.00 15.86 ? 1555 ALA A C   1 
ATOM   578  O O   . ALA A 1 77  ? -12.374 -7.996  -3.631  1.00 18.92 ? 1555 ALA A O   1 
ATOM   579  C CB  . ALA A 1 77  ? -11.789 -5.743  -5.878  1.00 15.61 ? 1555 ALA A CB  1 
ATOM   580  N N   . GLY A 1 78  ? -11.697 -6.076  -2.812  1.00 18.96 ? 1556 GLY A N   1 
ATOM   581  C CA  . GLY A 1 78  ? -12.341 -6.193  -1.531  1.00 13.18 ? 1556 GLY A CA  1 
ATOM   582  C C   . GLY A 1 78  ? -12.331 -4.832  -0.843  1.00 17.55 ? 1556 GLY A C   1 
ATOM   583  O O   . GLY A 1 78  ? -11.667 -3.951  -1.287  1.00 13.81 ? 1556 GLY A O   1 
ATOM   584  N N   . VAL A 1 79  ? -13.096 -4.660  0.219   1.00 17.38 ? 1557 VAL A N   1 
ATOM   585  C CA  . VAL A 1 79  ? -13.196 -3.416  0.939   1.00 18.04 ? 1557 VAL A CA  1 
ATOM   586  C C   . VAL A 1 79  ? -12.668 -3.585  2.365   1.00 14.27 ? 1557 VAL A C   1 
ATOM   587  O O   . VAL A 1 79  ? -13.020 -4.484  3.013   1.00 12.33 ? 1557 VAL A O   1 
ATOM   588  C CB  . VAL A 1 79  ? -14.647 -2.890  0.993   1.00 20.37 ? 1557 VAL A CB  1 
ATOM   589  C CG1 . VAL A 1 79  ? -14.734 -1.660  1.797   1.00 19.05 ? 1557 VAL A CG1 1 
ATOM   590  C CG2 . VAL A 1 79  ? -15.204 -2.681  -0.377  1.00 24.98 ? 1557 VAL A CG2 1 
ATOM   591  N N   . VAL A 1 80  ? -11.822 -2.685  2.807   1.00 12.94 ? 1558 VAL A N   1 
ATOM   592  C CA  . VAL A 1 80  ? -11.231 -2.744  4.124   1.00 15.87 ? 1558 VAL A CA  1 
ATOM   593  C C   . VAL A 1 80  ? -12.269 -2.461  5.160   1.00 18.83 ? 1558 VAL A C   1 
ATOM   594  O O   . VAL A 1 80  ? -12.834 -1.419  5.140   1.00 16.49 ? 1558 VAL A O   1 
ATOM   595  C CB  . VAL A 1 80  ? -10.025 -1.751  4.318   1.00 16.05 ? 1558 VAL A CB  1 
ATOM   596  C CG1 . VAL A 1 80  ? -9.436  -1.850  5.722   1.00 15.64 ? 1558 VAL A CG1 1 
ATOM   597  C CG2 . VAL A 1 80  ? -8.966  -1.984  3.276   1.00 18.47 ? 1558 VAL A CG2 1 
ATOM   598  N N   . LYS A 1 81  ? -12.528 -3.406  6.026   1.00 16.68 ? 1559 LYS A N   1 
ATOM   599  C CA  . LYS A 1 81  ? -13.531 -3.231  7.074   1.00 16.99 ? 1559 LYS A CA  1 
ATOM   600  C C   . LYS A 1 81  ? -12.911 -3.159  8.481   1.00 19.32 ? 1559 LYS A C   1 
ATOM   601  O O   . LYS A 1 81  ? -13.561 -2.775  9.361   1.00 18.03 ? 1559 LYS A O   1 
ATOM   602  C CB  . LYS A 1 81  ? -14.652 -4.274  7.029   1.00 16.34 ? 1559 LYS A CB  1 
ATOM   603  C CG  . LYS A 1 81  ? -15.602 -4.200  5.813   1.00 17.55 ? 1559 LYS A CG  1 
ATOM   604  C CD  . LYS A 1 81  ? -16.165 -2.878  5.650   1.00 22.58 ? 1559 LYS A CD  1 
ATOM   605  C CE  . LYS A 1 81  ? -17.456 -2.891  4.915   1.00 31.95 ? 1559 LYS A CE  1 
ATOM   606  N NZ  . LYS A 1 81  ? -17.973 -1.576  4.764   1.00 28.74 ? 1559 LYS A NZ  1 
ATOM   607  N N   . GLY A 1 82  ? -11.671 -3.539  8.639   1.00 16.61 ? 1560 GLY A N   1 
ATOM   608  C CA  . GLY A 1 82  ? -10.964 -3.483  9.905   1.00 17.44 ? 1560 GLY A CA  1 
ATOM   609  C C   . GLY A 1 82  ? -9.440  -3.470  9.810   1.00 14.68 ? 1560 GLY A C   1 
ATOM   610  O O   . GLY A 1 82  ? -8.893  -3.811  8.798   1.00 12.42 ? 1560 GLY A O   1 
ATOM   611  N N   . HIS A 1 83  ? -8.803  -3.015  10.863  1.00 13.61 ? 1561 HIS A N   1 
ATOM   612  C CA  . HIS A 1 83  ? -7.384  -3.069  11.033  1.00 16.19 ? 1561 HIS A CA  1 
ATOM   613  C C   . HIS A 1 83  ? -7.121  -3.735  12.372  1.00 18.03 ? 1561 HIS A C   1 
ATOM   614  O O   . HIS A 1 83  ? -7.832  -3.483  13.305  1.00 15.74 ? 1561 HIS A O   1 
ATOM   615  C CB  . HIS A 1 83  ? -6.793  -1.684  11.212  1.00 14.83 ? 1561 HIS A CB  1 
ATOM   616  C CG  . HIS A 1 83  ? -7.023  -0.748  10.082  1.00 11.58 ? 1561 HIS A CG  1 
ATOM   617  N ND1 . HIS A 1 83  ? -6.752  -1.065  8.778   1.00 16.29 ? 1561 HIS A ND1 1 
ATOM   618  C CD2 . HIS A 1 83  ? -7.428  0.527   10.080  1.00 10.19 ? 1561 HIS A CD2 1 
ATOM   619  C CE1 . HIS A 1 83  ? -7.010  -0.029  8.018   1.00 13.41 ? 1561 HIS A CE1 1 
ATOM   620  N NE2 . HIS A 1 83  ? -7.404  0.953   8.785   1.00 19.06 ? 1561 HIS A NE2 1 
ATOM   621  N N   A ARG A 1 84  ? -6.069  -4.501  12.466  0.56 14.61 ? 1562 ARG A N   1 
ATOM   622  N N   B ARG A 1 84  ? -6.079  -4.515  12.462  0.44 14.68 ? 1562 ARG A N   1 
ATOM   623  C CA  A ARG A 1 84  ? -5.712  -5.116  13.708  0.56 18.70 ? 1562 ARG A CA  1 
ATOM   624  C CA  B ARG A 1 84  ? -5.710  -5.116  13.709  0.44 18.72 ? 1562 ARG A CA  1 
ATOM   625  C C   A ARG A 1 84  ? -4.192  -5.198  13.913  0.56 21.52 ? 1562 ARG A C   1 
ATOM   626  C C   B ARG A 1 84  ? -4.189  -5.193  13.912  0.44 21.49 ? 1562 ARG A C   1 
ATOM   627  O O   A ARG A 1 84  ? -3.481  -5.580  13.042  0.56 18.65 ? 1562 ARG A O   1 
ATOM   628  O O   B ARG A 1 84  ? -3.479  -5.576  13.040  0.44 18.69 ? 1562 ARG A O   1 
ATOM   629  C CB  A ARG A 1 84  ? -6.388  -6.473  13.809  0.56 18.86 ? 1562 ARG A CB  1 
ATOM   630  C CB  B ARG A 1 84  ? -6.364  -6.481  13.867  0.44 18.90 ? 1562 ARG A CB  1 
ATOM   631  C CG  A ARG A 1 84  ? -5.909  -7.349  14.894  0.56 19.55 ? 1562 ARG A CG  1 
ATOM   632  C CG  B ARG A 1 84  ? -6.071  -7.118  15.183  0.44 19.49 ? 1562 ARG A CG  1 
ATOM   633  C CD  A ARG A 1 84  ? -6.439  -6.870  16.150  0.56 23.56 ? 1562 ARG A CD  1 
ATOM   634  C CD  B ARG A 1 84  ? -6.574  -8.499  15.319  0.44 22.33 ? 1562 ARG A CD  1 
ATOM   635  N NE  A ARG A 1 84  ? -7.630  -6.047  15.892  0.56 21.79 ? 1562 ARG A NE  1 
ATOM   636  N NE  B ARG A 1 84  ? -5.615  -9.281  16.087  0.44 31.92 ? 1562 ARG A NE  1 
ATOM   637  C CZ  A ARG A 1 84  ? -8.886  -6.427  16.034  0.56 17.67 ? 1562 ARG A CZ  1 
ATOM   638  C CZ  B ARG A 1 84  ? -5.632  -9.436  17.406  0.44 32.37 ? 1562 ARG A CZ  1 
ATOM   639  N NH1 A ARG A 1 84  ? -9.838  -5.577  15.734  0.56 22.82 ? 1562 ARG A NH1 1 
ATOM   640  N NH1 B ARG A 1 84  ? -4.680  -10.136 18.015  0.44 32.79 ? 1562 ARG A NH1 1 
ATOM   641  N NH2 A ARG A 1 84  ? -9.189  -7.604  16.492  0.56 25.07 ? 1562 ARG A NH2 1 
ATOM   642  N NH2 B ARG A 1 84  ? -6.625  -8.968  18.093  0.44 29.70 ? 1562 ARG A NH2 1 
ATOM   643  N N   . LYS A 1 85  ? -3.731  -4.831  15.083  1.00 17.73 ? 1563 LYS A N   1 
ATOM   644  C CA  . LYS A 1 85  ? -2.369  -5.077  15.451  1.00 19.88 ? 1563 LYS A CA  1 
ATOM   645  C C   . LYS A 1 85  ? -2.227  -6.293  16.349  1.00 32.98 ? 1563 LYS A C   1 
ATOM   646  O O   . LYS A 1 85  ? -2.901  -6.438  17.351  1.00 24.69 ? 1563 LYS A O   1 
ATOM   647  C CB  . LYS A 1 85  ? -1.767  -3.925  16.195  1.00 23.74 ? 1563 LYS A CB  1 
ATOM   648  C CG  . LYS A 1 85  ? -1.741  -2.664  15.513  1.00 28.62 ? 1563 LYS A CG  1 
ATOM   649  C CD  . LYS A 1 85  ? -1.156  -2.802  14.230  1.00 26.52 ? 1563 LYS A CD  1 
ATOM   650  C CE  . LYS A 1 85  ? 0.119   -2.199  14.220  1.00 30.40 ? 1563 LYS A CE  1 
ATOM   651  N NZ  . LYS A 1 85  ? 1.035   -2.957  15.083  1.00 37.88 ? 1563 LYS A NZ  1 
ATOM   652  N N   . GLU A 1 86  ? -1.279  -7.138  16.015  1.00 24.05 ? 1564 GLU A N   1 
ATOM   653  C CA  . GLU A 1 86  ? -0.899  -8.234  16.871  1.00 35.55 ? 1564 GLU A CA  1 
ATOM   654  C C   . GLU A 1 86  ? 0.597   -8.485  16.792  1.00 38.95 ? 1564 GLU A C   1 
ATOM   655  O O   . GLU A 1 86  ? 1.139   -8.572  15.742  1.00 41.70 ? 1564 GLU A O   1 
ATOM   656  C CB  . GLU A 1 86  ? -1.616  -9.500  16.501  1.00 33.57 ? 1564 GLU A CB  1 
ATOM   657  C CG  . GLU A 1 86  ? -1.698  -10.495 17.599  1.00 43.57 ? 1564 GLU A CG  1 
ATOM   658  C CD  . GLU A 1 86  ? -2.851  -11.434 17.421  1.00 49.92 ? 1564 GLU A CD  1 
ATOM   659  O OE1 . GLU A 1 86  ? -3.343  -11.560 16.294  1.00 58.53 ? 1564 GLU A OE1 1 
ATOM   660  O OE2 . GLU A 1 86  ? -3.282  -12.032 18.399  1.00 60.63 ? 1564 GLU A OE2 1 
ATOM   661  N N   . SER A 1 87  ? 1.256   -8.572  17.927  1.00 42.35 ? 1565 SER A N   1 
ATOM   662  C CA  . SER A 1 87  ? 2.700   -8.801  17.996  1.00 46.30 ? 1565 SER A CA  1 
ATOM   663  C C   . SER A 1 87  ? 3.459   -7.904  17.072  1.00 42.40 ? 1565 SER A C   1 
ATOM   664  O O   . SER A 1 87  ? 4.330   -8.344  16.389  1.00 36.71 ? 1565 SER A O   1 
ATOM   665  C CB  . SER A 1 87  ? 3.039   -10.227 17.609  1.00 45.67 ? 1565 SER A CB  1 
ATOM   666  O OG  . SER A 1 87  ? 2.398   -11.186 18.406  1.00 53.83 ? 1565 SER A OG  1 
ATOM   667  N N   . GLY A 1 88  ? 3.041   -6.665  17.006  1.00 40.32 ? 1566 GLY A N   1 
ATOM   668  C CA  . GLY A 1 88  ? 3.735   -5.681  16.234  1.00 36.68 ? 1566 GLY A CA  1 
ATOM   669  C C   . GLY A 1 88  ? 3.393   -5.694  14.771  1.00 29.94 ? 1566 GLY A C   1 
ATOM   670  O O   . GLY A 1 88  ? 3.841   -4.890  14.042  1.00 31.00 ? 1566 GLY A O   1 
ATOM   671  N N   . GLU A 1 89  ? 2.634   -6.674  14.334  1.00 25.13 ? 1567 GLU A N   1 
ATOM   672  C CA  . GLU A 1 89  ? 2.294   -6.751  12.922  1.00 33.64 ? 1567 GLU A CA  1 
ATOM   673  C C   . GLU A 1 89  ? 0.883   -6.214  12.568  1.00 29.84 ? 1567 GLU A C   1 
ATOM   674  O O   . GLU A 1 89  ? 0.001   -6.311  13.355  1.00 22.43 ? 1567 GLU A O   1 
ATOM   675  C CB  . GLU A 1 89  ? 2.470   -8.190  12.423  1.00 34.50 ? 1567 GLU A CB  1 
ATOM   676  C CG  . GLU A 1 89  ? 3.831   -8.444  11.875  1.00 43.64 ? 1567 GLU A CG  1 
ATOM   677  C CD  . GLU A 1 89  ? 4.425   -9.704  12.312  1.00 48.17 ? 1567 GLU A CD  1 
ATOM   678  O OE1 . GLU A 1 89  ? 3.697   -10.675 12.455  1.00 46.27 ? 1567 GLU A OE1 1 
ATOM   679  O OE2 . GLU A 1 89  ? 5.648   -9.728  12.478  1.00 52.76 ? 1567 GLU A OE2 1 
ATOM   680  N N   . LEU A 1 90  ? 0.726   -5.677  11.376  1.00 23.70 ? 1568 LEU A N   1 
ATOM   681  C CA  . LEU A 1 90  ? -0.578  -5.249  10.842  1.00 19.27 ? 1568 LEU A CA  1 
ATOM   682  C C   . LEU A 1 90  ? -1.360  -6.286  10.055  1.00 21.13 ? 1568 LEU A C   1 
ATOM   683  O O   . LEU A 1 90  ? -0.831  -6.863  9.139   1.00 17.73 ? 1568 LEU A O   1 
ATOM   684  C CB  . LEU A 1 90  ? -0.404  -4.032  9.941   1.00 21.46 ? 1568 LEU A CB  1 
ATOM   685  C CG  . LEU A 1 90  ? -1.635  -3.358  9.345   1.00 20.15 ? 1568 LEU A CG  1 
ATOM   686  C CD1 . LEU A 1 90  ? -2.482  -2.768  10.421  1.00 18.63 ? 1568 LEU A CD1 1 
ATOM   687  C CD2 . LEU A 1 90  ? -1.213  -2.361  8.397   1.00 18.54 ? 1568 LEU A CD2 1 
ATOM   688  N N   . TYR A 1 91  ? -2.647  -6.403  10.354  1.00 13.05 ? 1569 TYR A N   1 
ATOM   689  C CA  . TYR A 1 91  ? -3.568  -7.249  9.663   1.00 16.35 ? 1569 TYR A CA  1 
ATOM   690  C C   . TYR A 1 91  ? -4.800  -6.461  9.212   1.00 18.54 ? 1569 TYR A C   1 
ATOM   691  O O   . TYR A 1 91  ? -5.297  -5.666  9.959   1.00 12.37 ? 1569 TYR A O   1 
ATOM   692  C CB  . TYR A 1 91  ? -4.047  -8.411  10.515  1.00 18.43 ? 1569 TYR A CB  1 
ATOM   693  C CG  . TYR A 1 91  ? -2.946  -9.283  11.022  1.00 27.75 ? 1569 TYR A CG  1 
ATOM   694  C CD1 . TYR A 1 91  ? -2.459  -10.293 10.268  1.00 21.06 ? 1569 TYR A CD1 1 
ATOM   695  C CD2 . TYR A 1 91  ? -2.355  -9.036  12.231  1.00 29.32 ? 1569 TYR A CD2 1 
ATOM   696  C CE1 . TYR A 1 91  ? -1.466  -11.032 10.671  1.00 28.49 ? 1569 TYR A CE1 1 
ATOM   697  C CE2 . TYR A 1 91  ? -1.316  -9.788  12.660  1.00 26.71 ? 1569 TYR A CE2 1 
ATOM   698  C CZ  . TYR A 1 91  ? -0.869  -10.782 11.874  1.00 39.60 ? 1569 TYR A CZ  1 
ATOM   699  O OH  . TYR A 1 91  ? 0.138   -11.581 12.288  1.00 40.40 ? 1569 TYR A OH  1 
ATOM   700  N N   . TYR A 1 92  ? -5.250  -6.723  7.998   1.00 12.71 ? 1570 TYR A N   1 
ATOM   701  C CA  . TYR A 1 92  ? -6.459  -6.154  7.423   1.00 13.39 ? 1570 TYR A CA  1 
ATOM   702  C C   . TYR A 1 92  ? -7.620  -7.126  7.404   1.00 16.77 ? 1570 TYR A C   1 
ATOM   703  O O   . TYR A 1 92  ? -7.472  -8.236  7.054   1.00 16.05 ? 1570 TYR A O   1 
ATOM   704  C CB  . TYR A 1 92  ? -6.204  -5.727  5.995   1.00 10.68 ? 1570 TYR A CB  1 
ATOM   705  C CG  . TYR A 1 92  ? -5.273  -4.561  5.800   1.00 12.13 ? 1570 TYR A CG  1 
ATOM   706  C CD1 . TYR A 1 92  ? -5.756  -3.272  5.789   1.00 14.35 ? 1570 TYR A CD1 1 
ATOM   707  C CD2 . TYR A 1 92  ? -3.927  -4.731  5.615   1.00 14.14 ? 1570 TYR A CD2 1 
ATOM   708  C CE1 . TYR A 1 92  ? -4.960  -2.229  5.589   1.00 15.05 ? 1570 TYR A CE1 1 
ATOM   709  C CE2 . TYR A 1 92  ? -3.117  -3.676  5.425   1.00 15.46 ? 1570 TYR A CE2 1 
ATOM   710  C CZ  . TYR A 1 92  ? -3.633  -2.410  5.407   1.00 14.31 ? 1570 TYR A CZ  1 
ATOM   711  O OH  . TYR A 1 92  ? -2.880  -1.330  5.225   1.00 16.62 ? 1570 TYR A OH  1 
ATOM   712  N N   . SER A 1 93  ? -8.799  -6.664  7.726   1.00 15.53 ? 1571 SER A N   1 
ATOM   713  C CA  . SER A 1 93  ? -9.996  -7.420  7.501   1.00 13.73 ? 1571 SER A CA  1 
ATOM   714  C C   . SER A 1 93  ? -10.653 -6.906  6.214   1.00 18.67 ? 1571 SER A C   1 
ATOM   715  O O   . SER A 1 93  ? -11.043 -5.782  6.150   1.00 16.28 ? 1571 SER A O   1 
ATOM   716  C CB  . SER A 1 93  ? -10.932 -7.312  8.705   1.00 19.83 ? 1571 SER A CB  1 
ATOM   717  O OG  . SER A 1 93  ? -12.136 -7.906  8.483   1.00 19.36 ? 1571 SER A OG  1 
ATOM   718  N N   . ILE A 1 94  ? -10.741 -7.747  5.202   1.00 12.89 ? 1572 ILE A N   1 
ATOM   719  C CA  . ILE A 1 94  ? -11.214 -7.350  3.904   1.00 12.83 ? 1572 ILE A CA  1 
ATOM   720  C C   . ILE A 1 94  ? -12.532 -8.051  3.549   1.00 15.16 ? 1572 ILE A C   1 
ATOM   721  O O   . ILE A 1 94  ? -12.613 -9.242  3.676   1.00 14.32 ? 1572 ILE A O   1 
ATOM   722  C CB  . ILE A 1 94  ? -10.198 -7.654  2.794   1.00 10.72 ? 1572 ILE A CB  1 
ATOM   723  C CG1 . ILE A 1 94  ? -8.927  -6.845  2.933   1.00 16.18 ? 1572 ILE A CG1 1 
ATOM   724  C CG2 . ILE A 1 94  ? -10.820 -7.457  1.438   1.00 13.71 ? 1572 ILE A CG2 1 
ATOM   725  C CD1 . ILE A 1 94  ? -9.106  -5.471  3.223   1.00 21.20 ? 1572 ILE A CD1 1 
ATOM   726  N N   . GLU A 1 95  ? -13.540 -7.311  3.121   1.00 12.98 ? 1573 GLU A N   1 
ATOM   727  C CA  . GLU A 1 95  ? -14.836 -7.875  2.794   1.00 20.06 ? 1573 GLU A CA  1 
ATOM   728  C C   . GLU A 1 95  ? -15.025 -8.062  1.292   1.00 21.04 ? 1573 GLU A C   1 
ATOM   729  O O   . GLU A 1 95  ? -14.752 -7.194  0.542   1.00 16.94 ? 1573 GLU A O   1 
ATOM   730  C CB  . GLU A 1 95  ? -15.980 -7.073  3.406   1.00 22.04 ? 1573 GLU A CB  1 
ATOM   731  C CG  . GLU A 1 95  ? -17.375 -7.588  3.154   1.00 26.52 ? 1573 GLU A CG  1 
ATOM   732  C CD  . GLU A 1 95  ? -18.425 -6.763  3.832   1.00 36.38 ? 1573 GLU A CD  1 
ATOM   733  O OE1 . GLU A 1 95  ? -18.398 -6.550  5.026   1.00 27.89 ? 1573 GLU A OE1 1 
ATOM   734  O OE2 . GLU A 1 95  ? -19.281 -6.282  3.146   1.00 46.27 ? 1573 GLU A OE2 1 
ATOM   735  N N   . LYS A 1 96  ? -15.494 -9.237  0.891   1.00 18.19 ? 1574 LYS A N   1 
ATOM   736  C CA  . LYS A 1 96  ? -15.767 -9.584  -0.481  1.00 20.61 ? 1574 LYS A CA  1 
ATOM   737  C C   . LYS A 1 96  ? -17.080 -10.326 -0.457  1.00 26.75 ? 1574 LYS A C   1 
ATOM   738  O O   . LYS A 1 96  ? -17.207 -11.261 0.268   1.00 24.88 ? 1574 LYS A O   1 
ATOM   739  C CB  . LYS A 1 96  ? -14.690 -10.461 -1.069  1.00 18.27 ? 1574 LYS A CB  1 
ATOM   740  C CG  . LYS A 1 96  ? -14.737 -10.612 -2.596  1.00 18.05 ? 1574 LYS A CG  1 
ATOM   741  C CD  . LYS A 1 96  ? -13.979 -11.800 -3.047  1.00 20.28 ? 1574 LYS A CD  1 
ATOM   742  C CE  . LYS A 1 96  ? -14.027 -12.028 -4.502  1.00 30.57 ? 1574 LYS A CE  1 
ATOM   743  N NZ  . LYS A 1 96  ? -15.247 -12.614 -5.029  1.00 26.85 ? 1574 LYS A NZ  1 
ATOM   744  N N   . GLU A 1 97  ? -18.035 -9.903  -1.253  1.00 32.38 ? 1575 GLU A N   1 
ATOM   745  C CA  . GLU A 1 97  ? -19.379 -10.474 -1.204  1.00 33.27 ? 1575 GLU A CA  1 
ATOM   746  C C   . GLU A 1 97  ? -19.922 -10.708 0.238   1.00 35.81 ? 1575 GLU A C   1 
ATOM   747  O O   . GLU A 1 97  ? -20.401 -11.734 0.537   1.00 36.12 ? 1575 GLU A O   1 
ATOM   748  C CB  . GLU A 1 97  ? -19.410 -11.779 -1.973  1.00 33.69 ? 1575 GLU A CB  1 
ATOM   749  C CG  . GLU A 1 97  ? -19.172 -11.638 -3.396  1.00 42.25 ? 1575 GLU A CG  1 
ATOM   750  C CD  . GLU A 1 97  ? -19.849 -12.720 -4.211  1.00 60.18 ? 1575 GLU A CD  1 
ATOM   751  O OE1 . GLU A 1 97  ? -19.502 -13.911 -4.092  1.00 60.76 ? 1575 GLU A OE1 1 
ATOM   752  O OE2 . GLU A 1 97  ? -20.729 -12.367 -5.015  1.00 60.57 ? 1575 GLU A OE2 1 
ATOM   753  N N   . GLY A 1 98  ? -19.792 -9.749  1.120   1.00 33.18 ? 1576 GLY A N   1 
ATOM   754  C CA  . GLY A 1 98  ? -20.401 -9.838  2.411   1.00 33.84 ? 1576 GLY A CA  1 
ATOM   755  C C   . GLY A 1 98  ? -19.692 -10.704 3.396   1.00 36.51 ? 1576 GLY A C   1 
ATOM   756  O O   . GLY A 1 98  ? -20.123 -10.846 4.496   1.00 38.70 ? 1576 GLY A O   1 
ATOM   757  N N   . GLN A 1 99  ? -18.594 -11.294 2.978   1.00 27.15 ? 1577 GLN A N   1 
ATOM   758  C CA  . GLN A 1 99  ? -17.735 -12.091 3.845   1.00 31.27 ? 1577 GLN A CA  1 
ATOM   759  C C   . GLN A 1 99  ? -16.432 -11.427 4.140   1.00 22.79 ? 1577 GLN A C   1 
ATOM   760  O O   . GLN A 1 99  ? -15.797 -11.005 3.256   1.00 28.05 ? 1577 GLN A O   1 
ATOM   761  C CB  . GLN A 1 99  ? -17.405 -13.415 3.205   1.00 25.10 ? 1577 GLN A CB  1 
ATOM   762  C CG  . GLN A 1 99  ? -18.484 -14.370 3.297   1.00 46.32 ? 1577 GLN A CG  1 
ATOM   763  C CD  . GLN A 1 99  ? -18.578 -15.042 4.663   1.00 53.71 ? 1577 GLN A CD  1 
ATOM   764  O OE1 . GLN A 1 99  ? -19.482 -14.773 5.416   1.00 58.19 ? 1577 GLN A OE1 1 
ATOM   765  N NE2 . GLN A 1 99  ? -17.608 -15.904 4.987   1.00 53.59 ? 1577 GLN A NE2 1 
ATOM   766  N N   . ARG A 1 100 ? -16.007 -11.404 5.386   1.00 19.12 ? 1578 ARG A N   1 
ATOM   767  C CA  . ARG A 1 100 ? -14.737 -10.832 5.770   1.00 23.66 ? 1578 ARG A CA  1 
ATOM   768  C C   . ARG A 1 100 ? -13.649 -11.862 5.986   1.00 27.87 ? 1578 ARG A C   1 
ATOM   769  O O   . ARG A 1 100 ? -13.915 -12.888 6.490   1.00 24.38 ? 1578 ARG A O   1 
ATOM   770  C CB  . ARG A 1 100 ? -14.877 -9.948  6.999   1.00 19.84 ? 1578 ARG A CB  1 
ATOM   771  C CG  . ARG A 1 100 ? -15.953 -8.953  6.858   1.00 18.32 ? 1578 ARG A CG  1 
ATOM   772  C CD  . ARG A 1 100 ? -15.930 -8.000  7.955   1.00 23.11 ? 1578 ARG A CD  1 
ATOM   773  N NE  . ARG A 1 100 ? -16.903 -6.958  7.817   1.00 22.44 ? 1578 ARG A NE  1 
ATOM   774  C CZ  . ARG A 1 100 ? -17.072 -5.946  8.653   1.00 26.40 ? 1578 ARG A CZ  1 
ATOM   775  N NH1 . ARG A 1 100 ? -16.330 -5.820  9.723   1.00 17.20 ? 1578 ARG A NH1 1 
ATOM   776  N NH2 . ARG A 1 100 ? -18.000 -5.067  8.411   1.00 19.64 ? 1578 ARG A NH2 1 
ATOM   777  N N   . LYS A 1 101 ? -12.446 -11.557 5.556   1.00 18.65 ? 1579 LYS A N   1 
ATOM   778  C CA  . LYS A 1 101 ? -11.285 -12.421 5.719   1.00 17.18 ? 1579 LYS A CA  1 
ATOM   779  C C   . LYS A 1 101 ? -10.048 -11.642 6.105   1.00 19.32 ? 1579 LYS A C   1 
ATOM   780  O O   . LYS A 1 101 ? -9.897  -10.566 5.698   1.00 16.86 ? 1579 LYS A O   1 
ATOM   781  C CB  . LYS A 1 101 ? -11.035 -13.140 4.426   1.00 19.32 ? 1579 LYS A CB  1 
ATOM   782  C CG  . LYS A 1 101 ? -10.113 -14.237 4.478   1.00 22.61 ? 1579 LYS A CG  1 
ATOM   783  C CD  . LYS A 1 101 ? -10.278 -15.118 3.327   1.00 24.93 ? 1579 LYS A CD  1 
ATOM   784  C CE  . LYS A 1 101 ? -9.135  -16.013 3.144   1.00 26.38 ? 1579 LYS A CE  1 
ATOM   785  N NZ  . LYS A 1 101 ? -9.306  -16.937 2.026   1.00 30.59 ? 1579 LYS A NZ  1 
ATOM   786  N N   . TRP A 1 102 ? -9.166  -12.216 6.892   1.00 14.65 ? 1580 TRP A N   1 
ATOM   787  C CA  . TRP A 1 102 ? -7.996  -11.495 7.311   1.00 21.51 ? 1580 TRP A CA  1 
ATOM   788  C C   . TRP A 1 102 ? -6.861  -11.613 6.330   1.00 16.58 ? 1580 TRP A C   1 
ATOM   789  O O   . TRP A 1 102 ? -6.693  -12.646 5.788   1.00 20.52 ? 1580 TRP A O   1 
ATOM   790  C CB  . TRP A 1 102 ? -7.563  -11.917 8.712   1.00 21.37 ? 1580 TRP A CB  1 
ATOM   791  C CG  . TRP A 1 102 ? -8.505  -11.508 9.748   1.00 23.61 ? 1580 TRP A CG  1 
ATOM   792  C CD1 . TRP A 1 102 ? -9.487  -12.230 10.277  1.00 22.56 ? 1580 TRP A CD1 1 
ATOM   793  C CD2 . TRP A 1 102 ? -8.587  -10.234 10.334  1.00 21.08 ? 1580 TRP A CD2 1 
ATOM   794  N NE1 . TRP A 1 102 ? -10.183 -11.503 11.172  1.00 22.26 ? 1580 TRP A NE1 1 
ATOM   795  C CE2 . TRP A 1 102 ? -9.648  -10.259 11.229  1.00 22.87 ? 1580 TRP A CE2 1 
ATOM   796  C CE3 . TRP A 1 102 ? -7.866  -9.060  10.186  1.00 18.87 ? 1580 TRP A CE3 1 
ATOM   797  C CZ2 . TRP A 1 102 ? -9.985  -9.167  11.996  1.00 23.35 ? 1580 TRP A CZ2 1 
ATOM   798  C CZ3 . TRP A 1 102 ? -8.233  -7.989  10.929  1.00 19.78 ? 1580 TRP A CZ3 1 
ATOM   799  C CH2 . TRP A 1 102 ? -9.285  -8.037  11.804  1.00 17.34 ? 1580 TRP A CH2 1 
ATOM   800  N N   . TYR A 1 103 ? -6.106  -10.552 6.150   1.00 16.22 ? 1581 TYR A N   1 
ATOM   801  C CA  . TYR A 1 103 ? -4.889  -10.562 5.368   1.00 14.00 ? 1581 TYR A CA  1 
ATOM   802  C C   . TYR A 1 103 ? -3.707  -9.874  6.049   1.00 20.70 ? 1581 TYR A C   1 
ATOM   803  O O   . TYR A 1 103 ? -3.858  -8.860  6.647   1.00 17.32 ? 1581 TYR A O   1 
ATOM   804  C CB  . TYR A 1 103 ? -5.110  -9.928  4.005   1.00 15.38 ? 1581 TYR A CB  1 
ATOM   805  C CG  . TYR A 1 103 ? -6.072  -10.648 3.109   1.00 22.13 ? 1581 TYR A CG  1 
ATOM   806  C CD1 . TYR A 1 103 ? -5.636  -11.521 2.186   1.00 15.13 ? 1581 TYR A CD1 1 
ATOM   807  C CD2 . TYR A 1 103 ? -7.437  -10.419 3.176   1.00 16.74 ? 1581 TYR A CD2 1 
ATOM   808  C CE1 . TYR A 1 103 ? -6.493  -12.151 1.401   1.00 25.70 ? 1581 TYR A CE1 1 
ATOM   809  C CE2 . TYR A 1 103 ? -8.263  -11.045 2.394   1.00 18.06 ? 1581 TYR A CE2 1 
ATOM   810  C CZ  . TYR A 1 103 ? -7.798  -11.887 1.491   1.00 18.02 ? 1581 TYR A CZ  1 
ATOM   811  O OH  . TYR A 1 103 ? -8.629  -12.533 0.709   1.00 21.27 ? 1581 TYR A OH  1 
ATOM   812  N N   . LYS A 1 104 ? -2.524  -10.436 5.892   1.00 14.31 ? 1582 LYS A N   1 
ATOM   813  C CA  . LYS A 1 104 ? -1.283  -9.816  6.303   1.00 17.58 ? 1582 LYS A CA  1 
ATOM   814  C C   . LYS A 1 104 ? -1.037  -8.561  5.478   1.00 20.92 ? 1582 LYS A C   1 
ATOM   815  O O   . LYS A 1 104 ? -1.548  -8.442  4.413   1.00 19.34 ? 1582 LYS A O   1 
ATOM   816  C CB  . LYS A 1 104 ? -0.116  -10.773 6.133   1.00 25.83 ? 1582 LYS A CB  1 
ATOM   817  C CG  . LYS A 1 104 ? 0.087   -11.723 7.302   1.00 36.83 ? 1582 LYS A CG  1 
ATOM   818  C CD  . LYS A 1 104 ? 0.310   -13.141 6.852   1.00 33.78 ? 1582 LYS A CD  1 
ATOM   819  C CE  . LYS A 1 104 ? 0.766   -14.069 7.978   1.00 38.06 ? 1582 LYS A CE  1 
ATOM   820  N NZ  . LYS A 1 104 ? 1.392   -15.351 7.484   1.00 36.39 ? 1582 LYS A NZ  1 
ATOM   821  N N   . ARG A 1 105 ? -0.224  -7.667  5.981   1.00 17.41 ? 1583 ARG A N   1 
ATOM   822  C CA  . ARG A 1 105 ? 0.117   -6.478  5.250   1.00 17.75 ? 1583 ARG A CA  1 
ATOM   823  C C   . ARG A 1 105 ? 0.624   -6.705  3.851   1.00 22.65 ? 1583 ARG A C   1 
ATOM   824  O O   . ARG A 1 105 ? 0.282   -6.020  2.962   1.00 21.91 ? 1583 ARG A O   1 
ATOM   825  C CB  . ARG A 1 105 ? 1.119   -5.656  5.983   1.00 24.00 ? 1583 ARG A CB  1 
ATOM   826  C CG  . ARG A 1 105 ? 1.350   -4.323  5.394   1.00 23.51 ? 1583 ARG A CG  1 
ATOM   827  C CD  . ARG A 1 105 ? 2.673   -3.795  5.899   1.00 21.58 ? 1583 ARG A CD  1 
ATOM   828  N NE  . ARG A 1 105 ? 2.641   -3.282  7.242   1.00 25.32 ? 1583 ARG A NE  1 
ATOM   829  C CZ  . ARG A 1 105 ? 2.252   -2.063  7.584   1.00 20.95 ? 1583 ARG A CZ  1 
ATOM   830  N NH1 . ARG A 1 105 ? 1.808   -1.249  6.684   1.00 17.88 ? 1583 ARG A NH1 1 
ATOM   831  N NH2 . ARG A 1 105 ? 2.329   -1.666  8.826   1.00 19.88 ? 1583 ARG A NH2 1 
ATOM   832  N N   A MET A 1 106 ? 1.465   -7.693  3.674   0.53 19.70 ? 1584 MET A N   1 
ATOM   833  N N   B MET A 1 106 ? 1.473   -7.692  3.685   0.47 19.71 ? 1584 MET A N   1 
ATOM   834  C CA  A MET A 1 106 ? 2.015   -7.965  2.366   0.53 22.94 ? 1584 MET A CA  1 
ATOM   835  C CA  B MET A 1 106 ? 2.060   -8.021  2.398   0.47 22.97 ? 1584 MET A CA  1 
ATOM   836  C C   A MET A 1 106 ? 1.077   -8.627  1.346   0.53 21.88 ? 1584 MET A C   1 
ATOM   837  C C   B MET A 1 106 ? 1.090   -8.631  1.361   0.47 21.87 ? 1584 MET A C   1 
ATOM   838  O O   A MET A 1 106 ? 1.431   -8.768  0.222   0.53 21.08 ? 1584 MET A O   1 
ATOM   839  O O   B MET A 1 106 ? 1.429   -8.751  0.228   0.47 21.09 ? 1584 MET A O   1 
ATOM   840  C CB  A MET A 1 106 ? 3.309   -8.748  2.482   0.53 23.31 ? 1584 MET A CB  1 
ATOM   841  C CB  B MET A 1 106 ? 3.243   -8.972  2.595   0.47 23.46 ? 1584 MET A CB  1 
ATOM   842  C CG  A MET A 1 106 ? 4.516   -7.850  2.412   0.53 26.60 ? 1584 MET A CG  1 
ATOM   843  C CG  B MET A 1 106 ? 2.809   -10.454 2.794   0.47 26.26 ? 1584 MET A CG  1 
ATOM   844  S SD  A MET A 1 106 ? 6.178   -8.591  2.257   0.53 37.45 ? 1584 MET A SD  1 
ATOM   845  S SD  B MET A 1 106 ? 3.999   -11.793 3.288   0.47 29.81 ? 1584 MET A SD  1 
ATOM   846  C CE  A MET A 1 106 ? 6.385   -8.393  0.531   0.53 17.59 ? 1584 MET A CE  1 
ATOM   847  C CE  B MET A 1 106 ? 4.877   -12.176 1.809   0.47 27.65 ? 1584 MET A CE  1 
ATOM   848  N N   . ALA A 1 107 ? -0.105  -9.005  1.795   1.00 22.58 ? 1585 ALA A N   1 
ATOM   849  C CA  . ALA A 1 107 ? -1.123  -9.563  0.938   1.00 21.47 ? 1585 ALA A CA  1 
ATOM   850  C C   . ALA A 1 107 ? -2.186  -8.535  0.482   1.00 23.11 ? 1585 ALA A C   1 
ATOM   851  O O   . ALA A 1 107 ? -3.205  -8.901  -0.021  1.00 19.41 ? 1585 ALA A O   1 
ATOM   852  C CB  . ALA A 1 107 ? -1.751  -10.696 1.594   1.00 19.27 ? 1585 ALA A CB  1 
ATOM   853  N N   . VAL A 1 108 ? -1.929  -7.253  0.682   1.00 18.51 ? 1586 VAL A N   1 
ATOM   854  C CA  . VAL A 1 108 ? -2.857  -6.204  0.328   1.00 15.22 ? 1586 VAL A CA  1 
ATOM   855  C C   . VAL A 1 108 ? -2.160  -5.097  -0.470  1.00 15.60 ? 1586 VAL A C   1 
ATOM   856  O O   . VAL A 1 108 ? -1.224  -4.518  -0.036  1.00 19.10 ? 1586 VAL A O   1 
ATOM   857  C CB  . VAL A 1 108 ? -3.581  -5.654  1.574   1.00 17.92 ? 1586 VAL A CB  1 
ATOM   858  C CG1 . VAL A 1 108 ? -4.389  -4.469  1.276   1.00 12.89 ? 1586 VAL A CG1 1 
ATOM   859  C CG2 . VAL A 1 108 ? -4.386  -6.746  2.242   1.00 17.67 ? 1586 VAL A CG2 1 
ATOM   860  N N   . ILE A 1 109 ? -2.634  -4.885  -1.672  1.00 15.18 ? 1587 ILE A N   1 
ATOM   861  C CA  . ILE A 1 109 ? -2.089  -3.893  -2.572  1.00 15.89 ? 1587 ILE A CA  1 
ATOM   862  C C   . ILE A 1 109 ? -3.188  -3.025  -3.188  1.00 14.54 ? 1587 ILE A C   1 
ATOM   863  O O   . ILE A 1 109 ? -4.328  -3.290  -3.007  1.00 18.53 ? 1587 ILE A O   1 
ATOM   864  C CB  . ILE A 1 109 ? -1.224  -4.544  -3.682  1.00 15.07 ? 1587 ILE A CB  1 
ATOM   865  C CG1 . ILE A 1 109 ? -2.076  -5.324  -4.650  1.00 9.35  ? 1587 ILE A CG1 1 
ATOM   866  C CG2 . ILE A 1 109 ? -0.228  -5.441  -3.101  1.00 22.68 ? 1587 ILE A CG2 1 
ATOM   867  C CD1 . ILE A 1 109 ? -1.328  -6.041  -5.684  1.00 13.41 ? 1587 ILE A CD1 1 
ATOM   868  N N   . LEU A 1 110 ? -2.823  -2.049  -3.969  1.00 14.31 ? 1588 LEU A N   1 
ATOM   869  C CA  . LEU A 1 110 ? -3.779  -1.212  -4.632  1.00 17.51 ? 1588 LEU A CA  1 
ATOM   870  C C   . LEU A 1 110 ? -3.525  -1.221  -6.110  1.00 14.13 ? 1588 LEU A C   1 
ATOM   871  O O   . LEU A 1 110 ? -2.426  -1.071  -6.505  1.00 18.40 ? 1588 LEU A O   1 
ATOM   872  C CB  . LEU A 1 110 ? -3.662  0.209   -4.113  1.00 15.38 ? 1588 LEU A CB  1 
ATOM   873  C CG  . LEU A 1 110 ? -3.737  0.485   -2.616  1.00 18.03 ? 1588 LEU A CG  1 
ATOM   874  C CD1 . LEU A 1 110 ? -3.433  1.906   -2.327  1.00 16.61 ? 1588 LEU A CD1 1 
ATOM   875  C CD2 . LEU A 1 110 ? -5.116  0.129   -2.182  1.00 16.92 ? 1588 LEU A CD2 1 
ATOM   876  N N   . SER A 1 111 ? -4.554  -1.428  -6.896  1.00 13.36 ? 1589 SER A N   1 
ATOM   877  C CA  . SER A 1 111 ? -4.453  -1.270  -8.336  1.00 16.18 ? 1589 SER A CA  1 
ATOM   878  C C   . SER A 1 111 ? -4.211  0.184   -8.728  1.00 16.26 ? 1589 SER A C   1 
ATOM   879  O O   . SER A 1 111 ? -4.265  1.037   -7.900  1.00 15.35 ? 1589 SER A O   1 
ATOM   880  C CB  . SER A 1 111 ? -5.694  -1.752  -9.058  1.00 21.39 ? 1589 SER A CB  1 
ATOM   881  O OG  . SER A 1 111 ? -6.753  -0.898  -8.843  1.00 24.35 ? 1589 SER A OG  1 
ATOM   882  N N   . LEU A 1 112 ? -3.984  0.444   -9.993  1.00 16.05 ? 1590 LEU A N   1 
ATOM   883  C CA  . LEU A 1 112 ? -3.798  1.782   -10.451 1.00 16.03 ? 1590 LEU A CA  1 
ATOM   884  C C   . LEU A 1 112 ? -5.005  2.643   -10.091 1.00 16.62 ? 1590 LEU A C   1 
ATOM   885  O O   . LEU A 1 112 ? -4.885  3.685   -9.581  1.00 18.01 ? 1590 LEU A O   1 
ATOM   886  C CB  . LEU A 1 112 ? -3.513  1.796   -11.949 1.00 19.92 ? 1590 LEU A CB  1 
ATOM   887  C CG  . LEU A 1 112 ? -3.213  3.170   -12.481 1.00 24.36 ? 1590 LEU A CG  1 
ATOM   888  C CD1 . LEU A 1 112 ? -2.111  3.799   -11.739 1.00 23.26 ? 1590 LEU A CD1 1 
ATOM   889  C CD2 . LEU A 1 112 ? -3.054  3.255   -13.929 1.00 24.35 ? 1590 LEU A CD2 1 
ATOM   890  N N   . GLU A 1 113 ? -6.181  2.157   -10.392 1.00 18.18 ? 1591 GLU A N   1 
ATOM   891  C CA  . GLU A 1 113 ? -7.421  2.842   -10.078 1.00 20.24 ? 1591 GLU A CA  1 
ATOM   892  C C   . GLU A 1 113 ? -7.655  3.084   -8.561  1.00 23.01 ? 1591 GLU A C   1 
ATOM   893  O O   . GLU A 1 113 ? -8.059  4.131   -8.176  1.00 19.70 ? 1591 GLU A O   1 
ATOM   894  C CB  . GLU A 1 113 ? -8.556  2.068   -10.698 1.00 20.83 ? 1591 GLU A CB  1 
ATOM   895  C CG  . GLU A 1 113 ? -9.847  2.666   -10.672 1.00 30.31 ? 1591 GLU A CG  1 
ATOM   896  C CD  . GLU A 1 113 ? -10.887 1.759   -11.325 1.00 39.55 ? 1591 GLU A CD  1 
ATOM   897  O OE1 . GLU A 1 113 ? -11.096 0.624   -10.908 1.00 46.10 ? 1591 GLU A OE1 1 
ATOM   898  O OE2 . GLU A 1 113 ? -11.487 2.170   -12.288 1.00 51.33 ? 1591 GLU A OE2 1 
ATOM   899  N N   . GLN A 1 114 ? -7.377  2.098   -7.730  1.00 21.65 ? 1592 GLN A N   1 
ATOM   900  C CA  . GLN A 1 114 ? -7.538  2.210   -6.280  1.00 19.16 ? 1592 GLN A CA  1 
ATOM   901  C C   . GLN A 1 114 ? -6.562  3.163   -5.603  1.00 18.00 ? 1592 GLN A C   1 
ATOM   902  O O   . GLN A 1 114 ? -6.952  3.954   -4.835  1.00 22.64 ? 1592 GLN A O   1 
ATOM   903  C CB  . GLN A 1 114 ? -7.495  0.840   -5.616  1.00 16.48 ? 1592 GLN A CB  1 
ATOM   904  C CG  . GLN A 1 114 ? -8.526  -0.163  -6.103  1.00 20.52 ? 1592 GLN A CG  1 
ATOM   905  C CD  . GLN A 1 114 ? -8.200  -1.643  -5.744  1.00 21.87 ? 1592 GLN A CD  1 
ATOM   906  O OE1 . GLN A 1 114 ? -7.148  -1.955  -5.373  1.00 19.03 ? 1592 GLN A OE1 1 
ATOM   907  N NE2 . GLN A 1 114 ? -9.154  -2.504  -5.922  1.00 14.22 ? 1592 GLN A NE2 1 
ATOM   908  N N   . GLY A 1 115 ? -5.297  3.092   -5.942  1.00 17.95 ? 1593 GLY A N   1 
ATOM   909  C CA  . GLY A 1 115 ? -4.316  4.033   -5.476  1.00 16.55 ? 1593 GLY A CA  1 
ATOM   910  C C   . GLY A 1 115 ? -4.590  5.454   -5.944  1.00 26.70 ? 1593 GLY A C   1 
ATOM   911  O O   . GLY A 1 115 ? -4.464  6.349   -5.192  1.00 21.32 ? 1593 GLY A O   1 
ATOM   912  N N   . ASN A 1 116 ? -4.945  5.624   -7.201  1.00 19.69 ? 1594 ASN A N   1 
ATOM   913  C CA  . ASN A 1 116 ? -5.240  6.906   -7.759  1.00 20.87 ? 1594 ASN A CA  1 
ATOM   914  C C   . ASN A 1 116 ? -6.372  7.634   -7.035  1.00 27.41 ? 1594 ASN A C   1 
ATOM   915  O O   . ASN A 1 116 ? -6.392  8.823   -6.972  1.00 30.38 ? 1594 ASN A O   1 
ATOM   916  C CB  . ASN A 1 116 ? -5.629  6.759   -9.233  1.00 25.05 ? 1594 ASN A CB  1 
ATOM   917  C CG  . ASN A 1 116 ? -4.458  6.845   -10.145 1.00 26.98 ? 1594 ASN A CG  1 
ATOM   918  O OD1 . ASN A 1 116 ? -3.413  7.118   -9.717  1.00 25.50 ? 1594 ASN A OD1 1 
ATOM   919  N ND2 . ASN A 1 116 ? -4.671  6.622   -11.425 1.00 23.00 ? 1594 ASN A ND2 1 
ATOM   920  N N   . ARG A 1 117 ? -7.318  6.883   -6.508  1.00 22.07 ? 1595 ARG A N   1 
ATOM   921  C CA  . ARG A 1 117 ? -8.367  7.431   -5.720  1.00 30.07 ? 1595 ARG A CA  1 
ATOM   922  C C   . ARG A 1 117 ? -7.870  8.153   -4.440  1.00 27.89 ? 1595 ARG A C   1 
ATOM   923  O O   . ARG A 1 117 ? -8.453  9.097   -4.026  1.00 23.26 ? 1595 ARG A O   1 
ATOM   924  C CB  . ARG A 1 117 ? -9.362  6.362   -5.395  1.00 22.65 ? 1595 ARG A CB  1 
ATOM   925  C CG  . ARG A 1 117 ? -10.296 6.050   -6.532  1.00 33.30 ? 1595 ARG A CG  1 
ATOM   926  C CD  . ARG A 1 117 ? -11.608 5.578   -6.089  1.00 34.75 ? 1595 ARG A CD  1 
ATOM   927  N NE  . ARG A 1 117 ? -11.513 4.206   -5.810  1.00 39.19 ? 1595 ARG A NE  1 
ATOM   928  C CZ  . ARG A 1 117 ? -11.840 3.255   -6.656  1.00 34.64 ? 1595 ARG A CZ  1 
ATOM   929  N NH1 . ARG A 1 117 ? -11.680 2.027   -6.332  1.00 33.39 ? 1595 ARG A NH1 1 
ATOM   930  N NH2 . ARG A 1 117 ? -12.332 3.531   -7.799  1.00 40.26 ? 1595 ARG A NH2 1 
ATOM   931  N N   . LEU A 1 118 ? -6.794  7.660   -3.866  1.00 19.46 ? 1596 LEU A N   1 
ATOM   932  C CA  . LEU A 1 118 ? -6.296  8.153   -2.613  1.00 21.05 ? 1596 LEU A CA  1 
ATOM   933  C C   . LEU A 1 118 ? -5.332  9.320   -2.770  1.00 21.89 ? 1596 LEU A C   1 
ATOM   934  O O   . LEU A 1 118 ? -4.881  9.910   -1.790  1.00 17.73 ? 1596 LEU A O   1 
ATOM   935  C CB  . LEU A 1 118 ? -5.680  7.014   -1.807  1.00 21.78 ? 1596 LEU A CB  1 
ATOM   936  C CG  . LEU A 1 118 ? -6.558  5.828   -1.410  1.00 25.26 ? 1596 LEU A CG  1 
ATOM   937  C CD1 . LEU A 1 118 ? -5.845  4.738   -0.794  1.00 17.28 ? 1596 LEU A CD1 1 
ATOM   938  C CD2 . LEU A 1 118 ? -7.753  6.212   -0.622  1.00 21.31 ? 1596 LEU A CD2 1 
ATOM   939  N N   . ARG A 1 119 ? -4.963  9.647   -3.989  1.00 16.78 ? 1597 ARG A N   1 
ATOM   940  C CA  . ARG A 1 119 ? -3.914  10.610  -4.209  1.00 18.56 ? 1597 ARG A CA  1 
ATOM   941  C C   . ARG A 1 119 ? -4.230  12.002  -3.648  1.00 20.58 ? 1597 ARG A C   1 
ATOM   942  O O   . ARG A 1 119 ? -3.420  12.593  -3.059  1.00 23.76 ? 1597 ARG A O   1 
ATOM   943  C CB  . ARG A 1 119 ? -3.526  10.685  -5.674  1.00 19.20 ? 1597 ARG A CB  1 
ATOM   944  C CG  . ARG A 1 119 ? -2.592  9.603   -6.115  1.00 28.86 ? 1597 ARG A CG  1 
ATOM   945  C CD  . ARG A 1 119 ? -2.222  9.762   -7.564  1.00 33.71 ? 1597 ARG A CD  1 
ATOM   946  N NE  . ARG A 1 119 ? -3.413  9.948   -8.368  1.00 32.10 ? 1597 ARG A NE  1 
ATOM   947  C CZ  . ARG A 1 119 ? -3.439  10.120  -9.678  1.00 40.58 ? 1597 ARG A CZ  1 
ATOM   948  N NH1 . ARG A 1 119 ? -2.337  10.124  -10.371 1.00 37.69 ? 1597 ARG A NH1 1 
ATOM   949  N NH2 . ARG A 1 119 ? -4.593  10.267  -10.296 1.00 39.88 ? 1597 ARG A NH2 1 
ATOM   950  N N   . GLU A 1 120 ? -5.424  12.507  -3.815  1.00 23.88 ? 1598 GLU A N   1 
ATOM   951  C CA  . GLU A 1 120 ? -5.695  13.843  -3.301  1.00 30.70 ? 1598 GLU A CA  1 
ATOM   952  C C   . GLU A 1 120 ? -5.635  13.994  -1.831  1.00 29.73 ? 1598 GLU A C   1 
ATOM   953  O O   . GLU A 1 120 ? -5.178  14.952  -1.367  1.00 29.39 ? 1598 GLU A O   1 
ATOM   954  C CB  . GLU A 1 120 ? -6.996  14.414  -3.797  1.00 35.06 ? 1598 GLU A CB  1 
ATOM   955  C CG  . GLU A 1 120 ? -7.101  15.932  -3.597  1.00 46.18 ? 1598 GLU A CG  1 
ATOM   956  C CD  . GLU A 1 120 ? -5.843  16.765  -3.992  1.00 58.16 ? 1598 GLU A CD  1 
ATOM   957  O OE1 . GLU A 1 120 ? -5.280  16.565  -5.069  1.00 58.99 ? 1598 GLU A OE1 1 
ATOM   958  O OE2 . GLU A 1 120 ? -5.432  17.665  -3.236  1.00 61.62 ? 1598 GLU A OE2 1 
ATOM   959  N N   . GLN A 1 121 ? -6.116  13.036  -1.093  1.00 23.24 ? 1599 GLN A N   1 
ATOM   960  C CA  . GLN A 1 121 ? -6.046  13.045  0.339   1.00 23.45 ? 1599 GLN A CA  1 
ATOM   961  C C   . GLN A 1 121 ? -4.661  12.663  0.868   1.00 27.72 ? 1599 GLN A C   1 
ATOM   962  O O   . GLN A 1 121 ? -4.215  13.215  1.816   1.00 24.58 ? 1599 GLN A O   1 
ATOM   963  C CB  . GLN A 1 121 ? -6.999  12.007  0.815   1.00 29.27 ? 1599 GLN A CB  1 
ATOM   964  C CG  . GLN A 1 121 ? -7.709  12.288  2.003   1.00 39.83 ? 1599 GLN A CG  1 
ATOM   965  C CD  . GLN A 1 121 ? -9.196  12.104  1.828   1.00 47.61 ? 1599 GLN A CD  1 
ATOM   966  O OE1 . GLN A 1 121 ? -9.670  11.022  1.679   1.00 41.80 ? 1599 GLN A OE1 1 
ATOM   967  N NE2 . GLN A 1 121 ? -9.919  13.194  1.866   1.00 50.91 ? 1599 GLN A NE2 1 
ATOM   968  N N   . TYR A 1 122 ? -4.012  11.692  0.247   1.00 23.07 ? 1600 TYR A N   1 
ATOM   969  C CA  . TYR A 1 122 ? -2.828  11.055  0.797   1.00 22.35 ? 1600 TYR A CA  1 
ATOM   970  C C   . TYR A 1 122 ? -1.536  11.159  -0.030  1.00 21.41 ? 1600 TYR A C   1 
ATOM   971  O O   . TYR A 1 122 ? -0.544  10.714  0.401   1.00 24.55 ? 1600 TYR A O   1 
ATOM   972  C CB  . TYR A 1 122 ? -3.109  9.585   1.150   1.00 16.46 ? 1600 TYR A CB  1 
ATOM   973  C CG  . TYR A 1 122 ? -4.253  9.334   2.093   1.00 25.67 ? 1600 TYR A CG  1 
ATOM   974  C CD1 . TYR A 1 122 ? -4.079  9.300   3.441   1.00 22.81 ? 1600 TYR A CD1 1 
ATOM   975  C CD2 . TYR A 1 122 ? -5.493  9.132   1.632   1.00 25.04 ? 1600 TYR A CD2 1 
ATOM   976  C CE1 . TYR A 1 122 ? -5.079  9.113   4.263   1.00 25.81 ? 1600 TYR A CE1 1 
ATOM   977  C CE2 . TYR A 1 122 ? -6.498  8.948   2.449   1.00 26.40 ? 1600 TYR A CE2 1 
ATOM   978  C CZ  . TYR A 1 122 ? -6.302  8.921   3.787   1.00 26.59 ? 1600 TYR A CZ  1 
ATOM   979  O OH  . TYR A 1 122 ? -7.335  8.691   4.590   1.00 27.85 ? 1600 TYR A OH  1 
ATOM   980  N N   . GLY A 1 123 ? -1.563  11.752  -1.184  1.00 19.40 ? 1601 GLY A N   1 
ATOM   981  C CA  . GLY A 1 123 ? -0.372  11.773  -1.959  1.00 18.37 ? 1601 GLY A CA  1 
ATOM   982  C C   . GLY A 1 123 ? 0.664   12.789  -1.539  1.00 34.49 ? 1601 GLY A C   1 
ATOM   983  O O   . GLY A 1 123 ? 0.341   13.772  -0.907  1.00 31.06 ? 1601 GLY A O   1 
ATOM   984  N N   . LEU A 1 124 ? 1.893   12.522  -1.899  1.00 25.73 ? 1602 LEU A N   1 
ATOM   985  C CA  . LEU A 1 124 ? 2.997   13.427  -1.674  1.00 33.35 ? 1602 LEU A CA  1 
ATOM   986  C C   . LEU A 1 124 ? 3.331   14.227  -2.914  1.00 37.72 ? 1602 LEU A C   1 
ATOM   987  O O   . LEU A 1 124 ? 4.440   14.685  -3.093  1.00 32.85 ? 1602 LEU A O   1 
ATOM   988  C CB  . LEU A 1 124 ? 4.230   12.656  -1.273  1.00 31.32 ? 1602 LEU A CB  1 
ATOM   989  C CG  . LEU A 1 124 ? 4.449   12.349  0.172   1.00 40.53 ? 1602 LEU A CG  1 
ATOM   990  C CD1 . LEU A 1 124 ? 3.457   11.401  0.563   1.00 38.05 ? 1602 LEU A CD1 1 
ATOM   991  C CD2 . LEU A 1 124 ? 5.810   11.759  0.386   1.00 37.14 ? 1602 LEU A CD2 1 
ATOM   992  N N   . GLY A 1 125 ? 2.337   14.391  -3.780  1.00 29.89 ? 1603 GLY A N   1 
ATOM   993  C CA  . GLY A 1 125 ? 2.515   15.137  -5.013  1.00 42.74 ? 1603 GLY A CA  1 
ATOM   994  C C   . GLY A 1 125 ? 2.593   16.633  -4.779  1.00 49.12 ? 1603 GLY A C   1 
ATOM   995  O O   . GLY A 1 125 ? 2.367   17.110  -3.667  1.00 46.52 ? 1603 GLY A O   1 
ATOM   996  O OXT . GLY A 1 125 ? 3.008   17.517  -5.482  1.00 60.16 ? 1603 GLY A OXT 1 
HETATM 997  N N   . MLY B 2 6   ? 5.386   -10.751 -10.770 1.00 58.02 ? 372  MLY B N   1 
HETATM 998  C CA  . MLY B 2 6   ? 5.496   -10.543 -9.301  1.00 63.70 ? 372  MLY B CA  1 
HETATM 999  C CB  . MLY B 2 6   ? 4.895   -9.196  -8.919  1.00 46.32 ? 372  MLY B CB  1 
HETATM 1000 C CG  . MLY B 2 6   ? 5.589   -8.615  -7.693  1.00 45.46 ? 372  MLY B CG  1 
HETATM 1001 C CD  . MLY B 2 6   ? 6.218   -7.264  -8.009  1.00 44.78 ? 372  MLY B CD  1 
HETATM 1002 C CE  . MLY B 2 6   ? 6.018   -6.284  -6.859  1.00 39.70 ? 372  MLY B CE  1 
HETATM 1003 N NZ  . MLY B 2 6   ? 7.326   -5.867  -6.338  1.00 38.62 ? 372  MLY B NZ  1 
HETATM 1004 C CH1 . MLY B 2 6   ? 7.213   -4.529  -5.744  1.00 38.31 ? 372  MLY B CH1 1 
HETATM 1005 C CH2 . MLY B 2 6   ? 8.303   -5.834  -7.435  1.00 45.69 ? 372  MLY B CH2 1 
HETATM 1006 C C   . MLY B 2 6   ? 4.807   -11.634 -8.536  1.00 54.48 ? 372  MLY B C   1 
HETATM 1007 O O   . MLY B 2 6   ? 5.496   -12.575 -8.088  1.00 53.84 ? 372  MLY B O   1 
HETATM 1008 C C1  . PGE C 3 .   ? -2.754  14.660  7.306   1.00 39.28 ? 201  PGE A C1  1 
HETATM 1009 O O1  . PGE C 3 .   ? -3.441  15.852  7.289   1.00 43.38 ? 201  PGE A O1  1 
HETATM 1010 C C2  . PGE C 3 .   ? -3.458  13.317  7.457   1.00 46.21 ? 201  PGE A C2  1 
HETATM 1011 O O2  . PGE C 3 .   ? -4.788  13.024  7.123   1.00 53.10 ? 201  PGE A O2  1 
HETATM 1012 C C3  . PGE C 3 .   ? -5.152  12.867  5.781   1.00 45.49 ? 201  PGE A C3  1 
HETATM 1013 C C4  . PGE C 3 .   ? -6.543  12.395  5.304   1.00 44.23 ? 201  PGE A C4  1 
HETATM 1014 O O4  . PGE C 3 .   ? -8.004  16.248  2.947   1.00 50.37 ? 201  PGE A O4  1 
HETATM 1015 C C6  . PGE C 3 .   ? -7.612  15.486  4.071   1.00 48.36 ? 201  PGE A C6  1 
HETATM 1016 C C5  . PGE C 3 .   ? -8.149  14.091  4.381   1.00 39.95 ? 201  PGE A C5  1 
HETATM 1017 O O3  . PGE C 3 .   ? -7.601  13.274  5.393   1.00 48.77 ? 201  PGE A O3  1 
HETATM 1018 C C1  . PGE D 3 .   ? -1.959  -14.399 14.709  1.00 46.35 ? 202  PGE A C1  1 
HETATM 1019 O O1  . PGE D 3 .   ? -2.375  -14.193 16.007  1.00 54.23 ? 202  PGE A O1  1 
HETATM 1020 C C2  . PGE D 3 .   ? -2.488  -13.399 13.722  1.00 41.18 ? 202  PGE A C2  1 
HETATM 1021 O O2  . PGE D 3 .   ? -3.838  -13.204 13.595  1.00 42.51 ? 202  PGE A O2  1 
HETATM 1022 C C3  . PGE D 3 .   ? -4.288  -12.615 12.438  1.00 40.71 ? 202  PGE A C3  1 
HETATM 1023 C C4  . PGE D 3 .   ? -5.604  -11.868 12.458  1.00 38.34 ? 202  PGE A C4  1 
HETATM 1024 O O4  . PGE D 3 .   ? -8.567  -12.239 15.910  1.00 56.43 ? 202  PGE A O4  1 
HETATM 1025 C C6  . PGE D 3 .   ? -8.520  -11.673 14.656  1.00 40.90 ? 202  PGE A C6  1 
HETATM 1026 C C5  . PGE D 3 .   ? -7.200  -11.348 14.041  1.00 34.39 ? 202  PGE A C5  1 
HETATM 1027 O O3  . PGE D 3 .   ? -6.605  -12.309 13.292  1.00 42.87 ? 202  PGE A O3  1 
HETATM 1028 S S   . SO4 E 4 .   ? -20.559 -2.979  7.253   1.00 75.41 ? 203  SO4 A S   1 
HETATM 1029 O O1  . SO4 E 4 .   ? -21.851 -3.489  7.562   1.00 61.97 ? 203  SO4 A O1  1 
HETATM 1030 O O2  . SO4 E 4 .   ? -20.037 -3.773  6.167   1.00 61.49 ? 203  SO4 A O2  1 
HETATM 1031 O O3  . SO4 E 4 .   ? -20.393 -1.566  7.121   1.00 49.31 ? 203  SO4 A O3  1 
HETATM 1032 O O4  . SO4 E 4 .   ? -19.740 -3.284  8.371   1.00 59.85 ? 203  SO4 A O4  1 
HETATM 1033 O O   . HOH F 5 .   ? -0.180  -1.503  4.409   1.00 17.19 ? 1    HOH A O   1 
HETATM 1034 O O   . HOH F 5 .   ? 3.414   0.775   4.367   1.00 17.66 ? 2    HOH A O   1 
HETATM 1035 O O   . HOH F 5 .   ? -7.739  -12.724 -3.744  1.00 18.75 ? 3    HOH A O   1 
HETATM 1036 O O   . HOH F 5 .   ? -2.486  -13.134 4.429   1.00 19.54 ? 4    HOH A O   1 
HETATM 1037 O O   . HOH F 5 .   ? -0.240  -3.295  2.280   1.00 18.36 ? 5    HOH A O   1 
HETATM 1038 O O   . HOH F 5 .   ? -1.148  -14.798 -10.709 1.00 24.79 ? 6    HOH A O   1 
HETATM 1039 O O   . HOH F 5 .   ? -6.333  4.545   9.969   0.93 13.33 ? 7    HOH A O   1 
HETATM 1040 O O   . HOH F 5 .   ? -10.930 -9.769  -2.026  1.00 16.10 ? 8    HOH A O   1 
HETATM 1041 O O   . HOH F 5 .   ? 10.240  -1.753  3.309   1.00 24.57 ? 9    HOH A O   1 
HETATM 1042 O O   . HOH F 5 .   ? 1.863   -4.259  -0.251  1.00 17.55 ? 10   HOH A O   1 
HETATM 1043 O O   . HOH F 5 .   ? -13.050 -11.727 1.893   1.00 23.71 ? 11   HOH A O   1 
HETATM 1044 O O   . HOH F 5 .   ? -11.045 -11.554 0.018   1.00 24.05 ? 12   HOH A O   1 
HETATM 1045 O O   . HOH F 5 .   ? -8.551  4.345   8.206   1.00 16.65 ? 13   HOH A O   1 
HETATM 1046 O O   . HOH F 5 .   ? 12.310  15.089  -3.263  1.00 26.72 ? 14   HOH A O   1 
HETATM 1047 O O   . HOH F 5 .   ? 3.074   -9.085  5.933   1.00 27.81 ? 15   HOH A O   1 
HETATM 1048 O O   . HOH F 5 .   ? 6.033   -4.624  -0.864  1.00 21.08 ? 16   HOH A O   1 
HETATM 1049 O O   . HOH F 5 .   ? 2.893   2.914   -14.452 1.00 32.03 ? 17   HOH A O   1 
HETATM 1050 O O   . HOH F 5 .   ? -8.890  6.192   -9.802  1.00 21.31 ? 18   HOH A O   1 
HETATM 1051 O O   . HOH F 5 .   ? -7.425  11.493  -5.810  1.00 22.41 ? 19   HOH A O   1 
HETATM 1052 O O   . HOH F 5 .   ? 1.522   -8.265  8.530   1.00 24.18 ? 20   HOH A O   1 
HETATM 1053 O O   . HOH F 5 .   ? -4.794  5.285   7.550   1.00 24.76 ? 21   HOH A O   1 
HETATM 1054 O O   . HOH F 5 .   ? 3.402   -2.847  11.605  1.00 39.18 ? 22   HOH A O   1 
HETATM 1055 O O   . HOH F 5 .   ? -11.372 -7.645  15.108  0.81 20.16 ? 23   HOH A O   1 
HETATM 1056 O O   . HOH F 5 .   ? 1.558   -11.375 14.554  1.00 39.84 ? 25   HOH A O   1 
HETATM 1057 O O   . HOH F 5 .   ? -3.582  -14.613 1.673   1.00 27.36 ? 26   HOH A O   1 
HETATM 1058 O O   . HOH F 5 .   ? -13.763 -7.224  10.582  1.00 26.03 ? 27   HOH A O   1 
HETATM 1059 O O   . HOH F 5 .   ? 19.009  8.668   3.307   1.00 39.21 ? 28   HOH A O   1 
HETATM 1060 O O   . HOH F 5 .   ? -1.738  4.951   11.625  1.00 32.60 ? 29   HOH A O   1 
HETATM 1061 O O   . HOH F 5 .   ? 2.962   -6.496  -1.048  1.00 25.77 ? 30   HOH A O   1 
HETATM 1062 O O   . HOH F 5 .   ? 17.142  12.152  2.377   1.00 35.02 ? 31   HOH A O   1 
HETATM 1063 O O   . HOH F 5 .   ? 0.636   0.985   4.563   1.00 23.03 ? 32   HOH A O   1 
HETATM 1064 O O   . HOH F 5 .   ? -5.444  -14.303 4.099   1.00 22.25 ? 33   HOH A O   1 
HETATM 1065 O O   . HOH F 5 .   ? -10.520 7.509   2.814   1.00 35.05 ? 34   HOH A O   1 
HETATM 1066 O O   . HOH F 5 .   ? 5.090   -6.969  5.753   1.00 40.56 ? 35   HOH A O   1 
HETATM 1067 O O   . HOH F 5 .   ? 5.453   -1.757  -17.973 1.00 27.32 ? 36   HOH A O   1 
HETATM 1068 O O   . HOH F 5 .   ? -9.194  2.471   -3.577  1.00 27.55 ? 37   HOH A O   1 
HETATM 1069 O O   . HOH F 5 .   ? -7.009  -21.021 -12.905 1.00 31.67 ? 38   HOH A O   1 
HETATM 1070 O O   . HOH F 5 .   ? -0.706  7.388   -10.845 1.00 36.25 ? 39   HOH A O   1 
HETATM 1071 O O   . HOH F 5 .   ? -11.328 9.524   -3.820  1.00 32.50 ? 41   HOH A O   1 
HETATM 1072 O O   . HOH F 5 .   ? -2.856  7.360   -13.860 1.00 34.27 ? 42   HOH A O   1 
HETATM 1073 O O   . HOH F 5 .   ? 6.453   15.505  -4.194  1.00 40.10 ? 43   HOH A O   1 
HETATM 1074 O O   . HOH F 5 .   ? -9.134  -1.921  -9.576  1.00 27.99 ? 44   HOH A O   1 
HETATM 1075 O O   . HOH F 5 .   ? -16.612 -14.388 -3.266  1.00 32.93 ? 45   HOH A O   1 
HETATM 1076 O O   . HOH F 5 .   ? 10.935  16.389  0.540   1.00 39.54 ? 46   HOH A O   1 
HETATM 1077 O O   . HOH F 5 .   ? -19.536 -12.785 -8.209  1.00 47.06 ? 47   HOH A O   1 
HETATM 1078 O O   . HOH F 5 .   ? 3.899   1.223   11.441  1.00 37.88 ? 48   HOH A O   1 
HETATM 1079 O O   . HOH F 5 .   ? -14.258 -8.892  -5.476  1.00 35.77 ? 49   HOH A O   1 
HETATM 1080 O O   . HOH F 5 .   ? 18.013  5.451   -5.536  1.00 35.66 ? 50   HOH A O   1 
HETATM 1081 O O   . HOH F 5 .   ? 6.798   7.483   -9.823  1.00 25.64 ? 51   HOH A O   1 
HETATM 1082 O O   . HOH F 5 .   ? -2.305  -2.459  -14.386 1.00 31.03 ? 52   HOH A O   1 
HETATM 1083 O O   . HOH F 5 .   ? -4.743  14.814  -6.964  1.00 47.34 ? 53   HOH A O   1 
HETATM 1084 O O   . HOH F 5 .   ? -8.147  11.058  -2.181  1.00 28.35 ? 54   HOH A O   1 
HETATM 1085 O O   . HOH F 5 .   ? 16.707  -3.502  -4.907  1.00 42.18 ? 55   HOH A O   1 
HETATM 1086 O O   . HOH F 5 .   ? -17.661 -7.963  -3.247  1.00 30.57 ? 56   HOH A O   1 
HETATM 1087 O O   . HOH F 5 .   ? 0.205   8.329   -14.065 1.00 49.98 ? 58   HOH A O   1 
HETATM 1088 O O   . HOH F 5 .   ? -6.675  -5.452  -8.957  1.00 26.11 ? 59   HOH A O   1 
HETATM 1089 O O   . HOH F 5 .   ? -17.970 -3.819  1.272   1.00 39.74 ? 60   HOH A O   1 
HETATM 1090 O O   . HOH F 5 .   ? 12.502  14.002  3.033   1.00 45.87 ? 61   HOH A O   1 
HETATM 1091 O O   . HOH F 5 .   ? 0.971   -13.244 -10.455 1.00 41.61 ? 62   HOH A O   1 
HETATM 1092 O O   . HOH F 5 .   ? -6.143  -23.741 -8.904  1.00 42.01 ? 63   HOH A O   1 
HETATM 1093 O O   . HOH F 5 .   ? 8.546   13.594  7.217   1.00 40.35 ? 64   HOH A O   1 
HETATM 1094 O O   . HOH F 5 .   ? 5.588   5.397   9.151   1.00 34.71 ? 65   HOH A O   1 
HETATM 1095 O O   . HOH F 5 .   ? -18.849 -1.202  1.289   1.00 40.81 ? 66   HOH A O   1 
HETATM 1096 O O   . HOH F 5 .   ? -11.443 3.149   -2.531  1.00 26.36 ? 67   HOH A O   1 
HETATM 1097 O O   . HOH F 5 .   ? 2.976   -5.078  9.764   1.00 34.19 ? 68   HOH A O   1 
HETATM 1098 O O   . HOH F 5 .   ? -0.310  0.588   11.004  1.00 26.59 ? 69   HOH A O   1 
HETATM 1099 O O   . HOH F 5 .   ? -8.098  -14.342 -1.208  1.00 35.42 ? 70   HOH A O   1 
HETATM 1100 O O   . HOH F 5 .   ? -16.091 -14.039 -0.368  1.00 33.53 ? 72   HOH A O   1 
HETATM 1101 O O   . HOH F 5 .   ? 1.705   -0.768  12.082  1.00 35.47 ? 73   HOH A O   1 
HETATM 1102 O O   . HOH F 5 .   ? -2.259  15.507  -3.516  1.00 39.05 ? 74   HOH A O   1 
HETATM 1103 O O   . HOH F 5 .   ? -17.586 -5.684  -0.077  1.00 43.91 ? 75   HOH A O   1 
HETATM 1104 O O   . HOH F 5 .   ? -6.944  7.196   7.109   1.00 36.73 ? 76   HOH A O   1 
HETATM 1105 O O   . HOH F 5 .   ? -13.836 -11.268 10.524  1.00 34.67 ? 77   HOH A O   1 
HETATM 1106 O O   . HOH F 5 .   ? -8.792  -5.209  -7.998  1.00 30.31 ? 78   HOH A O   1 
HETATM 1107 O O   . HOH F 5 .   ? -0.173  6.821   7.641   1.00 37.66 ? 79   HOH A O   1 
HETATM 1108 O O   . HOH F 5 .   ? -1.291  -13.730 -4.898  1.00 31.06 ? 80   HOH A O   1 
HETATM 1109 O O   . HOH F 5 .   ? 0.138   13.973  -5.045  1.00 32.03 ? 81   HOH A O   1 
HETATM 1110 O O   . HOH F 5 .   ? -11.807 -10.660 8.460   1.00 25.87 ? 82   HOH A O   1 
HETATM 1111 O O   . HOH F 5 .   ? -16.647 -10.579 -5.595  1.00 30.93 ? 83   HOH A O   1 
HETATM 1112 O O   . HOH F 5 .   ? -14.187 -14.048 1.477   1.00 33.69 ? 84   HOH A O   1 
HETATM 1113 O O   . HOH F 5 .   ? -14.637 3.947   -5.591  1.00 51.62 ? 85   HOH A O   1 
HETATM 1114 O O   . HOH F 5 .   ? 10.736  10.787  9.090   1.00 49.40 ? 86   HOH A O   1 
HETATM 1115 O O   . HOH F 5 .   ? -20.672 -14.050 -0.541  1.00 41.60 ? 87   HOH A O   1 
HETATM 1116 O O   . HOH F 5 .   ? -8.303  9.180   -9.360  1.00 40.37 ? 88   HOH A O   1 
HETATM 1117 O O   . HOH F 5 .   ? 11.930  18.316  2.143   1.00 57.52 ? 89   HOH A O   1 
HETATM 1118 O O   . HOH F 5 .   ? -17.751 -12.546 7.504   1.00 33.02 ? 90   HOH A O   1 
HETATM 1119 O O   . HOH F 5 .   ? 5.470   -10.888 15.848  1.00 50.20 ? 91   HOH A O   1 
HETATM 1120 O O   . HOH F 5 .   ? 5.814   -2.985  9.534   1.00 49.96 ? 92   HOH A O   1 
HETATM 1121 O O   . HOH F 5 .   ? 20.865  7.882   2.400   1.00 47.36 ? 93   HOH A O   1 
HETATM 1122 O O   . HOH F 5 .   ? -16.635 -10.188 11.058  1.00 47.25 ? 94   HOH A O   1 
HETATM 1123 O O   . HOH F 5 .   ? -1.972  9.795   -12.992 1.00 46.86 ? 95   HOH A O   1 
HETATM 1124 O O   . HOH F 5 .   ? -7.963  -21.332 -3.529  1.00 40.02 ? 96   HOH A O   1 
HETATM 1125 O O   . HOH F 5 .   ? 0.222   -4.510  -14.375 1.00 33.07 ? 98   HOH A O   1 
HETATM 1126 O O   . HOH F 5 .   ? 13.454  17.999  -0.666  1.00 43.51 ? 99   HOH A O   1 
HETATM 1127 O O   . HOH F 5 .   ? 12.548  -4.611  2.816   1.00 44.66 ? 100  HOH A O   1 
HETATM 1128 O O   . HOH F 5 .   ? 8.759   -5.141  6.645   1.00 46.74 ? 102  HOH A O   1 
HETATM 1129 O O   . HOH F 5 .   ? 3.095   -14.592 -11.677 1.00 47.26 ? 103  HOH A O   1 
HETATM 1130 O O   . HOH F 5 .   ? 7.565   -1.227  10.759  1.00 47.38 ? 106  HOH A O   1 
HETATM 1131 O O   . HOH F 5 .   ? -3.209  7.463   7.600   1.00 38.98 ? 107  HOH A O   1 
HETATM 1132 O O   . HOH F 5 .   ? 8.097   -4.717  9.147   1.00 54.41 ? 109  HOH A O   1 
HETATM 1133 O O   . HOH F 5 .   ? 18.544  7.997   -7.632  1.00 40.85 ? 110  HOH A O   1 
HETATM 1134 O O   . HOH F 5 .   ? 14.675  19.274  2.389   1.00 40.55 ? 111  HOH A O   1 
HETATM 1135 O O   . HOH F 5 .   ? -11.854 6.271   5.158   1.00 35.66 ? 112  HOH A O   1 
HETATM 1136 O O   . HOH F 5 .   ? -12.015 5.624   -1.493  1.00 36.84 ? 115  HOH A O   1 
HETATM 1137 O O   . HOH F 5 .   ? -1.218  12.629  -13.087 1.00 55.17 ? 116  HOH A O   1 
HETATM 1138 O O   . HOH F 5 .   ? 3.349   16.398  -8.168  1.00 46.13 ? 117  HOH A O   1 
HETATM 1139 O O   . HOH F 5 .   ? -11.916 -13.574 12.875  1.00 38.24 ? 118  HOH A O   1 
HETATM 1140 O O   . HOH F 5 .   ? -14.757 5.248   6.319   1.00 46.97 ? 120  HOH A O   1 
HETATM 1141 O O   . HOH F 5 .   ? 3.724   -13.774 11.822  1.00 46.06 ? 122  HOH A O   1 
HETATM 1142 O O   . HOH F 5 .   ? -19.997 -13.763 -10.445 1.00 39.88 ? 125  HOH A O   1 
HETATM 1143 O O   . HOH F 5 .   ? -0.949  15.632  -6.955  1.00 52.65 ? 126  HOH A O   1 
HETATM 1144 O O   . HOH F 5 .   ? -1.094  17.981  -2.631  1.00 43.75 ? 127  HOH A O   1 
HETATM 1145 O O   . HOH F 5 .   ? 2.044   -8.304  -6.959  1.00 40.68 ? 129  HOH A O   1 
HETATM 1146 O O   . HOH F 5 .   ? 7.668   3.695   -9.792  1.00 38.14 ? 130  HOH A O   1 
HETATM 1147 O O   . HOH F 5 .   ? 1.459   -12.914 -0.733  1.00 52.70 ? 131  HOH A O   1 
HETATM 1148 O O   . HOH F 5 .   ? 13.195  -2.938  -6.654  1.00 45.35 ? 132  HOH A O   1 
HETATM 1149 O O   . HOH F 5 .   ? -13.253 -11.198 14.351  1.00 42.67 ? 133  HOH A O   1 
HETATM 1150 O O   . HOH F 5 .   ? 3.539   -12.358 -1.513  1.00 43.48 ? 134  HOH A O   1 
HETATM 1151 O O   . HOH F 5 .   ? 3.189   7.484   -12.393 1.00 37.90 ? 135  HOH A O   1 
HETATM 1152 O O   . HOH F 5 .   ? -15.472 1.632   -3.932  1.00 50.79 ? 137  HOH A O   1 
HETATM 1153 O O   . HOH F 5 .   ? 13.041  9.339   -14.546 1.00 50.23 ? 139  HOH A O   1 
HETATM 1154 O O   . HOH F 5 .   ? -5.497  14.784  3.964   1.00 38.50 ? 140  HOH A O   1 
HETATM 1155 O O   . HOH F 5 .   ? 10.019  8.723   11.185  1.00 51.89 ? 141  HOH A O   1 
HETATM 1156 O O   . HOH F 5 .   ? -12.652 5.684   -9.639  1.00 45.87 ? 142  HOH A O   1 
HETATM 1157 O O   . HOH F 5 .   ? 9.138   5.539   -13.177 1.00 44.28 ? 143  HOH A O   1 
HETATM 1158 O O   . HOH F 5 .   ? 4.380   -5.842  3.414   1.00 32.80 ? 145  HOH A O   1 
HETATM 1159 O O   . HOH F 5 .   ? 17.092  14.736  5.922   1.00 47.20 ? 146  HOH A O   1 
HETATM 1160 O O   . HOH F 5 .   ? 6.281   14.701  10.908  1.00 52.95 ? 147  HOH A O   1 
HETATM 1161 O O   . HOH F 5 .   ? 11.303  7.882   -11.316 1.00 42.57 ? 148  HOH A O   1 
HETATM 1162 O O   . HOH F 5 .   ? 8.199   0.401   -16.611 1.00 41.76 ? 149  HOH A O   1 
HETATM 1163 O O   . HOH F 5 .   ? 17.894  0.972   2.315   1.00 56.28 ? 150  HOH A O   1 
HETATM 1164 O O   . HOH F 5 .   ? 5.982   14.248  -7.560  1.00 29.46 ? 151  HOH A O   1 
HETATM 1165 O O   . HOH F 5 .   ? 4.354   16.166  -0.165  1.00 43.57 ? 152  HOH A O   1 
HETATM 1166 O O   . HOH F 5 .   ? 9.759   -7.139  -9.675  1.00 49.34 ? 154  HOH A O   1 
HETATM 1167 O O   . HOH F 5 .   ? -1.142  13.230  -9.404  1.00 48.60 ? 155  HOH A O   1 
HETATM 1168 O O   . HOH F 5 .   ? -14.683 6.226   1.949   1.00 44.12 ? 158  HOH A O   1 
HETATM 1169 O O   . HOH F 5 .   ? -9.075  9.553   0.047   1.00 37.85 ? 159  HOH A O   1 
HETATM 1170 O O   . HOH F 5 .   ? -10.896 13.182  -2.433  1.00 45.65 ? 160  HOH A O   1 
HETATM 1171 O O   . HOH F 5 .   ? -14.680 -4.547  -4.062  1.00 40.02 ? 161  HOH A O   1 
HETATM 1172 O O   . HOH F 5 .   ? -0.116  8.900   -9.163  1.00 37.54 ? 162  HOH A O   1 
HETATM 1173 O O   . HOH F 5 .   ? 13.209  17.351  4.773   1.00 38.53 ? 163  HOH A O   1 
HETATM 1174 O O   . HOH F 5 .   ? 10.781  17.288  4.484   1.00 51.04 ? 164  HOH A O   1 
HETATM 1175 O O   . HOH F 5 .   ? -0.172  -15.418 16.317  1.00 45.34 ? 165  HOH A O   1 
HETATM 1176 O O   . HOH F 5 .   ? 15.038  -3.420  -8.436  0.81 37.76 ? 166  HOH A O   1 
HETATM 1177 O O   . HOH F 5 .   ? -8.120  -3.219  -12.155 1.00 34.12 ? 167  HOH A O   1 
HETATM 1178 O O   . HOH F 5 .   ? 14.471  8.304   -11.452 1.00 55.53 ? 168  HOH A O   1 
HETATM 1179 O O   . HOH F 5 .   ? -21.503 0.095   5.434   1.00 49.45 ? 169  HOH A O   1 
HETATM 1180 O O   . HOH F 5 .   ? 12.471  -8.253  2.686   1.00 43.46 ? 170  HOH A O   1 
HETATM 1181 O O   . HOH F 5 .   ? 1.204   -2.880  17.380  1.00 43.02 ? 171  HOH A O   1 
HETATM 1182 O O   . HOH G 5 .   ? 3.015   -13.274 -8.674  1.00 43.22 ? 172  HOH B O   1 
# 
loop_
_pdbx_poly_seq_scheme.asym_id 
_pdbx_poly_seq_scheme.entity_id 
_pdbx_poly_seq_scheme.seq_id 
_pdbx_poly_seq_scheme.mon_id 
_pdbx_poly_seq_scheme.ndb_seq_num 
_pdbx_poly_seq_scheme.pdb_seq_num 
_pdbx_poly_seq_scheme.auth_seq_num 
_pdbx_poly_seq_scheme.pdb_mon_id 
_pdbx_poly_seq_scheme.auth_mon_id 
_pdbx_poly_seq_scheme.pdb_strand_id 
_pdbx_poly_seq_scheme.pdb_ins_code 
_pdbx_poly_seq_scheme.hetero 
A 1 1   GLY 1   1479 ?    ?   ?   A . n 
A 1 2   PRO 2   1480 ?    ?   ?   A . n 
A 1 3   LEU 3   1481 ?    ?   ?   A . n 
A 1 4   GLY 4   1482 ?    ?   ?   A . n 
A 1 5   SER 5   1483 ?    ?   ?   A . n 
A 1 6   ASN 6   1484 1484 ASN ASN A . n 
A 1 7   SER 7   1485 1485 SER SER A . n 
A 1 8   PHE 8   1486 1486 PHE PHE A . n 
A 1 9   VAL 9   1487 1487 VAL VAL A . n 
A 1 10  GLY 10  1488 1488 GLY GLY A . n 
A 1 11  LEU 11  1489 1489 LEU LEU A . n 
A 1 12  ARG 12  1490 1490 ARG ARG A . n 
A 1 13  VAL 13  1491 1491 VAL VAL A . n 
A 1 14  VAL 14  1492 1492 VAL VAL A . n 
A 1 15  ALA 15  1493 1493 ALA ALA A . n 
A 1 16  LYS 16  1494 1494 LYS LYS A . n 
A 1 17  TRP 17  1495 1495 TRP TRP A . n 
A 1 18  SER 18  1496 1496 SER SER A . n 
A 1 19  SER 19  1497 1497 SER SER A . n 
A 1 20  ASN 20  1498 1498 ASN ASN A . n 
A 1 21  GLY 21  1499 1499 GLY GLY A . n 
A 1 22  TYR 22  1500 1500 TYR TYR A . n 
A 1 23  PHE 23  1501 1501 PHE PHE A . n 
A 1 24  TYR 24  1502 1502 TYR TYR A . n 
A 1 25  SER 25  1503 1503 SER SER A . n 
A 1 26  GLY 26  1504 1504 GLY GLY A . n 
A 1 27  LYS 27  1505 1505 LYS LYS A . n 
A 1 28  ILE 28  1506 1506 ILE ILE A . n 
A 1 29  THR 29  1507 1507 THR THR A . n 
A 1 30  ARG 30  1508 1508 ARG ARG A . n 
A 1 31  ASP 31  1509 1509 ASP ASP A . n 
A 1 32  VAL 32  1510 1510 VAL VAL A . n 
A 1 33  GLY 33  1511 1511 GLY GLY A . n 
A 1 34  ALA 34  1512 1512 ALA ALA A . n 
A 1 35  GLY 35  1513 1513 GLY GLY A . n 
A 1 36  LYS 36  1514 1514 LYS LYS A . n 
A 1 37  TYR 37  1515 1515 TYR TYR A . n 
A 1 38  LYS 38  1516 1516 LYS LYS A . n 
A 1 39  LEU 39  1517 1517 LEU LEU A . n 
A 1 40  LEU 40  1518 1518 LEU LEU A . n 
A 1 41  PHE 41  1519 1519 PHE PHE A . n 
A 1 42  ASP 42  1520 1520 ASP ASP A . n 
A 1 43  ASP 43  1521 1521 ASP ASP A . n 
A 1 44  GLY 44  1522 1522 GLY GLY A . n 
A 1 45  TYR 45  1523 1523 TYR TYR A . n 
A 1 46  GLU 46  1524 1524 GLU GLU A . n 
A 1 47  CYS 47  1525 1525 CYS CYS A . n 
A 1 48  ASP 48  1526 1526 ASP ASP A . n 
A 1 49  VAL 49  1527 1527 VAL VAL A . n 
A 1 50  LEU 50  1528 1528 LEU LEU A . n 
A 1 51  GLY 51  1529 1529 GLY GLY A . n 
A 1 52  LYS 52  1530 1530 LYS LYS A . n 
A 1 53  ASP 53  1531 1531 ASP ASP A . n 
A 1 54  ILE 54  1532 1532 ILE ILE A . n 
A 1 55  LEU 55  1533 1533 LEU LEU A . n 
A 1 56  LEU 56  1534 1534 LEU LEU A . n 
A 1 57  CYS 57  1535 1535 CYS CYS A . n 
A 1 58  ASP 58  1536 1536 ASP ASP A . n 
A 1 59  PRO 59  1537 1537 PRO PRO A . n 
A 1 60  ILE 60  1538 1538 ILE ILE A . n 
A 1 61  PRO 61  1539 1539 PRO PRO A . n 
A 1 62  LEU 62  1540 1540 LEU LEU A . n 
A 1 63  ASP 63  1541 1541 ASP ASP A . n 
A 1 64  THR 64  1542 1542 THR THR A . n 
A 1 65  GLU 65  1543 1543 GLU GLU A . n 
A 1 66  VAL 66  1544 1544 VAL VAL A . n 
A 1 67  THR 67  1545 1545 THR THR A . n 
A 1 68  ALA 68  1546 1546 ALA ALA A . n 
A 1 69  LEU 69  1547 1547 LEU LEU A . n 
A 1 70  SER 70  1548 1548 SER SER A . n 
A 1 71  GLU 71  1549 1549 GLU GLU A . n 
A 1 72  ASP 72  1550 1550 ASP ASP A . n 
A 1 73  GLU 73  1551 1551 GLU GLU A . n 
A 1 74  TYR 74  1552 1552 TYR TYR A . n 
A 1 75  PHE 75  1553 1553 PHE PHE A . n 
A 1 76  SER 76  1554 1554 SER SER A . n 
A 1 77  ALA 77  1555 1555 ALA ALA A . n 
A 1 78  GLY 78  1556 1556 GLY GLY A . n 
A 1 79  VAL 79  1557 1557 VAL VAL A . n 
A 1 80  VAL 80  1558 1558 VAL VAL A . n 
A 1 81  LYS 81  1559 1559 LYS LYS A . n 
A 1 82  GLY 82  1560 1560 GLY GLY A . n 
A 1 83  HIS 83  1561 1561 HIS HIS A . n 
A 1 84  ARG 84  1562 1562 ARG ARG A . n 
A 1 85  LYS 85  1563 1563 LYS LYS A . n 
A 1 86  GLU 86  1564 1564 GLU GLU A . n 
A 1 87  SER 87  1565 1565 SER SER A . n 
A 1 88  GLY 88  1566 1566 GLY GLY A . n 
A 1 89  GLU 89  1567 1567 GLU GLU A . n 
A 1 90  LEU 90  1568 1568 LEU LEU A . n 
A 1 91  TYR 91  1569 1569 TYR TYR A . n 
A 1 92  TYR 92  1570 1570 TYR TYR A . n 
A 1 93  SER 93  1571 1571 SER SER A . n 
A 1 94  ILE 94  1572 1572 ILE ILE A . n 
A 1 95  GLU 95  1573 1573 GLU GLU A . n 
A 1 96  LYS 96  1574 1574 LYS LYS A . n 
A 1 97  GLU 97  1575 1575 GLU GLU A . n 
A 1 98  GLY 98  1576 1576 GLY GLY A . n 
A 1 99  GLN 99  1577 1577 GLN GLN A . n 
A 1 100 ARG 100 1578 1578 ARG ARG A . n 
A 1 101 LYS 101 1579 1579 LYS LYS A . n 
A 1 102 TRP 102 1580 1580 TRP TRP A . n 
A 1 103 TYR 103 1581 1581 TYR TYR A . n 
A 1 104 LYS 104 1582 1582 LYS LYS A . n 
A 1 105 ARG 105 1583 1583 ARG ARG A . n 
A 1 106 MET 106 1584 1584 MET MET A . n 
A 1 107 ALA 107 1585 1585 ALA ALA A . n 
A 1 108 VAL 108 1586 1586 VAL VAL A . n 
A 1 109 ILE 109 1587 1587 ILE ILE A . n 
A 1 110 LEU 110 1588 1588 LEU LEU A . n 
A 1 111 SER 111 1589 1589 SER SER A . n 
A 1 112 LEU 112 1590 1590 LEU LEU A . n 
A 1 113 GLU 113 1591 1591 GLU GLU A . n 
A 1 114 GLN 114 1592 1592 GLN GLN A . n 
A 1 115 GLY 115 1593 1593 GLY GLY A . n 
A 1 116 ASN 116 1594 1594 ASN ASN A . n 
A 1 117 ARG 117 1595 1595 ARG ARG A . n 
A 1 118 LEU 118 1596 1596 LEU LEU A . n 
A 1 119 ARG 119 1597 1597 ARG ARG A . n 
A 1 120 GLU 120 1598 1598 GLU GLU A . n 
A 1 121 GLN 121 1599 1599 GLN GLN A . n 
A 1 122 TYR 122 1600 1600 TYR TYR A . n 
A 1 123 GLY 123 1601 1601 GLY GLY A . n 
A 1 124 LEU 124 1602 1602 LEU LEU A . n 
A 1 125 GLY 125 1603 1603 GLY GLY A . n 
B 2 1   SER 1   367  ?    ?   ?   B . n 
B 2 2   HIS 2   368  ?    ?   ?   B . n 
B 2 3   LEU 3   369  ?    ?   ?   B . n 
B 2 4   LYS 4   370  ?    ?   ?   B . n 
B 2 5   SER 5   371  ?    ?   ?   B . n 
B 2 6   MLY 6   372  372  MLY MLY B . n 
B 2 7   LYS 7   373  ?    ?   ?   B . n 
B 2 8   GLY 8   374  ?    ?   ?   B . n 
B 2 9   GLN 9   375  ?    ?   ?   B . n 
B 2 10  SER 10  376  ?    ?   ?   B . n 
B 2 11  THR 11  377  ?    ?   ?   B . n 
# 
loop_
_pdbx_nonpoly_scheme.asym_id 
_pdbx_nonpoly_scheme.entity_id 
_pdbx_nonpoly_scheme.mon_id 
_pdbx_nonpoly_scheme.ndb_seq_num 
_pdbx_nonpoly_scheme.pdb_seq_num 
_pdbx_nonpoly_scheme.auth_seq_num 
_pdbx_nonpoly_scheme.pdb_mon_id 
_pdbx_nonpoly_scheme.auth_mon_id 
_pdbx_nonpoly_scheme.pdb_strand_id 
_pdbx_nonpoly_scheme.pdb_ins_code 
C 3 PGE 1   201 201 PGE PGE A . 
D 3 PGE 1   202 202 PGE PGE A . 
E 4 SO4 1   203 203 SO4 SO4 A . 
F 5 HOH 1   1   1   HOH HOH A . 
F 5 HOH 2   2   2   HOH HOH A . 
F 5 HOH 3   3   3   HOH HOH A . 
F 5 HOH 4   4   4   HOH HOH A . 
F 5 HOH 5   5   5   HOH HOH A . 
F 5 HOH 6   6   6   HOH HOH A . 
F 5 HOH 7   7   7   HOH HOH A . 
F 5 HOH 8   8   8   HOH HOH A . 
F 5 HOH 9   9   9   HOH HOH A . 
F 5 HOH 10  10  10  HOH HOH A . 
F 5 HOH 11  11  11  HOH HOH A . 
F 5 HOH 12  12  12  HOH HOH A . 
F 5 HOH 13  13  13  HOH HOH A . 
F 5 HOH 14  14  14  HOH HOH A . 
F 5 HOH 15  15  15  HOH HOH A . 
F 5 HOH 16  16  16  HOH HOH A . 
F 5 HOH 17  17  17  HOH HOH A . 
F 5 HOH 18  18  18  HOH HOH A . 
F 5 HOH 19  19  19  HOH HOH A . 
F 5 HOH 20  20  20  HOH HOH A . 
F 5 HOH 21  21  21  HOH HOH A . 
F 5 HOH 22  22  22  HOH HOH A . 
F 5 HOH 23  23  23  HOH HOH A . 
F 5 HOH 24  25  25  HOH HOH A . 
F 5 HOH 25  26  26  HOH HOH A . 
F 5 HOH 26  27  27  HOH HOH A . 
F 5 HOH 27  28  28  HOH HOH A . 
F 5 HOH 28  29  29  HOH HOH A . 
F 5 HOH 29  30  30  HOH HOH A . 
F 5 HOH 30  31  31  HOH HOH A . 
F 5 HOH 31  32  32  HOH HOH A . 
F 5 HOH 32  33  33  HOH HOH A . 
F 5 HOH 33  34  34  HOH HOH A . 
F 5 HOH 34  35  35  HOH HOH A . 
F 5 HOH 35  36  36  HOH HOH A . 
F 5 HOH 36  37  37  HOH HOH A . 
F 5 HOH 37  38  38  HOH HOH A . 
F 5 HOH 38  39  39  HOH HOH A . 
F 5 HOH 39  41  41  HOH HOH A . 
F 5 HOH 40  42  42  HOH HOH A . 
F 5 HOH 41  43  43  HOH HOH A . 
F 5 HOH 42  44  44  HOH HOH A . 
F 5 HOH 43  45  45  HOH HOH A . 
F 5 HOH 44  46  46  HOH HOH A . 
F 5 HOH 45  47  47  HOH HOH A . 
F 5 HOH 46  48  48  HOH HOH A . 
F 5 HOH 47  49  49  HOH HOH A . 
F 5 HOH 48  50  50  HOH HOH A . 
F 5 HOH 49  51  51  HOH HOH A . 
F 5 HOH 50  52  52  HOH HOH A . 
F 5 HOH 51  53  53  HOH HOH A . 
F 5 HOH 52  54  54  HOH HOH A . 
F 5 HOH 53  55  55  HOH HOH A . 
F 5 HOH 54  56  56  HOH HOH A . 
F 5 HOH 55  58  58  HOH HOH A . 
F 5 HOH 56  59  59  HOH HOH A . 
F 5 HOH 57  60  60  HOH HOH A . 
F 5 HOH 58  61  61  HOH HOH A . 
F 5 HOH 59  62  62  HOH HOH A . 
F 5 HOH 60  63  63  HOH HOH A . 
F 5 HOH 61  64  64  HOH HOH A . 
F 5 HOH 62  65  65  HOH HOH A . 
F 5 HOH 63  66  66  HOH HOH A . 
F 5 HOH 64  67  67  HOH HOH A . 
F 5 HOH 65  68  68  HOH HOH A . 
F 5 HOH 66  69  69  HOH HOH A . 
F 5 HOH 67  70  70  HOH HOH A . 
F 5 HOH 68  72  72  HOH HOH A . 
F 5 HOH 69  73  73  HOH HOH A . 
F 5 HOH 70  74  74  HOH HOH A . 
F 5 HOH 71  75  75  HOH HOH A . 
F 5 HOH 72  76  76  HOH HOH A . 
F 5 HOH 73  77  77  HOH HOH A . 
F 5 HOH 74  78  78  HOH HOH A . 
F 5 HOH 75  79  79  HOH HOH A . 
F 5 HOH 76  80  80  HOH HOH A . 
F 5 HOH 77  81  81  HOH HOH A . 
F 5 HOH 78  82  82  HOH HOH A . 
F 5 HOH 79  83  83  HOH HOH A . 
F 5 HOH 80  84  84  HOH HOH A . 
F 5 HOH 81  85  85  HOH HOH A . 
F 5 HOH 82  86  86  HOH HOH A . 
F 5 HOH 83  87  87  HOH HOH A . 
F 5 HOH 84  88  88  HOH HOH A . 
F 5 HOH 85  89  89  HOH HOH A . 
F 5 HOH 86  90  90  HOH HOH A . 
F 5 HOH 87  91  91  HOH HOH A . 
F 5 HOH 88  92  92  HOH HOH A . 
F 5 HOH 89  93  93  HOH HOH A . 
F 5 HOH 90  94  94  HOH HOH A . 
F 5 HOH 91  95  95  HOH HOH A . 
F 5 HOH 92  96  96  HOH HOH A . 
F 5 HOH 93  98  98  HOH HOH A . 
F 5 HOH 94  99  99  HOH HOH A . 
F 5 HOH 95  100 100 HOH HOH A . 
F 5 HOH 96  102 102 HOH HOH A . 
F 5 HOH 97  103 103 HOH HOH A . 
F 5 HOH 98  106 106 HOH HOH A . 
F 5 HOH 99  107 107 HOH HOH A . 
F 5 HOH 100 109 109 HOH HOH A . 
F 5 HOH 101 110 110 HOH HOH A . 
F 5 HOH 102 111 111 HOH HOH A . 
F 5 HOH 103 112 112 HOH HOH A . 
F 5 HOH 104 115 115 HOH HOH A . 
F 5 HOH 105 116 116 HOH HOH A . 
F 5 HOH 106 117 117 HOH HOH A . 
F 5 HOH 107 118 118 HOH HOH A . 
F 5 HOH 108 120 120 HOH HOH A . 
F 5 HOH 109 122 122 HOH HOH A . 
F 5 HOH 110 125 125 HOH HOH A . 
F 5 HOH 111 126 126 HOH HOH A . 
F 5 HOH 112 127 127 HOH HOH A . 
F 5 HOH 113 129 129 HOH HOH A . 
F 5 HOH 114 130 130 HOH HOH A . 
F 5 HOH 115 131 131 HOH HOH A . 
F 5 HOH 116 132 132 HOH HOH A . 
F 5 HOH 117 133 133 HOH HOH A . 
F 5 HOH 118 134 134 HOH HOH A . 
F 5 HOH 119 135 135 HOH HOH A . 
F 5 HOH 120 137 137 HOH HOH A . 
F 5 HOH 121 139 139 HOH HOH A . 
F 5 HOH 122 140 140 HOH HOH A . 
F 5 HOH 123 141 141 HOH HOH A . 
F 5 HOH 124 142 142 HOH HOH A . 
F 5 HOH 125 143 143 HOH HOH A . 
F 5 HOH 126 145 145 HOH HOH A . 
F 5 HOH 127 146 146 HOH HOH A . 
F 5 HOH 128 147 147 HOH HOH A . 
F 5 HOH 129 148 148 HOH HOH A . 
F 5 HOH 130 149 149 HOH HOH A . 
F 5 HOH 131 150 150 HOH HOH A . 
F 5 HOH 132 151 151 HOH HOH A . 
F 5 HOH 133 152 152 HOH HOH A . 
F 5 HOH 134 154 154 HOH HOH A . 
F 5 HOH 135 155 155 HOH HOH A . 
F 5 HOH 136 158 158 HOH HOH A . 
F 5 HOH 137 159 159 HOH HOH A . 
F 5 HOH 138 160 160 HOH HOH A . 
F 5 HOH 139 161 161 HOH HOH A . 
F 5 HOH 140 162 162 HOH HOH A . 
F 5 HOH 141 163 163 HOH HOH A . 
F 5 HOH 142 164 164 HOH HOH A . 
F 5 HOH 143 165 165 HOH HOH A . 
F 5 HOH 144 166 166 HOH HOH A . 
F 5 HOH 145 167 167 HOH HOH A . 
F 5 HOH 146 168 168 HOH HOH A . 
F 5 HOH 147 169 169 HOH HOH A . 
F 5 HOH 148 170 170 HOH HOH A . 
F 5 HOH 149 171 171 HOH HOH A . 
G 5 HOH 1   172 172 HOH HOH B . 
# 
_pdbx_struct_mod_residue.id               1 
_pdbx_struct_mod_residue.label_asym_id    B 
_pdbx_struct_mod_residue.label_comp_id    MLY 
_pdbx_struct_mod_residue.label_seq_id     6 
_pdbx_struct_mod_residue.auth_asym_id     B 
_pdbx_struct_mod_residue.auth_comp_id     MLY 
_pdbx_struct_mod_residue.auth_seq_id      372 
_pdbx_struct_mod_residue.PDB_ins_code     ? 
_pdbx_struct_mod_residue.parent_comp_id   LYS 
_pdbx_struct_mod_residue.details          N-DIMETHYL-LYSINE 
# 
loop_
_pdbx_struct_assembly.id 
_pdbx_struct_assembly.details 
_pdbx_struct_assembly.method_details 
_pdbx_struct_assembly.oligomeric_details 
_pdbx_struct_assembly.oligomeric_count 
1 software_defined_assembly            PISA tetrameric 4 
2 author_and_software_defined_assembly PISA dimeric    2 
# 
loop_
_pdbx_struct_assembly_gen.assembly_id 
_pdbx_struct_assembly_gen.oper_expression 
_pdbx_struct_assembly_gen.asym_id_list 
1 1,2 A,B,C,D,E,F,G 
2 1   A,B,C,D,E,F,G 
# 
loop_
_pdbx_struct_assembly_prop.biol_id 
_pdbx_struct_assembly_prop.type 
_pdbx_struct_assembly_prop.value 
_pdbx_struct_assembly_prop.details 
1 'ABSA (A^2)' 3530  ? 
1 MORE         -23   ? 
1 'SSA (A^2)'  13600 ? 
2 'ABSA (A^2)' 890   ? 
2 MORE         -8    ? 
2 'SSA (A^2)'  7680  ? 
# 
loop_
_pdbx_struct_oper_list.id 
_pdbx_struct_oper_list.type 
_pdbx_struct_oper_list.name 
_pdbx_struct_oper_list.symmetry_operation 
_pdbx_struct_oper_list.matrix[1][1] 
_pdbx_struct_oper_list.matrix[1][2] 
_pdbx_struct_oper_list.matrix[1][3] 
_pdbx_struct_oper_list.vector[1] 
_pdbx_struct_oper_list.matrix[2][1] 
_pdbx_struct_oper_list.matrix[2][2] 
_pdbx_struct_oper_list.matrix[2][3] 
_pdbx_struct_oper_list.vector[2] 
_pdbx_struct_oper_list.matrix[3][1] 
_pdbx_struct_oper_list.matrix[3][2] 
_pdbx_struct_oper_list.matrix[3][3] 
_pdbx_struct_oper_list.vector[3] 
1 'identity operation'         1_555 x,y,z       1.0000000000  0.0000000000 0.0000000000  0.0000000000   0.0000000000 1.0000000000 0.0000000000  0.0000000000  0.0000000000  0.0000000000  1.0000000000  0.0000000000  
2 'crystal symmetry operation' 2_656 -x+1,y,-z+1 -0.7465166027 0.6131204649 -0.2584497192 -11.2693258038 0.6131204649 0.4830032599 -0.6251329030 12.4644194730 -0.2584497192 -0.6251329030 -0.7364866572 18.5165752415 
# 
loop_
_pdbx_struct_special_symmetry.id 
_pdbx_struct_special_symmetry.PDB_model_num 
_pdbx_struct_special_symmetry.auth_asym_id 
_pdbx_struct_special_symmetry.auth_comp_id 
_pdbx_struct_special_symmetry.auth_seq_id 
_pdbx_struct_special_symmetry.PDB_ins_code 
_pdbx_struct_special_symmetry.label_asym_id 
_pdbx_struct_special_symmetry.label_comp_id 
_pdbx_struct_special_symmetry.label_seq_id 
1 1 A HOH 7   ? F HOH . 
2 1 A HOH 23  ? F HOH . 
3 1 A HOH 166 ? F HOH . 
# 
loop_
_pdbx_audit_revision_history.ordinal 
_pdbx_audit_revision_history.data_content_type 
_pdbx_audit_revision_history.major_revision 
_pdbx_audit_revision_history.minor_revision 
_pdbx_audit_revision_history.revision_date 
1 'Structure model' 1 0 2010-03-23 
2 'Structure model' 1 1 2011-07-13 
3 'Structure model' 1 2 2023-09-06 
# 
_pdbx_audit_revision_details.ordinal             1 
_pdbx_audit_revision_details.revision_ordinal    1 
_pdbx_audit_revision_details.data_content_type   'Structure model' 
_pdbx_audit_revision_details.provider            repository 
_pdbx_audit_revision_details.type                'Initial release' 
_pdbx_audit_revision_details.description         ? 
_pdbx_audit_revision_details.details             ? 
# 
loop_
_pdbx_audit_revision_group.ordinal 
_pdbx_audit_revision_group.revision_ordinal 
_pdbx_audit_revision_group.data_content_type 
_pdbx_audit_revision_group.group 
1 2 'Structure model' 'Version format compliance' 
2 3 'Structure model' 'Data collection'           
3 3 'Structure model' 'Database references'       
4 3 'Structure model' 'Derived calculations'      
5 3 'Structure model' 'Refinement description'    
# 
loop_
_pdbx_audit_revision_category.ordinal 
_pdbx_audit_revision_category.revision_ordinal 
_pdbx_audit_revision_category.data_content_type 
_pdbx_audit_revision_category.category 
1 3 'Structure model' chem_comp_atom                
2 3 'Structure model' chem_comp_bond                
3 3 'Structure model' database_2                    
4 3 'Structure model' pdbx_initial_refinement_model 
5 3 'Structure model' struct_ref_seq_dif            
6 3 'Structure model' struct_site                   
# 
loop_
_pdbx_audit_revision_item.ordinal 
_pdbx_audit_revision_item.revision_ordinal 
_pdbx_audit_revision_item.data_content_type 
_pdbx_audit_revision_item.item 
1 3 'Structure model' '_database_2.pdbx_DOI'                
2 3 'Structure model' '_database_2.pdbx_database_accession' 
3 3 'Structure model' '_struct_ref_seq_dif.details'         
4 3 'Structure model' '_struct_site.pdbx_auth_asym_id'      
5 3 'Structure model' '_struct_site.pdbx_auth_comp_id'      
6 3 'Structure model' '_struct_site.pdbx_auth_seq_id'       
# 
loop_
_software.name 
_software.classification 
_software.version 
_software.citation_id 
_software.pdbx_ordinal 
CrystalClear 'data collection' .                                    ? 1 
PHASER       phasing           .                                    ? 2 
PHENIX       refinement        '(phenix.refine: 2009_02_15_2320_3)' ? 3 
d*TREK       'data reduction'  .                                    ? 4 
d*TREK       'data scaling'    .                                    ? 5 
# 
loop_
_pdbx_validate_rmsd_bond.id 
_pdbx_validate_rmsd_bond.PDB_model_num 
_pdbx_validate_rmsd_bond.auth_atom_id_1 
_pdbx_validate_rmsd_bond.auth_asym_id_1 
_pdbx_validate_rmsd_bond.auth_comp_id_1 
_pdbx_validate_rmsd_bond.auth_seq_id_1 
_pdbx_validate_rmsd_bond.PDB_ins_code_1 
_pdbx_validate_rmsd_bond.label_alt_id_1 
_pdbx_validate_rmsd_bond.auth_atom_id_2 
_pdbx_validate_rmsd_bond.auth_asym_id_2 
_pdbx_validate_rmsd_bond.auth_comp_id_2 
_pdbx_validate_rmsd_bond.auth_seq_id_2 
_pdbx_validate_rmsd_bond.PDB_ins_code_2 
_pdbx_validate_rmsd_bond.label_alt_id_2 
_pdbx_validate_rmsd_bond.bond_value 
_pdbx_validate_rmsd_bond.bond_target_value 
_pdbx_validate_rmsd_bond.bond_deviation 
_pdbx_validate_rmsd_bond.bond_standard_deviation 
_pdbx_validate_rmsd_bond.linker_flag 
1 1 CB  A CYS 1525 ? ? SG  A CYS 1525 ? ? 1.698 1.812 -0.114 0.016 N 
2 1 CB  A CYS 1535 ? A SG  A CYS 1535 ? A 1.633 1.812 -0.179 0.016 N 
3 1 CE2 A TYR 1581 ? ? CD2 A TYR 1581 ? ? 1.299 1.389 -0.090 0.015 N 
# 
loop_
_pdbx_validate_rmsd_angle.id 
_pdbx_validate_rmsd_angle.PDB_model_num 
_pdbx_validate_rmsd_angle.auth_atom_id_1 
_pdbx_validate_rmsd_angle.auth_asym_id_1 
_pdbx_validate_rmsd_angle.auth_comp_id_1 
_pdbx_validate_rmsd_angle.auth_seq_id_1 
_pdbx_validate_rmsd_angle.PDB_ins_code_1 
_pdbx_validate_rmsd_angle.label_alt_id_1 
_pdbx_validate_rmsd_angle.auth_atom_id_2 
_pdbx_validate_rmsd_angle.auth_asym_id_2 
_pdbx_validate_rmsd_angle.auth_comp_id_2 
_pdbx_validate_rmsd_angle.auth_seq_id_2 
_pdbx_validate_rmsd_angle.PDB_ins_code_2 
_pdbx_validate_rmsd_angle.label_alt_id_2 
_pdbx_validate_rmsd_angle.auth_atom_id_3 
_pdbx_validate_rmsd_angle.auth_asym_id_3 
_pdbx_validate_rmsd_angle.auth_comp_id_3 
_pdbx_validate_rmsd_angle.auth_seq_id_3 
_pdbx_validate_rmsd_angle.PDB_ins_code_3 
_pdbx_validate_rmsd_angle.label_alt_id_3 
_pdbx_validate_rmsd_angle.angle_value 
_pdbx_validate_rmsd_angle.angle_target_value 
_pdbx_validate_rmsd_angle.angle_deviation 
_pdbx_validate_rmsd_angle.angle_standard_deviation 
_pdbx_validate_rmsd_angle.linker_flag 
1 1 NE A ARG 1490 ? ? CZ A ARG 1490 ? ? NH1 A ARG 1490 ? ? 123.54 120.30 3.24  0.50 N 
2 1 NE A ARG 1490 ? ? CZ A ARG 1490 ? ? NH2 A ARG 1490 ? ? 117.10 120.30 -3.20 0.50 N 
# 
_pdbx_validate_peptide_omega.id               1 
_pdbx_validate_peptide_omega.PDB_model_num    1 
_pdbx_validate_peptide_omega.auth_comp_id_1   ASN 
_pdbx_validate_peptide_omega.auth_asym_id_1   A 
_pdbx_validate_peptide_omega.auth_seq_id_1    1484 
_pdbx_validate_peptide_omega.PDB_ins_code_1   ? 
_pdbx_validate_peptide_omega.label_alt_id_1   ? 
_pdbx_validate_peptide_omega.auth_comp_id_2   SER 
_pdbx_validate_peptide_omega.auth_asym_id_2   A 
_pdbx_validate_peptide_omega.auth_seq_id_2    1485 
_pdbx_validate_peptide_omega.PDB_ins_code_2   ? 
_pdbx_validate_peptide_omega.label_alt_id_2   ? 
_pdbx_validate_peptide_omega.omega            -138.09 
# 
loop_
_pdbx_unobs_or_zero_occ_residues.id 
_pdbx_unobs_or_zero_occ_residues.PDB_model_num 
_pdbx_unobs_or_zero_occ_residues.polymer_flag 
_pdbx_unobs_or_zero_occ_residues.occupancy_flag 
_pdbx_unobs_or_zero_occ_residues.auth_asym_id 
_pdbx_unobs_or_zero_occ_residues.auth_comp_id 
_pdbx_unobs_or_zero_occ_residues.auth_seq_id 
_pdbx_unobs_or_zero_occ_residues.PDB_ins_code 
_pdbx_unobs_or_zero_occ_residues.label_asym_id 
_pdbx_unobs_or_zero_occ_residues.label_comp_id 
_pdbx_unobs_or_zero_occ_residues.label_seq_id 
1  1 Y 1 A GLY 1479 ? A GLY 1  
2  1 Y 1 A PRO 1480 ? A PRO 2  
3  1 Y 1 A LEU 1481 ? A LEU 3  
4  1 Y 1 A GLY 1482 ? A GLY 4  
5  1 Y 1 A SER 1483 ? A SER 5  
6  1 Y 1 B SER 367  ? B SER 1  
7  1 Y 1 B HIS 368  ? B HIS 2  
8  1 Y 1 B LEU 369  ? B LEU 3  
9  1 Y 1 B LYS 370  ? B LYS 4  
10 1 Y 1 B SER 371  ? B SER 5  
11 1 Y 1 B LYS 373  ? B LYS 7  
12 1 Y 1 B GLY 374  ? B GLY 8  
13 1 Y 1 B GLN 375  ? B GLN 9  
14 1 Y 1 B SER 376  ? B SER 10 
15 1 Y 1 B THR 377  ? B THR 11 
# 
loop_
_chem_comp_atom.comp_id 
_chem_comp_atom.atom_id 
_chem_comp_atom.type_symbol 
_chem_comp_atom.pdbx_aromatic_flag 
_chem_comp_atom.pdbx_stereo_config 
_chem_comp_atom.pdbx_ordinal 
ALA N    N N N 1   
ALA CA   C N S 2   
ALA C    C N N 3   
ALA O    O N N 4   
ALA CB   C N N 5   
ALA OXT  O N N 6   
ALA H    H N N 7   
ALA H2   H N N 8   
ALA HA   H N N 9   
ALA HB1  H N N 10  
ALA HB2  H N N 11  
ALA HB3  H N N 12  
ALA HXT  H N N 13  
ARG N    N N N 14  
ARG CA   C N S 15  
ARG C    C N N 16  
ARG O    O N N 17  
ARG CB   C N N 18  
ARG CG   C N N 19  
ARG CD   C N N 20  
ARG NE   N N N 21  
ARG CZ   C N N 22  
ARG NH1  N N N 23  
ARG NH2  N N N 24  
ARG OXT  O N N 25  
ARG H    H N N 26  
ARG H2   H N N 27  
ARG HA   H N N 28  
ARG HB2  H N N 29  
ARG HB3  H N N 30  
ARG HG2  H N N 31  
ARG HG3  H N N 32  
ARG HD2  H N N 33  
ARG HD3  H N N 34  
ARG HE   H N N 35  
ARG HH11 H N N 36  
ARG HH12 H N N 37  
ARG HH21 H N N 38  
ARG HH22 H N N 39  
ARG HXT  H N N 40  
ASN N    N N N 41  
ASN CA   C N S 42  
ASN C    C N N 43  
ASN O    O N N 44  
ASN CB   C N N 45  
ASN CG   C N N 46  
ASN OD1  O N N 47  
ASN ND2  N N N 48  
ASN OXT  O N N 49  
ASN H    H N N 50  
ASN H2   H N N 51  
ASN HA   H N N 52  
ASN HB2  H N N 53  
ASN HB3  H N N 54  
ASN HD21 H N N 55  
ASN HD22 H N N 56  
ASN HXT  H N N 57  
ASP N    N N N 58  
ASP CA   C N S 59  
ASP C    C N N 60  
ASP O    O N N 61  
ASP CB   C N N 62  
ASP CG   C N N 63  
ASP OD1  O N N 64  
ASP OD2  O N N 65  
ASP OXT  O N N 66  
ASP H    H N N 67  
ASP H2   H N N 68  
ASP HA   H N N 69  
ASP HB2  H N N 70  
ASP HB3  H N N 71  
ASP HD2  H N N 72  
ASP HXT  H N N 73  
CYS N    N N N 74  
CYS CA   C N R 75  
CYS C    C N N 76  
CYS O    O N N 77  
CYS CB   C N N 78  
CYS SG   S N N 79  
CYS OXT  O N N 80  
CYS H    H N N 81  
CYS H2   H N N 82  
CYS HA   H N N 83  
CYS HB2  H N N 84  
CYS HB3  H N N 85  
CYS HG   H N N 86  
CYS HXT  H N N 87  
GLN N    N N N 88  
GLN CA   C N S 89  
GLN C    C N N 90  
GLN O    O N N 91  
GLN CB   C N N 92  
GLN CG   C N N 93  
GLN CD   C N N 94  
GLN OE1  O N N 95  
GLN NE2  N N N 96  
GLN OXT  O N N 97  
GLN H    H N N 98  
GLN H2   H N N 99  
GLN HA   H N N 100 
GLN HB2  H N N 101 
GLN HB3  H N N 102 
GLN HG2  H N N 103 
GLN HG3  H N N 104 
GLN HE21 H N N 105 
GLN HE22 H N N 106 
GLN HXT  H N N 107 
GLU N    N N N 108 
GLU CA   C N S 109 
GLU C    C N N 110 
GLU O    O N N 111 
GLU CB   C N N 112 
GLU CG   C N N 113 
GLU CD   C N N 114 
GLU OE1  O N N 115 
GLU OE2  O N N 116 
GLU OXT  O N N 117 
GLU H    H N N 118 
GLU H2   H N N 119 
GLU HA   H N N 120 
GLU HB2  H N N 121 
GLU HB3  H N N 122 
GLU HG2  H N N 123 
GLU HG3  H N N 124 
GLU HE2  H N N 125 
GLU HXT  H N N 126 
GLY N    N N N 127 
GLY CA   C N N 128 
GLY C    C N N 129 
GLY O    O N N 130 
GLY OXT  O N N 131 
GLY H    H N N 132 
GLY H2   H N N 133 
GLY HA2  H N N 134 
GLY HA3  H N N 135 
GLY HXT  H N N 136 
HIS N    N N N 137 
HIS CA   C N S 138 
HIS C    C N N 139 
HIS O    O N N 140 
HIS CB   C N N 141 
HIS CG   C Y N 142 
HIS ND1  N Y N 143 
HIS CD2  C Y N 144 
HIS CE1  C Y N 145 
HIS NE2  N Y N 146 
HIS OXT  O N N 147 
HIS H    H N N 148 
HIS H2   H N N 149 
HIS HA   H N N 150 
HIS HB2  H N N 151 
HIS HB3  H N N 152 
HIS HD1  H N N 153 
HIS HD2  H N N 154 
HIS HE1  H N N 155 
HIS HE2  H N N 156 
HIS HXT  H N N 157 
HOH O    O N N 158 
HOH H1   H N N 159 
HOH H2   H N N 160 
ILE N    N N N 161 
ILE CA   C N S 162 
ILE C    C N N 163 
ILE O    O N N 164 
ILE CB   C N S 165 
ILE CG1  C N N 166 
ILE CG2  C N N 167 
ILE CD1  C N N 168 
ILE OXT  O N N 169 
ILE H    H N N 170 
ILE H2   H N N 171 
ILE HA   H N N 172 
ILE HB   H N N 173 
ILE HG12 H N N 174 
ILE HG13 H N N 175 
ILE HG21 H N N 176 
ILE HG22 H N N 177 
ILE HG23 H N N 178 
ILE HD11 H N N 179 
ILE HD12 H N N 180 
ILE HD13 H N N 181 
ILE HXT  H N N 182 
LEU N    N N N 183 
LEU CA   C N S 184 
LEU C    C N N 185 
LEU O    O N N 186 
LEU CB   C N N 187 
LEU CG   C N N 188 
LEU CD1  C N N 189 
LEU CD2  C N N 190 
LEU OXT  O N N 191 
LEU H    H N N 192 
LEU H2   H N N 193 
LEU HA   H N N 194 
LEU HB2  H N N 195 
LEU HB3  H N N 196 
LEU HG   H N N 197 
LEU HD11 H N N 198 
LEU HD12 H N N 199 
LEU HD13 H N N 200 
LEU HD21 H N N 201 
LEU HD22 H N N 202 
LEU HD23 H N N 203 
LEU HXT  H N N 204 
LYS N    N N N 205 
LYS CA   C N S 206 
LYS C    C N N 207 
LYS O    O N N 208 
LYS CB   C N N 209 
LYS CG   C N N 210 
LYS CD   C N N 211 
LYS CE   C N N 212 
LYS NZ   N N N 213 
LYS OXT  O N N 214 
LYS H    H N N 215 
LYS H2   H N N 216 
LYS HA   H N N 217 
LYS HB2  H N N 218 
LYS HB3  H N N 219 
LYS HG2  H N N 220 
LYS HG3  H N N 221 
LYS HD2  H N N 222 
LYS HD3  H N N 223 
LYS HE2  H N N 224 
LYS HE3  H N N 225 
LYS HZ1  H N N 226 
LYS HZ2  H N N 227 
LYS HZ3  H N N 228 
LYS HXT  H N N 229 
MET N    N N N 230 
MET CA   C N S 231 
MET C    C N N 232 
MET O    O N N 233 
MET CB   C N N 234 
MET CG   C N N 235 
MET SD   S N N 236 
MET CE   C N N 237 
MET OXT  O N N 238 
MET H    H N N 239 
MET H2   H N N 240 
MET HA   H N N 241 
MET HB2  H N N 242 
MET HB3  H N N 243 
MET HG2  H N N 244 
MET HG3  H N N 245 
MET HE1  H N N 246 
MET HE2  H N N 247 
MET HE3  H N N 248 
MET HXT  H N N 249 
MLY N    N N N 250 
MLY CA   C N S 251 
MLY CB   C N N 252 
MLY CG   C N N 253 
MLY CD   C N N 254 
MLY CE   C N N 255 
MLY NZ   N N N 256 
MLY CH1  C N N 257 
MLY CH2  C N N 258 
MLY C    C N N 259 
MLY O    O N N 260 
MLY OXT  O N N 261 
MLY H    H N N 262 
MLY H2   H N N 263 
MLY HA   H N N 264 
MLY HB2  H N N 265 
MLY HB3  H N N 266 
MLY HG2  H N N 267 
MLY HG3  H N N 268 
MLY HD2  H N N 269 
MLY HD3  H N N 270 
MLY HE2  H N N 271 
MLY HE3  H N N 272 
MLY HH11 H N N 273 
MLY HH12 H N N 274 
MLY HH13 H N N 275 
MLY HH21 H N N 276 
MLY HH22 H N N 277 
MLY HH23 H N N 278 
MLY HXT  H N N 279 
PGE C1   C N N 280 
PGE O1   O N N 281 
PGE C2   C N N 282 
PGE O2   O N N 283 
PGE C3   C N N 284 
PGE C4   C N N 285 
PGE O4   O N N 286 
PGE C6   C N N 287 
PGE C5   C N N 288 
PGE O3   O N N 289 
PGE H1   H N N 290 
PGE H12  H N N 291 
PGE HO1  H N N 292 
PGE H2   H N N 293 
PGE H22  H N N 294 
PGE H3   H N N 295 
PGE H32  H N N 296 
PGE H4   H N N 297 
PGE H42  H N N 298 
PGE HO4  H N N 299 
PGE H6   H N N 300 
PGE H62  H N N 301 
PGE H5   H N N 302 
PGE H52  H N N 303 
PHE N    N N N 304 
PHE CA   C N S 305 
PHE C    C N N 306 
PHE O    O N N 307 
PHE CB   C N N 308 
PHE CG   C Y N 309 
PHE CD1  C Y N 310 
PHE CD2  C Y N 311 
PHE CE1  C Y N 312 
PHE CE2  C Y N 313 
PHE CZ   C Y N 314 
PHE OXT  O N N 315 
PHE H    H N N 316 
PHE H2   H N N 317 
PHE HA   H N N 318 
PHE HB2  H N N 319 
PHE HB3  H N N 320 
PHE HD1  H N N 321 
PHE HD2  H N N 322 
PHE HE1  H N N 323 
PHE HE2  H N N 324 
PHE HZ   H N N 325 
PHE HXT  H N N 326 
PRO N    N N N 327 
PRO CA   C N S 328 
PRO C    C N N 329 
PRO O    O N N 330 
PRO CB   C N N 331 
PRO CG   C N N 332 
PRO CD   C N N 333 
PRO OXT  O N N 334 
PRO H    H N N 335 
PRO HA   H N N 336 
PRO HB2  H N N 337 
PRO HB3  H N N 338 
PRO HG2  H N N 339 
PRO HG3  H N N 340 
PRO HD2  H N N 341 
PRO HD3  H N N 342 
PRO HXT  H N N 343 
SER N    N N N 344 
SER CA   C N S 345 
SER C    C N N 346 
SER O    O N N 347 
SER CB   C N N 348 
SER OG   O N N 349 
SER OXT  O N N 350 
SER H    H N N 351 
SER H2   H N N 352 
SER HA   H N N 353 
SER HB2  H N N 354 
SER HB3  H N N 355 
SER HG   H N N 356 
SER HXT  H N N 357 
SO4 S    S N N 358 
SO4 O1   O N N 359 
SO4 O2   O N N 360 
SO4 O3   O N N 361 
SO4 O4   O N N 362 
THR N    N N N 363 
THR CA   C N S 364 
THR C    C N N 365 
THR O    O N N 366 
THR CB   C N R 367 
THR OG1  O N N 368 
THR CG2  C N N 369 
THR OXT  O N N 370 
THR H    H N N 371 
THR H2   H N N 372 
THR HA   H N N 373 
THR HB   H N N 374 
THR HG1  H N N 375 
THR HG21 H N N 376 
THR HG22 H N N 377 
THR HG23 H N N 378 
THR HXT  H N N 379 
TRP N    N N N 380 
TRP CA   C N S 381 
TRP C    C N N 382 
TRP O    O N N 383 
TRP CB   C N N 384 
TRP CG   C Y N 385 
TRP CD1  C Y N 386 
TRP CD2  C Y N 387 
TRP NE1  N Y N 388 
TRP CE2  C Y N 389 
TRP CE3  C Y N 390 
TRP CZ2  C Y N 391 
TRP CZ3  C Y N 392 
TRP CH2  C Y N 393 
TRP OXT  O N N 394 
TRP H    H N N 395 
TRP H2   H N N 396 
TRP HA   H N N 397 
TRP HB2  H N N 398 
TRP HB3  H N N 399 
TRP HD1  H N N 400 
TRP HE1  H N N 401 
TRP HE3  H N N 402 
TRP HZ2  H N N 403 
TRP HZ3  H N N 404 
TRP HH2  H N N 405 
TRP HXT  H N N 406 
TYR N    N N N 407 
TYR CA   C N S 408 
TYR C    C N N 409 
TYR O    O N N 410 
TYR CB   C N N 411 
TYR CG   C Y N 412 
TYR CD1  C Y N 413 
TYR CD2  C Y N 414 
TYR CE1  C Y N 415 
TYR CE2  C Y N 416 
TYR CZ   C Y N 417 
TYR OH   O N N 418 
TYR OXT  O N N 419 
TYR H    H N N 420 
TYR H2   H N N 421 
TYR HA   H N N 422 
TYR HB2  H N N 423 
TYR HB3  H N N 424 
TYR HD1  H N N 425 
TYR HD2  H N N 426 
TYR HE1  H N N 427 
TYR HE2  H N N 428 
TYR HH   H N N 429 
TYR HXT  H N N 430 
VAL N    N N N 431 
VAL CA   C N S 432 
VAL C    C N N 433 
VAL O    O N N 434 
VAL CB   C N N 435 
VAL CG1  C N N 436 
VAL CG2  C N N 437 
VAL OXT  O N N 438 
VAL H    H N N 439 
VAL H2   H N N 440 
VAL HA   H N N 441 
VAL HB   H N N 442 
VAL HG11 H N N 443 
VAL HG12 H N N 444 
VAL HG13 H N N 445 
VAL HG21 H N N 446 
VAL HG22 H N N 447 
VAL HG23 H N N 448 
VAL HXT  H N N 449 
# 
loop_
_chem_comp_bond.comp_id 
_chem_comp_bond.atom_id_1 
_chem_comp_bond.atom_id_2 
_chem_comp_bond.value_order 
_chem_comp_bond.pdbx_aromatic_flag 
_chem_comp_bond.pdbx_stereo_config 
_chem_comp_bond.pdbx_ordinal 
ALA N   CA   sing N N 1   
ALA N   H    sing N N 2   
ALA N   H2   sing N N 3   
ALA CA  C    sing N N 4   
ALA CA  CB   sing N N 5   
ALA CA  HA   sing N N 6   
ALA C   O    doub N N 7   
ALA C   OXT  sing N N 8   
ALA CB  HB1  sing N N 9   
ALA CB  HB2  sing N N 10  
ALA CB  HB3  sing N N 11  
ALA OXT HXT  sing N N 12  
ARG N   CA   sing N N 13  
ARG N   H    sing N N 14  
ARG N   H2   sing N N 15  
ARG CA  C    sing N N 16  
ARG CA  CB   sing N N 17  
ARG CA  HA   sing N N 18  
ARG C   O    doub N N 19  
ARG C   OXT  sing N N 20  
ARG CB  CG   sing N N 21  
ARG CB  HB2  sing N N 22  
ARG CB  HB3  sing N N 23  
ARG CG  CD   sing N N 24  
ARG CG  HG2  sing N N 25  
ARG CG  HG3  sing N N 26  
ARG CD  NE   sing N N 27  
ARG CD  HD2  sing N N 28  
ARG CD  HD3  sing N N 29  
ARG NE  CZ   sing N N 30  
ARG NE  HE   sing N N 31  
ARG CZ  NH1  sing N N 32  
ARG CZ  NH2  doub N N 33  
ARG NH1 HH11 sing N N 34  
ARG NH1 HH12 sing N N 35  
ARG NH2 HH21 sing N N 36  
ARG NH2 HH22 sing N N 37  
ARG OXT HXT  sing N N 38  
ASN N   CA   sing N N 39  
ASN N   H    sing N N 40  
ASN N   H2   sing N N 41  
ASN CA  C    sing N N 42  
ASN CA  CB   sing N N 43  
ASN CA  HA   sing N N 44  
ASN C   O    doub N N 45  
ASN C   OXT  sing N N 46  
ASN CB  CG   sing N N 47  
ASN CB  HB2  sing N N 48  
ASN CB  HB3  sing N N 49  
ASN CG  OD1  doub N N 50  
ASN CG  ND2  sing N N 51  
ASN ND2 HD21 sing N N 52  
ASN ND2 HD22 sing N N 53  
ASN OXT HXT  sing N N 54  
ASP N   CA   sing N N 55  
ASP N   H    sing N N 56  
ASP N   H2   sing N N 57  
ASP CA  C    sing N N 58  
ASP CA  CB   sing N N 59  
ASP CA  HA   sing N N 60  
ASP C   O    doub N N 61  
ASP C   OXT  sing N N 62  
ASP CB  CG   sing N N 63  
ASP CB  HB2  sing N N 64  
ASP CB  HB3  sing N N 65  
ASP CG  OD1  doub N N 66  
ASP CG  OD2  sing N N 67  
ASP OD2 HD2  sing N N 68  
ASP OXT HXT  sing N N 69  
CYS N   CA   sing N N 70  
CYS N   H    sing N N 71  
CYS N   H2   sing N N 72  
CYS CA  C    sing N N 73  
CYS CA  CB   sing N N 74  
CYS CA  HA   sing N N 75  
CYS C   O    doub N N 76  
CYS C   OXT  sing N N 77  
CYS CB  SG   sing N N 78  
CYS CB  HB2  sing N N 79  
CYS CB  HB3  sing N N 80  
CYS SG  HG   sing N N 81  
CYS OXT HXT  sing N N 82  
GLN N   CA   sing N N 83  
GLN N   H    sing N N 84  
GLN N   H2   sing N N 85  
GLN CA  C    sing N N 86  
GLN CA  CB   sing N N 87  
GLN CA  HA   sing N N 88  
GLN C   O    doub N N 89  
GLN C   OXT  sing N N 90  
GLN CB  CG   sing N N 91  
GLN CB  HB2  sing N N 92  
GLN CB  HB3  sing N N 93  
GLN CG  CD   sing N N 94  
GLN CG  HG2  sing N N 95  
GLN CG  HG3  sing N N 96  
GLN CD  OE1  doub N N 97  
GLN CD  NE2  sing N N 98  
GLN NE2 HE21 sing N N 99  
GLN NE2 HE22 sing N N 100 
GLN OXT HXT  sing N N 101 
GLU N   CA   sing N N 102 
GLU N   H    sing N N 103 
GLU N   H2   sing N N 104 
GLU CA  C    sing N N 105 
GLU CA  CB   sing N N 106 
GLU CA  HA   sing N N 107 
GLU C   O    doub N N 108 
GLU C   OXT  sing N N 109 
GLU CB  CG   sing N N 110 
GLU CB  HB2  sing N N 111 
GLU CB  HB3  sing N N 112 
GLU CG  CD   sing N N 113 
GLU CG  HG2  sing N N 114 
GLU CG  HG3  sing N N 115 
GLU CD  OE1  doub N N 116 
GLU CD  OE2  sing N N 117 
GLU OE2 HE2  sing N N 118 
GLU OXT HXT  sing N N 119 
GLY N   CA   sing N N 120 
GLY N   H    sing N N 121 
GLY N   H2   sing N N 122 
GLY CA  C    sing N N 123 
GLY CA  HA2  sing N N 124 
GLY CA  HA3  sing N N 125 
GLY C   O    doub N N 126 
GLY C   OXT  sing N N 127 
GLY OXT HXT  sing N N 128 
HIS N   CA   sing N N 129 
HIS N   H    sing N N 130 
HIS N   H2   sing N N 131 
HIS CA  C    sing N N 132 
HIS CA  CB   sing N N 133 
HIS CA  HA   sing N N 134 
HIS C   O    doub N N 135 
HIS C   OXT  sing N N 136 
HIS CB  CG   sing N N 137 
HIS CB  HB2  sing N N 138 
HIS CB  HB3  sing N N 139 
HIS CG  ND1  sing Y N 140 
HIS CG  CD2  doub Y N 141 
HIS ND1 CE1  doub Y N 142 
HIS ND1 HD1  sing N N 143 
HIS CD2 NE2  sing Y N 144 
HIS CD2 HD2  sing N N 145 
HIS CE1 NE2  sing Y N 146 
HIS CE1 HE1  sing N N 147 
HIS NE2 HE2  sing N N 148 
HIS OXT HXT  sing N N 149 
HOH O   H1   sing N N 150 
HOH O   H2   sing N N 151 
ILE N   CA   sing N N 152 
ILE N   H    sing N N 153 
ILE N   H2   sing N N 154 
ILE CA  C    sing N N 155 
ILE CA  CB   sing N N 156 
ILE CA  HA   sing N N 157 
ILE C   O    doub N N 158 
ILE C   OXT  sing N N 159 
ILE CB  CG1  sing N N 160 
ILE CB  CG2  sing N N 161 
ILE CB  HB   sing N N 162 
ILE CG1 CD1  sing N N 163 
ILE CG1 HG12 sing N N 164 
ILE CG1 HG13 sing N N 165 
ILE CG2 HG21 sing N N 166 
ILE CG2 HG22 sing N N 167 
ILE CG2 HG23 sing N N 168 
ILE CD1 HD11 sing N N 169 
ILE CD1 HD12 sing N N 170 
ILE CD1 HD13 sing N N 171 
ILE OXT HXT  sing N N 172 
LEU N   CA   sing N N 173 
LEU N   H    sing N N 174 
LEU N   H2   sing N N 175 
LEU CA  C    sing N N 176 
LEU CA  CB   sing N N 177 
LEU CA  HA   sing N N 178 
LEU C   O    doub N N 179 
LEU C   OXT  sing N N 180 
LEU CB  CG   sing N N 181 
LEU CB  HB2  sing N N 182 
LEU CB  HB3  sing N N 183 
LEU CG  CD1  sing N N 184 
LEU CG  CD2  sing N N 185 
LEU CG  HG   sing N N 186 
LEU CD1 HD11 sing N N 187 
LEU CD1 HD12 sing N N 188 
LEU CD1 HD13 sing N N 189 
LEU CD2 HD21 sing N N 190 
LEU CD2 HD22 sing N N 191 
LEU CD2 HD23 sing N N 192 
LEU OXT HXT  sing N N 193 
LYS N   CA   sing N N 194 
LYS N   H    sing N N 195 
LYS N   H2   sing N N 196 
LYS CA  C    sing N N 197 
LYS CA  CB   sing N N 198 
LYS CA  HA   sing N N 199 
LYS C   O    doub N N 200 
LYS C   OXT  sing N N 201 
LYS CB  CG   sing N N 202 
LYS CB  HB2  sing N N 203 
LYS CB  HB3  sing N N 204 
LYS CG  CD   sing N N 205 
LYS CG  HG2  sing N N 206 
LYS CG  HG3  sing N N 207 
LYS CD  CE   sing N N 208 
LYS CD  HD2  sing N N 209 
LYS CD  HD3  sing N N 210 
LYS CE  NZ   sing N N 211 
LYS CE  HE2  sing N N 212 
LYS CE  HE3  sing N N 213 
LYS NZ  HZ1  sing N N 214 
LYS NZ  HZ2  sing N N 215 
LYS NZ  HZ3  sing N N 216 
LYS OXT HXT  sing N N 217 
MET N   CA   sing N N 218 
MET N   H    sing N N 219 
MET N   H2   sing N N 220 
MET CA  C    sing N N 221 
MET CA  CB   sing N N 222 
MET CA  HA   sing N N 223 
MET C   O    doub N N 224 
MET C   OXT  sing N N 225 
MET CB  CG   sing N N 226 
MET CB  HB2  sing N N 227 
MET CB  HB3  sing N N 228 
MET CG  SD   sing N N 229 
MET CG  HG2  sing N N 230 
MET CG  HG3  sing N N 231 
MET SD  CE   sing N N 232 
MET CE  HE1  sing N N 233 
MET CE  HE2  sing N N 234 
MET CE  HE3  sing N N 235 
MET OXT HXT  sing N N 236 
MLY N   CA   sing N N 237 
MLY N   H    sing N N 238 
MLY N   H2   sing N N 239 
MLY CA  CB   sing N N 240 
MLY CA  C    sing N N 241 
MLY CA  HA   sing N N 242 
MLY CB  CG   sing N N 243 
MLY CB  HB2  sing N N 244 
MLY CB  HB3  sing N N 245 
MLY CG  CD   sing N N 246 
MLY CG  HG2  sing N N 247 
MLY CG  HG3  sing N N 248 
MLY CD  CE   sing N N 249 
MLY CD  HD2  sing N N 250 
MLY CD  HD3  sing N N 251 
MLY CE  NZ   sing N N 252 
MLY CE  HE2  sing N N 253 
MLY CE  HE3  sing N N 254 
MLY NZ  CH1  sing N N 255 
MLY NZ  CH2  sing N N 256 
MLY CH1 HH11 sing N N 257 
MLY CH1 HH12 sing N N 258 
MLY CH1 HH13 sing N N 259 
MLY CH2 HH21 sing N N 260 
MLY CH2 HH22 sing N N 261 
MLY CH2 HH23 sing N N 262 
MLY C   O    doub N N 263 
MLY C   OXT  sing N N 264 
MLY OXT HXT  sing N N 265 
PGE C1  O1   sing N N 266 
PGE C1  C2   sing N N 267 
PGE C1  H1   sing N N 268 
PGE C1  H12  sing N N 269 
PGE O1  HO1  sing N N 270 
PGE C2  O2   sing N N 271 
PGE C2  H2   sing N N 272 
PGE C2  H22  sing N N 273 
PGE O2  C3   sing N N 274 
PGE C3  C4   sing N N 275 
PGE C3  H3   sing N N 276 
PGE C3  H32  sing N N 277 
PGE C4  O3   sing N N 278 
PGE C4  H4   sing N N 279 
PGE C4  H42  sing N N 280 
PGE O4  C6   sing N N 281 
PGE O4  HO4  sing N N 282 
PGE C6  C5   sing N N 283 
PGE C6  H6   sing N N 284 
PGE C6  H62  sing N N 285 
PGE C5  O3   sing N N 286 
PGE C5  H5   sing N N 287 
PGE C5  H52  sing N N 288 
PHE N   CA   sing N N 289 
PHE N   H    sing N N 290 
PHE N   H2   sing N N 291 
PHE CA  C    sing N N 292 
PHE CA  CB   sing N N 293 
PHE CA  HA   sing N N 294 
PHE C   O    doub N N 295 
PHE C   OXT  sing N N 296 
PHE CB  CG   sing N N 297 
PHE CB  HB2  sing N N 298 
PHE CB  HB3  sing N N 299 
PHE CG  CD1  doub Y N 300 
PHE CG  CD2  sing Y N 301 
PHE CD1 CE1  sing Y N 302 
PHE CD1 HD1  sing N N 303 
PHE CD2 CE2  doub Y N 304 
PHE CD2 HD2  sing N N 305 
PHE CE1 CZ   doub Y N 306 
PHE CE1 HE1  sing N N 307 
PHE CE2 CZ   sing Y N 308 
PHE CE2 HE2  sing N N 309 
PHE CZ  HZ   sing N N 310 
PHE OXT HXT  sing N N 311 
PRO N   CA   sing N N 312 
PRO N   CD   sing N N 313 
PRO N   H    sing N N 314 
PRO CA  C    sing N N 315 
PRO CA  CB   sing N N 316 
PRO CA  HA   sing N N 317 
PRO C   O    doub N N 318 
PRO C   OXT  sing N N 319 
PRO CB  CG   sing N N 320 
PRO CB  HB2  sing N N 321 
PRO CB  HB3  sing N N 322 
PRO CG  CD   sing N N 323 
PRO CG  HG2  sing N N 324 
PRO CG  HG3  sing N N 325 
PRO CD  HD2  sing N N 326 
PRO CD  HD3  sing N N 327 
PRO OXT HXT  sing N N 328 
SER N   CA   sing N N 329 
SER N   H    sing N N 330 
SER N   H2   sing N N 331 
SER CA  C    sing N N 332 
SER CA  CB   sing N N 333 
SER CA  HA   sing N N 334 
SER C   O    doub N N 335 
SER C   OXT  sing N N 336 
SER CB  OG   sing N N 337 
SER CB  HB2  sing N N 338 
SER CB  HB3  sing N N 339 
SER OG  HG   sing N N 340 
SER OXT HXT  sing N N 341 
SO4 S   O1   doub N N 342 
SO4 S   O2   doub N N 343 
SO4 S   O3   sing N N 344 
SO4 S   O4   sing N N 345 
THR N   CA   sing N N 346 
THR N   H    sing N N 347 
THR N   H2   sing N N 348 
THR CA  C    sing N N 349 
THR CA  CB   sing N N 350 
THR CA  HA   sing N N 351 
THR C   O    doub N N 352 
THR C   OXT  sing N N 353 
THR CB  OG1  sing N N 354 
THR CB  CG2  sing N N 355 
THR CB  HB   sing N N 356 
THR OG1 HG1  sing N N 357 
THR CG2 HG21 sing N N 358 
THR CG2 HG22 sing N N 359 
THR CG2 HG23 sing N N 360 
THR OXT HXT  sing N N 361 
TRP N   CA   sing N N 362 
TRP N   H    sing N N 363 
TRP N   H2   sing N N 364 
TRP CA  C    sing N N 365 
TRP CA  CB   sing N N 366 
TRP CA  HA   sing N N 367 
TRP C   O    doub N N 368 
TRP C   OXT  sing N N 369 
TRP CB  CG   sing N N 370 
TRP CB  HB2  sing N N 371 
TRP CB  HB3  sing N N 372 
TRP CG  CD1  doub Y N 373 
TRP CG  CD2  sing Y N 374 
TRP CD1 NE1  sing Y N 375 
TRP CD1 HD1  sing N N 376 
TRP CD2 CE2  doub Y N 377 
TRP CD2 CE3  sing Y N 378 
TRP NE1 CE2  sing Y N 379 
TRP NE1 HE1  sing N N 380 
TRP CE2 CZ2  sing Y N 381 
TRP CE3 CZ3  doub Y N 382 
TRP CE3 HE3  sing N N 383 
TRP CZ2 CH2  doub Y N 384 
TRP CZ2 HZ2  sing N N 385 
TRP CZ3 CH2  sing Y N 386 
TRP CZ3 HZ3  sing N N 387 
TRP CH2 HH2  sing N N 388 
TRP OXT HXT  sing N N 389 
TYR N   CA   sing N N 390 
TYR N   H    sing N N 391 
TYR N   H2   sing N N 392 
TYR CA  C    sing N N 393 
TYR CA  CB   sing N N 394 
TYR CA  HA   sing N N 395 
TYR C   O    doub N N 396 
TYR C   OXT  sing N N 397 
TYR CB  CG   sing N N 398 
TYR CB  HB2  sing N N 399 
TYR CB  HB3  sing N N 400 
TYR CG  CD1  doub Y N 401 
TYR CG  CD2  sing Y N 402 
TYR CD1 CE1  sing Y N 403 
TYR CD1 HD1  sing N N 404 
TYR CD2 CE2  doub Y N 405 
TYR CD2 HD2  sing N N 406 
TYR CE1 CZ   doub Y N 407 
TYR CE1 HE1  sing N N 408 
TYR CE2 CZ   sing Y N 409 
TYR CE2 HE2  sing N N 410 
TYR CZ  OH   sing N N 411 
TYR OH  HH   sing N N 412 
TYR OXT HXT  sing N N 413 
VAL N   CA   sing N N 414 
VAL N   H    sing N N 415 
VAL N   H2   sing N N 416 
VAL CA  C    sing N N 417 
VAL CA  CB   sing N N 418 
VAL CA  HA   sing N N 419 
VAL C   O    doub N N 420 
VAL C   OXT  sing N N 421 
VAL CB  CG1  sing N N 422 
VAL CB  CG2  sing N N 423 
VAL CB  HB   sing N N 424 
VAL CG1 HG11 sing N N 425 
VAL CG1 HG12 sing N N 426 
VAL CG1 HG13 sing N N 427 
VAL CG2 HG21 sing N N 428 
VAL CG2 HG22 sing N N 429 
VAL CG2 HG23 sing N N 430 
VAL OXT HXT  sing N N 431 
# 
loop_
_pdbx_entity_nonpoly.entity_id 
_pdbx_entity_nonpoly.name 
_pdbx_entity_nonpoly.comp_id 
3 'TRIETHYLENE GLYCOL' PGE 
4 'SULFATE ION'        SO4 
5 water                HOH 
# 
_pdbx_initial_refinement_model.id               1 
_pdbx_initial_refinement_model.entity_id_list   ? 
_pdbx_initial_refinement_model.type             'experimental model' 
_pdbx_initial_refinement_model.source_name      PDB 
_pdbx_initial_refinement_model.accession_code   2G3R 
_pdbx_initial_refinement_model.details          'PDB entry 2G3R' 
# 
